data_7K9T
#
_entry.id   7K9T
#
_cell.length_a   102.870
_cell.length_b   102.870
_cell.length_c   240.653
_cell.angle_alpha   90.000
_cell.angle_beta   90.000
_cell.angle_gamma   120.000
#
_symmetry.space_group_name_H-M   'P 32'
#
loop_
_entity.id
_entity.type
_entity.pdbx_description
1 polymer 'Alpha glucosidase 2 alpha neutral subunit'
2 polymer 'Glucosidase 2 subunit beta'
3 non-polymer (1S,2S,3R,4S,5S)-1-(hydroxymethyl)-5-{[(5Z)-6-{[2-nitro-4-(2H-1,2,3-triazol-2-yl)phenyl]amino}hex-5-en-1-yl]amino}cyclohexane-1,2,3,4-tetrol
4 non-polymer 'TRIETHYLENE GLYCOL'
5 non-polymer DI(HYDROXYETHYL)ETHER
6 non-polymer 1,2-ETHANEDIOL
7 non-polymer 'SULFATE ION'
8 non-polymer 'CALCIUM ION'
9 non-polymer 'TETRAETHYLENE GLYCOL'
10 non-polymer 'HEXAETHYLENE GLYCOL'
11 water water
#
loop_
_entity_poly.entity_id
_entity_poly.type
_entity_poly.pdbx_seq_one_letter_code
_entity_poly.pdbx_strand_id
1 'polypeptide(L)'
;MGILPSPGMPALLSLVSLLSVLLMGCVAETGVDRSNFKTCDESSFCKRQRSIRPGLSPYRALLDTLQLGPDALTVHLIHE
VTKVLLVLELQGLQKDMTRIRIDELEPRRPRYRVPDVLVADPPTARLSVSGRDDNSVELTVAEGPYKIILTAQPFRLDLL
EDRSLLLSVNARGLMAFEHQRAPRVPFSDKVSLALGSVWDKIKNLFSRQESKDPAEGNGAQPEATPGDGDKPEETQEKAE
KDEPGAWEETFKTHSDSKPYGPTSVGLDFSLPGMEHVYGIPEHADSLRLKVTEGGEPYRLYNLDVFQYELNNPMALYGSV
PVLLAHSFHRDLGIFWLNAAETWVDISSNTAGKTLFGKMLDYLQGSGETPQTDIRWMSESGIIDVFLMLGPSVFDVFRQY
ASLTGTQALPPLFSLGYHQSRWNYRDEADVLEVDQGFDDHNMPCDVIWLDIEHADGKRYFTWDPTRFPQPLNMLEHLASK
RRKLVAIVDPHIKVDSGYRVHEELRNHGLYVKTRDGSDYEGWCWPGSASYPDFTNPRMRAWWSNMFSFDNYEGSAPNLYV
WNDMNEPSVFNGPEVTMLKDAVHYGGWEHRDIHNIYGLYVHMATADGLIQRSGGIERPFVLSRAFFSGSQRFGAVWTGDN
TAEWDHLKISIPMCLSLALVGLSFCGADVGGFFKNPEPELLVRWYQMGAYQPFFRAHAHLDTGRREPWLLASQYQDAIRD
ALFQRYSLLPFWYTLFYQAHKEGFPVMRPLWVQYPEDMSTFSIEDQFMLGDALLIHPVSDAGAHGVQVYLPGQEEVWYDI
QSYQKHHGPQTLYLPVTLSSIPVFQRGGTIVPRWMRVRRSSDCMKDDPITLFVALSPQGTAQGELFLDDGHTFNYQTRHE
FLLRRFSFSGSTLVSSSADPKGHLETPIWIERVVIMGAGKPAAVVLQTKGSPESRLSFQHDPETSVLILRKPGVSVASDW
SIHLRSAWSHPQFEKLE
;
A,C
2 'polypeptide(L)'
;MGILPSPGMPALLSLVSLLSVLLMGCVAETGVEVKRPRGVSLSNHHFYEESKPFTCLDGTATIPFDQVNDDYCDCKDGSD
EPGTAACPNGSFHCTNTGYKPLYILSSRVNDGVCDCCDGTDEYNSGTVCENTCREKGRKEKESLQQLAEVTREGFRLKKI
LIEEWKTAREEKQSKLLELQAGKKSLEDQVETLRAAKEEAERPEKEAKDQHRKLWEEQQAAAKARREQERAASAFQELDD
NMDGMVSLAELQTHPELDTDGDGALSEEEAQALLSGDTQTDTTSFYDRVWAAIRDKYRSEVPPTDIPVPEETEPKEEKPP
VLPPTEEEEEEEEEPEEEEEEEEEEEEAPPPLQPPQPPSPTEDEKMPPYDEETQAIIDAAQEARSKFEEVERSLKEMEES
IRSLEQEISFDFGPSGEFAYLYSQCYELTTNEYVYRLCPFKLVSQKPKHGGSPTSLGTWGSWAGPDHDKFSAMKYEQGTG
CWQGPNRSTTVRLLCGKETVVTSTTEPSRCEYLMELMTPAACPEPPPEAPSDGDSAWLETKHHHHHH
;
B,D
#
# COMPACT_ATOMS: atom_id res chain seq x y z
N ASP A 33 0.73 7.18 28.16
CA ASP A 33 2.00 7.33 27.46
C ASP A 33 3.11 6.55 28.16
N ARG A 34 3.77 7.20 29.11
CA ARG A 34 4.92 6.64 29.80
C ARG A 34 4.55 5.80 31.02
N SER A 35 3.30 5.84 31.47
CA SER A 35 2.87 4.94 32.54
C SER A 35 2.98 3.50 32.09
N ASN A 36 3.13 3.28 30.79
CA ASN A 36 3.37 1.95 30.22
C ASN A 36 4.69 1.36 30.68
N PHE A 37 5.65 2.17 31.09
CA PHE A 37 7.01 1.72 31.39
C PHE A 37 7.37 2.02 32.85
N LYS A 38 8.03 1.05 33.49
CA LYS A 38 8.36 1.17 34.90
C LYS A 38 9.39 2.25 35.15
N THR A 39 9.14 3.11 36.14
CA THR A 39 10.21 3.85 36.76
C THR A 39 10.96 2.95 37.73
N CYS A 40 12.07 3.44 38.28
CA CYS A 40 12.84 2.62 39.21
C CYS A 40 12.01 2.27 40.44
N ASP A 41 11.17 3.20 40.90
CA ASP A 41 10.33 2.93 42.05
C ASP A 41 9.31 1.83 41.75
N GLU A 42 8.89 1.69 40.50
CA GLU A 42 7.95 0.65 40.11
C GLU A 42 8.64 -0.67 39.79
N SER A 43 9.96 -0.69 39.68
CA SER A 43 10.73 -1.92 39.52
C SER A 43 11.18 -2.37 40.91
N SER A 44 10.62 -3.49 41.40
CA SER A 44 10.77 -3.82 42.80
C SER A 44 12.23 -4.05 43.17
N PHE A 45 13.02 -4.67 42.28
CA PHE A 45 14.43 -4.86 42.61
C PHE A 45 15.19 -3.53 42.58
N CYS A 46 14.84 -2.62 41.67
CA CYS A 46 15.49 -1.31 41.65
C CYS A 46 15.11 -0.51 42.89
N LYS A 47 13.85 -0.59 43.33
CA LYS A 47 13.45 0.12 44.54
C LYS A 47 14.23 -0.38 45.75
N ARG A 48 14.35 -1.70 45.88
CA ARG A 48 15.10 -2.28 46.99
C ARG A 48 16.56 -1.84 46.96
N GLN A 49 17.23 -2.07 45.82
CA GLN A 49 18.64 -1.69 45.67
C GLN A 49 18.86 -0.20 45.91
N ARG A 50 18.07 0.64 45.23
CA ARG A 50 18.31 2.07 45.31
C ARG A 50 18.01 2.63 46.69
N SER A 51 17.26 1.91 47.53
CA SER A 51 17.04 2.37 48.89
C SER A 51 18.27 2.18 49.75
N ILE A 52 19.19 1.30 49.36
CA ILE A 52 20.48 1.21 50.05
C ILE A 52 21.28 2.46 49.70
N ARG A 53 21.58 3.26 50.70
CA ARG A 53 22.27 4.52 50.50
C ARG A 53 23.71 4.43 50.98
N PRO A 54 24.59 5.35 50.55
CA PRO A 54 26.01 5.22 50.88
C PRO A 54 26.27 5.15 52.38
N GLY A 55 27.01 4.14 52.78
CA GLY A 55 27.30 3.96 54.19
C GLY A 55 28.27 2.81 54.41
N LEU A 56 28.29 2.32 55.64
CA LEU A 56 29.21 1.26 56.02
C LEU A 56 28.72 -0.06 55.45
N SER A 57 29.52 -0.68 54.60
CA SER A 57 29.11 -1.92 53.97
C SER A 57 29.10 -3.05 54.99
N PRO A 58 28.08 -3.90 54.99
CA PRO A 58 28.07 -5.07 55.88
C PRO A 58 28.90 -6.23 55.37
N TYR A 59 29.48 -6.14 54.18
CA TYR A 59 30.29 -7.22 53.64
C TYR A 59 31.73 -7.10 54.10
N ARG A 60 32.36 -8.23 54.37
CA ARG A 60 33.76 -8.27 54.73
C ARG A 60 34.41 -9.52 54.15
N ALA A 61 35.68 -9.38 53.78
CA ALA A 61 36.45 -10.47 53.19
C ALA A 61 37.13 -11.29 54.29
N LEU A 62 37.03 -12.61 54.17
CA LEU A 62 37.64 -13.54 55.13
C LEU A 62 39.02 -13.94 54.62
N LEU A 63 40.05 -13.23 55.08
CA LEU A 63 41.40 -13.41 54.57
C LEU A 63 41.98 -14.79 54.87
N ASP A 64 41.39 -15.56 55.79
CA ASP A 64 41.83 -16.94 56.00
C ASP A 64 41.45 -17.86 54.84
N THR A 65 40.45 -17.48 54.05
CA THR A 65 39.98 -18.28 52.93
C THR A 65 40.68 -17.91 51.62
N LEU A 66 41.57 -16.93 51.66
CA LEU A 66 42.21 -16.41 50.46
C LEU A 66 43.07 -17.49 49.81
N GLN A 67 42.91 -17.65 48.49
CA GLN A 67 43.72 -18.59 47.73
C GLN A 67 44.20 -17.94 46.44
N LEU A 68 45.49 -18.05 46.17
CA LEU A 68 46.08 -17.52 44.95
C LEU A 68 46.17 -18.70 43.98
N GLY A 69 45.36 -18.64 42.93
CA GLY A 69 45.31 -19.70 41.96
C GLY A 69 46.13 -19.38 40.74
N PRO A 70 46.13 -20.30 39.77
CA PRO A 70 46.91 -20.04 38.54
C PRO A 70 46.37 -18.88 37.72
N ASP A 71 45.05 -18.67 37.71
CA ASP A 71 44.45 -17.60 36.93
C ASP A 71 43.82 -16.49 37.77
N ALA A 72 43.60 -16.72 39.06
CA ALA A 72 42.76 -15.82 39.84
C ALA A 72 43.06 -15.91 41.32
N LEU A 73 42.72 -14.85 42.04
CA LEU A 73 42.63 -14.87 43.48
C LEU A 73 41.17 -15.08 43.88
N THR A 74 40.92 -16.06 44.73
CA THR A 74 39.60 -16.28 45.30
C THR A 74 39.66 -16.05 46.80
N VAL A 75 38.62 -15.41 47.32
CA VAL A 75 38.48 -15.15 48.75
C VAL A 75 37.00 -15.12 49.07
N HIS A 76 36.64 -15.63 50.25
CA HIS A 76 35.24 -15.64 50.65
C HIS A 76 34.84 -14.28 51.20
N LEU A 77 33.61 -13.88 50.89
CA LEU A 77 32.98 -12.72 51.47
C LEU A 77 31.80 -13.18 52.31
N ILE A 78 31.43 -12.37 53.30
CA ILE A 78 30.32 -12.69 54.17
C ILE A 78 29.54 -11.43 54.48
N HIS A 79 28.22 -11.54 54.49
CA HIS A 79 27.37 -10.48 55.02
C HIS A 79 27.38 -10.59 56.54
N GLU A 80 27.70 -9.49 57.22
CA GLU A 80 27.91 -9.55 58.66
C GLU A 80 26.62 -9.91 59.41
N VAL A 81 25.47 -9.51 58.86
CA VAL A 81 24.20 -9.74 59.54
C VAL A 81 23.55 -11.05 59.10
N THR A 82 23.43 -11.27 57.80
CA THR A 82 22.77 -12.48 57.29
C THR A 82 23.67 -13.71 57.31
N LYS A 83 25.00 -13.52 57.42
CA LYS A 83 25.99 -14.59 57.38
C LYS A 83 25.99 -15.34 56.05
N VAL A 84 25.48 -14.73 54.98
CA VAL A 84 25.56 -15.35 53.67
C VAL A 84 26.99 -15.27 53.16
N LEU A 85 27.46 -16.35 52.54
CA LEU A 85 28.82 -16.48 52.07
C LEU A 85 28.87 -16.34 50.55
N LEU A 86 29.67 -15.41 50.06
CA LEU A 86 29.93 -15.21 48.64
C LEU A 86 31.39 -15.54 48.35
N VAL A 87 31.70 -15.68 47.06
CA VAL A 87 33.06 -15.93 46.61
C VAL A 87 33.46 -14.82 45.64
N LEU A 88 34.52 -14.09 45.98
CA LEU A 88 35.12 -13.12 45.07
C LEU A 88 36.19 -13.81 44.25
N GLU A 89 36.08 -13.70 42.92
CA GLU A 89 37.12 -14.17 42.01
C GLU A 89 37.74 -12.93 41.38
N LEU A 90 38.99 -12.65 41.74
CA LEU A 90 39.72 -11.47 41.29
C LEU A 90 40.82 -11.89 40.32
N GLN A 91 40.88 -11.23 39.16
CA GLN A 91 41.85 -11.58 38.13
C GLN A 91 42.51 -10.33 37.58
N GLY A 92 43.83 -10.36 37.46
CA GLY A 92 44.55 -9.45 36.59
C GLY A 92 44.60 -10.07 35.20
N LEU A 93 44.43 -9.23 34.18
CA LEU A 93 44.41 -9.70 32.80
C LEU A 93 45.49 -9.00 32.01
N GLN A 94 45.97 -9.67 30.97
CA GLN A 94 46.84 -9.01 30.01
C GLN A 94 46.12 -7.82 29.38
N LYS A 95 46.90 -6.84 28.94
CA LYS A 95 46.42 -5.57 28.39
C LYS A 95 45.84 -4.67 29.47
N ASP A 96 46.34 -4.77 30.71
CA ASP A 96 46.03 -3.82 31.79
C ASP A 96 44.52 -3.75 32.08
N MET A 97 43.94 -4.91 32.35
CA MET A 97 42.54 -5.01 32.74
C MET A 97 42.43 -5.84 34.00
N THR A 98 41.36 -5.60 34.75
CA THR A 98 41.02 -6.39 35.93
C THR A 98 39.60 -6.91 35.79
N ARG A 99 39.38 -8.15 36.18
CA ARG A 99 38.04 -8.74 36.18
C ARG A 99 37.65 -9.11 37.59
N ILE A 100 36.45 -8.69 37.99
CA ILE A 100 35.88 -8.98 39.30
C ILE A 100 34.61 -9.78 39.08
N ARG A 101 34.58 -11.00 39.62
CA ARG A 101 33.38 -11.82 39.60
C ARG A 101 33.01 -12.22 41.03
N ILE A 102 31.72 -12.09 41.37
CA ILE A 102 31.21 -12.43 42.68
C ILE A 102 29.96 -13.29 42.49
N ASP A 103 29.93 -14.45 43.17
CA ASP A 103 28.81 -15.37 43.12
C ASP A 103 28.62 -15.93 44.52
N GLU A 104 27.53 -16.68 44.71
CA GLU A 104 27.29 -17.33 45.99
C GLU A 104 28.23 -18.52 46.17
N LEU A 105 28.65 -18.75 47.41
CA LEU A 105 29.52 -19.89 47.70
C LEU A 105 28.77 -21.21 47.54
N GLU A 106 27.57 -21.31 48.12
CA GLU A 106 26.75 -22.51 48.04
C GLU A 106 25.35 -22.11 47.57
N PRO A 107 25.18 -21.90 46.27
CA PRO A 107 23.85 -21.51 45.77
C PRO A 107 22.93 -22.72 45.63
N ARG A 108 21.65 -22.47 45.91
CA ARG A 108 20.64 -23.51 45.68
C ARG A 108 20.54 -23.87 44.20
N ARG A 109 20.64 -22.87 43.32
CA ARG A 109 20.60 -23.06 41.89
C ARG A 109 21.66 -22.17 41.25
N PRO A 110 22.20 -22.57 40.10
CA PRO A 110 23.24 -21.76 39.46
C PRO A 110 22.68 -20.40 39.03
N ARG A 111 23.51 -19.38 39.13
CA ARG A 111 23.18 -18.06 38.61
C ARG A 111 23.67 -17.92 37.18
N TYR A 112 23.05 -17.01 36.45
CA TYR A 112 23.37 -16.84 35.04
C TYR A 112 24.71 -16.15 34.87
N ARG A 113 25.50 -16.66 33.93
CA ARG A 113 26.74 -16.03 33.47
C ARG A 113 26.61 -15.85 31.97
N VAL A 114 26.87 -14.63 31.48
CA VAL A 114 26.55 -14.25 30.12
C VAL A 114 27.43 -14.99 29.11
N PRO A 115 26.86 -15.80 28.24
CA PRO A 115 27.64 -16.50 27.22
C PRO A 115 27.69 -15.73 25.91
N ASP A 116 28.57 -16.18 25.01
CA ASP A 116 28.61 -15.77 23.60
C ASP A 116 28.95 -14.31 23.36
N VAL A 117 29.15 -13.53 24.42
CA VAL A 117 29.51 -12.12 24.26
C VAL A 117 31.03 -11.93 24.22
N LEU A 118 31.76 -12.55 25.14
CA LEU A 118 33.21 -12.53 25.05
C LEU A 118 33.68 -13.37 23.87
N VAL A 119 34.63 -12.83 23.09
CA VAL A 119 35.10 -13.57 21.93
C VAL A 119 36.12 -14.64 22.30
N ALA A 120 36.71 -14.56 23.49
CA ALA A 120 37.68 -15.53 23.94
C ALA A 120 37.72 -15.52 25.46
N ASP A 121 38.34 -16.54 26.02
CA ASP A 121 38.69 -16.52 27.44
C ASP A 121 39.84 -15.55 27.61
N PRO A 122 39.67 -14.44 28.32
CA PRO A 122 40.69 -13.38 28.33
C PRO A 122 41.99 -13.88 28.94
N PRO A 123 43.12 -13.64 28.28
CA PRO A 123 44.41 -14.05 28.85
C PRO A 123 44.69 -13.34 30.17
N THR A 124 45.11 -14.11 31.16
CA THR A 124 45.32 -13.60 32.51
C THR A 124 46.78 -13.21 32.72
N ALA A 125 46.99 -12.39 33.74
CA ALA A 125 48.30 -12.10 34.28
C ALA A 125 48.35 -12.60 35.72
N ARG A 126 49.56 -12.86 36.20
CA ARG A 126 49.73 -13.42 37.54
C ARG A 126 49.58 -12.35 38.61
N LEU A 127 48.86 -12.70 39.67
CA LEU A 127 48.77 -11.88 40.88
C LEU A 127 49.75 -12.38 41.93
N SER A 128 50.35 -11.44 42.66
CA SER A 128 51.26 -11.75 43.75
C SER A 128 50.85 -10.93 44.97
N VAL A 129 50.93 -11.53 46.14
CA VAL A 129 50.79 -10.76 47.38
C VAL A 129 52.10 -10.01 47.59
N SER A 130 52.04 -8.69 47.55
CA SER A 130 53.21 -7.84 47.72
C SER A 130 53.12 -7.00 48.98
N GLY A 131 52.07 -7.20 49.78
CA GLY A 131 51.86 -6.45 51.00
C GLY A 131 50.61 -6.94 51.70
N ARG A 132 50.57 -6.86 53.03
CA ARG A 132 49.42 -7.35 53.79
C ARG A 132 49.48 -6.79 55.20
N ASP A 133 48.31 -6.56 55.77
CA ASP A 133 48.22 -6.29 57.21
C ASP A 133 47.02 -7.07 57.74
N ASP A 134 46.54 -6.70 58.92
CA ASP A 134 45.44 -7.46 59.52
C ASP A 134 44.12 -7.19 58.81
N ASN A 135 44.02 -6.08 58.08
CA ASN A 135 42.78 -5.69 57.42
C ASN A 135 42.98 -5.43 55.92
N SER A 136 44.09 -5.87 55.34
CA SER A 136 44.39 -5.50 53.98
C SER A 136 45.38 -6.49 53.37
N VAL A 137 45.24 -6.71 52.07
CA VAL A 137 46.18 -7.49 51.27
C VAL A 137 46.43 -6.71 50.00
N GLU A 138 47.70 -6.41 49.72
CA GLU A 138 48.09 -5.73 48.50
C GLU A 138 48.54 -6.76 47.48
N LEU A 139 48.01 -6.64 46.27
CA LEU A 139 48.32 -7.56 45.19
C LEU A 139 48.99 -6.80 44.06
N THR A 140 49.99 -7.41 43.45
CA THR A 140 50.66 -6.85 42.28
C THR A 140 50.28 -7.68 41.07
N VAL A 141 49.92 -7.01 39.98
CA VAL A 141 49.63 -7.67 38.71
C VAL A 141 50.95 -7.83 37.98
N ALA A 142 51.32 -9.08 37.69
CA ALA A 142 52.60 -9.41 37.06
C ALA A 142 53.75 -8.79 37.84
N GLU A 143 54.54 -7.94 37.19
CA GLU A 143 55.64 -7.25 37.85
C GLU A 143 55.43 -5.74 37.89
N GLY A 144 54.17 -5.32 37.95
CA GLY A 144 53.83 -3.92 38.03
C GLY A 144 53.59 -3.30 36.67
N PRO A 145 53.16 -2.03 36.64
CA PRO A 145 53.00 -1.15 37.81
C PRO A 145 51.62 -1.19 38.49
N TYR A 146 50.73 -2.07 38.06
CA TYR A 146 49.36 -2.06 38.56
C TYR A 146 49.25 -2.91 39.83
N LYS A 147 48.56 -2.36 40.83
CA LYS A 147 48.33 -3.07 42.10
C LYS A 147 46.88 -2.95 42.52
N ILE A 148 46.41 -3.96 43.24
CA ILE A 148 45.04 -4.01 43.76
C ILE A 148 45.11 -4.23 45.26
N ILE A 149 44.52 -3.31 46.02
CA ILE A 149 44.47 -3.41 47.48
C ILE A 149 43.10 -3.95 47.87
N LEU A 150 43.07 -5.15 48.43
CA LEU A 150 41.85 -5.75 48.97
C LEU A 150 41.77 -5.45 50.46
N THR A 151 40.80 -4.63 50.86
CA THR A 151 40.52 -4.39 52.27
C THR A 151 39.52 -5.41 52.77
N ALA A 152 39.77 -5.93 53.97
CA ALA A 152 38.94 -7.01 54.49
C ALA A 152 37.66 -6.48 55.12
N GLN A 153 37.78 -5.48 55.99
CA GLN A 153 36.60 -4.97 56.70
C GLN A 153 36.64 -3.45 56.79
N PRO A 154 35.69 -2.74 56.16
CA PRO A 154 34.69 -3.33 55.27
C PRO A 154 35.30 -3.75 53.93
N PHE A 155 34.65 -4.69 53.25
CA PHE A 155 35.14 -5.13 51.94
C PHE A 155 35.28 -3.95 50.99
N ARG A 156 36.40 -3.91 50.28
CA ARG A 156 36.72 -2.80 49.40
C ARG A 156 37.87 -3.22 48.48
N LEU A 157 37.91 -2.63 47.30
CA LEU A 157 39.00 -2.83 46.35
C LEU A 157 39.47 -1.49 45.83
N ASP A 158 40.80 -1.31 45.79
CA ASP A 158 41.42 -0.11 45.24
C ASP A 158 42.37 -0.55 44.13
N LEU A 159 42.33 0.16 43.02
CA LEU A 159 43.18 -0.13 41.87
C LEU A 159 44.16 1.02 41.69
N LEU A 160 45.44 0.70 41.63
CA LEU A 160 46.49 1.70 41.58
C LEU A 160 47.46 1.39 40.46
N GLU A 161 47.98 2.44 39.84
CA GLU A 161 49.20 2.37 39.04
C GLU A 161 50.29 3.02 39.87
N ASP A 162 51.25 2.20 40.31
CA ASP A 162 52.26 2.61 41.31
C ASP A 162 51.56 3.09 42.58
N ARG A 163 51.56 4.42 42.81
CA ARG A 163 50.94 4.99 44.00
C ARG A 163 49.76 5.87 43.66
N SER A 164 49.37 5.93 42.39
CA SER A 164 48.23 6.72 41.94
C SER A 164 46.96 5.87 42.00
N LEU A 165 46.02 6.29 42.83
CA LEU A 165 44.73 5.60 42.91
C LEU A 165 43.93 5.86 41.64
N LEU A 166 43.59 4.79 40.93
CA LEU A 166 42.82 4.91 39.71
C LEU A 166 41.32 4.79 39.95
N LEU A 167 40.90 3.84 40.79
CA LEU A 167 39.51 3.47 40.88
C LEU A 167 39.29 2.68 42.17
N SER A 168 38.15 2.88 42.81
CA SER A 168 37.77 2.11 43.99
C SER A 168 36.45 1.39 43.75
N VAL A 169 36.31 0.22 44.37
CA VAL A 169 35.13 -0.62 44.26
C VAL A 169 34.52 -0.79 45.64
N ASN A 170 33.22 -0.50 45.75
CA ASN A 170 32.46 -0.56 47.00
C ASN A 170 32.94 0.46 48.02
N ALA A 171 33.45 1.61 47.54
CA ALA A 171 33.91 2.65 48.47
C ALA A 171 32.74 3.32 49.17
N ARG A 172 31.58 3.38 48.52
CA ARG A 172 30.40 3.94 49.16
C ARG A 172 29.54 2.86 49.83
N GLY A 173 30.01 1.62 49.86
CA GLY A 173 29.30 0.57 50.57
C GLY A 173 27.98 0.16 49.98
N LEU A 174 27.84 0.21 48.65
CA LEU A 174 26.57 -0.05 47.99
C LEU A 174 26.47 -1.46 47.42
N MET A 175 27.47 -2.32 47.68
CA MET A 175 27.39 -3.70 47.22
C MET A 175 26.16 -4.37 47.81
N ALA A 176 25.40 -5.05 46.94
CA ALA A 176 24.19 -5.75 47.36
C ALA A 176 24.05 -7.02 46.55
N PHE A 177 23.88 -8.16 47.23
CA PHE A 177 23.80 -9.46 46.58
C PHE A 177 22.70 -10.27 47.25
N GLU A 178 21.51 -10.26 46.65
CA GLU A 178 20.38 -11.00 47.20
C GLU A 178 20.55 -12.48 46.87
N HIS A 179 20.77 -13.31 47.89
CA HIS A 179 20.98 -14.73 47.63
C HIS A 179 19.67 -15.42 47.31
N GLN A 180 19.77 -16.59 46.67
CA GLN A 180 18.61 -17.35 46.25
C GLN A 180 17.98 -18.07 47.44
N ARG A 181 16.73 -17.74 47.76
CA ARG A 181 16.02 -18.28 48.90
C ARG A 181 15.25 -19.55 48.50
N ALA A 182 14.39 -20.02 49.40
CA ALA A 182 13.56 -21.20 49.12
C ALA A 182 12.49 -20.89 48.06
N TRP A 247 8.52 -11.21 45.49
CA TRP A 247 8.11 -12.45 44.83
C TRP A 247 7.05 -12.15 43.77
N GLU A 248 5.82 -12.68 43.91
CA GLU A 248 4.78 -12.37 42.94
C GLU A 248 4.61 -10.86 42.80
N GLU A 249 4.63 -10.39 41.54
CA GLU A 249 4.65 -8.97 41.24
C GLU A 249 3.82 -8.71 39.98
N THR A 250 2.97 -7.68 40.03
CA THR A 250 2.14 -7.30 38.91
C THR A 250 2.46 -5.88 38.48
N PHE A 251 2.48 -5.66 37.17
CA PHE A 251 2.59 -4.33 36.59
C PHE A 251 1.52 -4.19 35.53
N LYS A 252 0.63 -3.20 35.69
CA LYS A 252 -0.56 -3.03 34.86
C LYS A 252 -1.39 -4.31 34.97
N THR A 253 -1.60 -5.07 33.90
CA THR A 253 -2.39 -6.29 33.95
C THR A 253 -1.54 -7.56 33.85
N HIS A 254 -0.22 -7.42 33.85
CA HIS A 254 0.69 -8.55 33.69
C HIS A 254 1.29 -8.94 35.03
N SER A 255 1.37 -10.24 35.27
CA SER A 255 1.81 -10.77 36.55
C SER A 255 3.07 -11.60 36.37
N ASP A 256 4.14 -11.21 37.04
CA ASP A 256 5.40 -11.95 37.05
C ASP A 256 5.37 -12.90 38.24
N SER A 257 5.35 -14.21 37.96
CA SER A 257 5.28 -15.17 39.05
C SER A 257 6.55 -15.17 39.88
N LYS A 258 7.68 -14.78 39.28
CA LYS A 258 8.95 -14.60 39.98
C LYS A 258 9.27 -15.79 40.91
N PRO A 259 9.40 -16.99 40.34
CA PRO A 259 9.51 -18.20 41.18
C PRO A 259 10.80 -18.31 42.00
N TYR A 260 11.81 -17.49 41.74
CA TYR A 260 13.06 -17.56 42.48
C TYR A 260 13.23 -16.42 43.48
N GLY A 261 12.24 -15.53 43.59
CA GLY A 261 12.29 -14.42 44.51
C GLY A 261 13.36 -13.42 44.18
N PRO A 262 13.71 -12.59 45.15
CA PRO A 262 14.70 -11.53 44.91
C PRO A 262 16.09 -12.13 44.71
N THR A 263 16.73 -11.75 43.58
CA THR A 263 18.07 -12.24 43.28
C THR A 263 18.95 -11.13 42.70
N SER A 264 18.63 -9.87 42.94
CA SER A 264 19.34 -8.78 42.30
C SER A 264 20.73 -8.58 42.90
N VAL A 265 21.64 -8.06 42.08
CA VAL A 265 23.02 -7.79 42.47
C VAL A 265 23.34 -6.35 42.11
N GLY A 266 24.28 -5.76 42.84
CA GLY A 266 24.67 -4.38 42.63
C GLY A 266 26.02 -4.08 43.22
N LEU A 267 26.67 -3.04 42.69
CA LEU A 267 28.01 -2.69 43.13
C LEU A 267 28.34 -1.29 42.65
N ASP A 268 29.09 -0.55 43.46
CA ASP A 268 29.46 0.83 43.15
C ASP A 268 30.95 0.95 42.86
N PHE A 269 31.28 1.99 42.09
CA PHE A 269 32.64 2.26 41.65
C PHE A 269 32.90 3.75 41.80
N SER A 270 34.10 4.10 42.23
CA SER A 270 34.49 5.50 42.44
C SER A 270 35.65 5.83 41.51
N LEU A 271 35.55 6.96 40.84
CA LEU A 271 36.50 7.38 39.80
C LEU A 271 37.09 8.72 40.21
N PRO A 272 38.15 8.72 41.03
CA PRO A 272 38.74 10.00 41.47
C PRO A 272 39.34 10.74 40.28
N GLY A 273 39.06 12.05 40.21
CA GLY A 273 39.57 12.88 39.14
C GLY A 273 38.70 12.95 37.91
N MET A 274 37.67 12.12 37.81
CA MET A 274 36.81 12.06 36.63
C MET A 274 35.56 12.91 36.86
N GLU A 275 35.29 13.82 35.93
CA GLU A 275 34.06 14.60 35.94
C GLU A 275 33.17 14.33 34.73
N HIS A 276 33.60 13.50 33.79
CA HIS A 276 32.88 13.28 32.53
C HIS A 276 32.81 11.79 32.26
N VAL A 277 31.59 11.27 32.14
CA VAL A 277 31.39 9.87 31.81
C VAL A 277 30.50 9.78 30.57
N TYR A 278 30.62 8.66 29.86
CA TYR A 278 29.99 8.49 28.56
C TYR A 278 29.63 7.03 28.40
N GLY A 279 28.74 6.77 27.45
CA GLY A 279 28.42 5.41 27.08
C GLY A 279 27.03 4.95 27.47
N ILE A 280 26.95 3.72 28.00
CA ILE A 280 25.74 2.95 28.29
C ILE A 280 24.56 3.32 27.38
N PRO A 281 24.70 3.20 26.05
CA PRO A 281 23.53 3.33 25.18
C PRO A 281 22.58 2.17 25.42
N GLU A 282 21.31 2.33 25.00
CA GLU A 282 20.84 3.41 24.15
C GLU A 282 19.87 4.32 24.88
N HIS A 283 20.16 5.62 24.86
CA HIS A 283 19.29 6.62 25.45
C HIS A 283 19.23 7.83 24.53
N ALA A 284 18.04 8.43 24.43
CA ALA A 284 17.86 9.68 23.69
C ALA A 284 18.27 10.83 24.62
N ASP A 285 19.58 10.91 24.86
CA ASP A 285 20.11 11.85 25.83
C ASP A 285 21.48 12.32 25.35
N SER A 286 22.04 13.27 26.09
CA SER A 286 23.29 13.92 25.69
C SER A 286 24.46 12.93 25.72
N LEU A 287 25.51 13.27 24.97
CA LEU A 287 26.70 12.43 24.93
C LEU A 287 27.34 12.32 26.31
N ARG A 288 27.65 13.46 26.92
CA ARG A 288 28.10 13.45 28.31
C ARG A 288 26.93 13.10 29.22
N LEU A 289 27.07 11.99 29.95
CA LEU A 289 25.97 11.52 30.78
C LEU A 289 25.77 12.44 31.98
N LYS A 290 24.51 12.58 32.38
CA LYS A 290 24.10 13.43 33.48
C LYS A 290 24.11 12.66 34.80
N VAL A 291 24.26 13.39 35.90
CA VAL A 291 24.08 12.79 37.21
C VAL A 291 22.62 12.37 37.37
N THR A 292 22.40 11.28 38.09
CA THR A 292 21.06 10.73 38.29
C THR A 292 20.51 11.04 39.68
N GLU A 293 21.22 11.85 40.46
CA GLU A 293 20.92 12.03 41.88
C GLU A 293 19.47 12.44 42.11
N GLY A 294 19.02 13.49 41.44
CA GLY A 294 17.68 13.99 41.67
C GLY A 294 16.59 13.40 40.80
N GLY A 295 16.86 12.32 40.09
CA GLY A 295 15.89 11.74 39.17
C GLY A 295 16.04 10.25 39.03
N GLU A 296 15.78 9.76 37.82
CA GLU A 296 15.84 8.35 37.50
C GLU A 296 17.27 7.93 37.19
N PRO A 297 17.63 6.69 37.53
CA PRO A 297 18.86 6.12 36.98
C PRO A 297 18.70 5.90 35.48
N TYR A 298 19.83 5.76 34.80
CA TYR A 298 19.79 5.30 33.42
C TYR A 298 19.42 3.82 33.40
N ARG A 299 18.49 3.46 32.51
CA ARG A 299 17.96 2.10 32.45
C ARG A 299 18.48 1.38 31.23
N LEU A 300 18.92 0.14 31.41
CA LEU A 300 19.41 -0.72 30.31
C LEU A 300 18.49 -1.93 30.23
N TYR A 301 17.52 -1.86 29.34
CA TYR A 301 16.55 -2.94 29.15
C TYR A 301 15.95 -2.73 27.76
N ASN A 302 16.27 -3.63 26.83
CA ASN A 302 15.87 -3.45 25.44
C ASN A 302 14.35 -3.38 25.35
N LEU A 303 13.84 -2.21 24.97
CA LEU A 303 12.40 -1.94 24.99
C LEU A 303 12.00 -1.15 23.76
N ASP A 304 10.74 -1.36 23.34
CA ASP A 304 10.17 -0.70 22.17
C ASP A 304 9.29 0.45 22.67
N VAL A 305 9.80 1.68 22.57
CA VAL A 305 9.14 2.87 23.10
C VAL A 305 8.53 3.65 21.95
N PHE A 306 7.21 3.66 21.89
CA PHE A 306 6.50 4.31 20.78
C PHE A 306 6.65 5.83 20.88
N GLN A 307 7.09 6.45 19.78
CA GLN A 307 7.31 7.89 19.71
C GLN A 307 8.15 8.39 20.87
N TYR A 308 9.35 7.83 21.01
CA TYR A 308 10.18 8.16 22.16
C TYR A 308 10.57 9.64 22.10
N GLU A 309 10.76 10.22 23.28
CA GLU A 309 11.07 11.64 23.43
C GLU A 309 12.53 11.82 23.81
N LEU A 310 12.99 13.06 23.71
CA LEU A 310 14.40 13.42 23.84
C LEU A 310 14.72 13.89 25.24
N ASN A 311 16.00 13.77 25.60
CA ASN A 311 16.53 14.22 26.89
C ASN A 311 15.84 13.51 28.05
N ASN A 312 15.92 12.18 28.04
CA ASN A 312 15.40 11.44 29.18
C ASN A 312 16.13 10.11 29.27
N PRO A 313 16.18 9.50 30.45
CA PRO A 313 16.96 8.27 30.64
C PRO A 313 16.19 6.97 30.44
N MET A 314 15.00 7.02 29.84
CA MET A 314 14.26 5.79 29.59
C MET A 314 15.05 4.85 28.71
N ALA A 315 14.91 3.55 28.96
CA ALA A 315 15.59 2.56 28.15
C ALA A 315 14.96 2.48 26.76
N LEU A 316 15.80 2.40 25.74
CA LEU A 316 15.37 2.25 24.36
C LEU A 316 15.74 0.85 23.86
N TYR A 317 15.95 0.71 22.55
CA TYR A 317 15.93 -0.62 21.94
C TYR A 317 17.17 -1.44 22.29
N GLY A 318 18.30 -0.80 22.60
CA GLY A 318 19.53 -1.52 22.82
C GLY A 318 20.18 -1.13 24.14
N SER A 319 21.10 -2.00 24.59
CA SER A 319 21.76 -1.87 25.88
C SER A 319 23.20 -2.33 25.75
N VAL A 320 24.15 -1.42 25.89
CA VAL A 320 25.57 -1.76 25.96
C VAL A 320 26.09 -1.31 27.31
N PRO A 321 26.28 -2.23 28.26
CA PRO A 321 26.64 -1.85 29.63
C PRO A 321 28.13 -1.51 29.77
N VAL A 322 28.54 -0.44 29.09
CA VAL A 322 29.93 -0.01 29.07
C VAL A 322 29.97 1.48 29.30
N LEU A 323 30.76 1.91 30.29
CA LEU A 323 30.86 3.31 30.66
C LEU A 323 32.31 3.75 30.52
N LEU A 324 32.53 4.87 29.82
CA LEU A 324 33.85 5.45 29.66
C LEU A 324 33.97 6.70 30.50
N ALA A 325 35.12 6.86 31.16
CA ALA A 325 35.42 8.03 31.98
C ALA A 325 36.64 8.73 31.41
N HIS A 326 36.54 10.04 31.21
CA HIS A 326 37.62 10.81 30.61
C HIS A 326 37.97 12.03 31.46
N SER A 327 39.28 12.25 31.62
CA SER A 327 39.80 13.49 32.19
C SER A 327 40.99 13.93 31.36
N PHE A 328 41.50 15.12 31.67
CA PHE A 328 42.74 15.62 31.11
C PHE A 328 43.87 14.61 31.26
N HIS A 329 43.84 13.82 32.33
CA HIS A 329 44.98 13.01 32.72
C HIS A 329 44.87 11.54 32.33
N ARG A 330 43.67 10.97 32.25
CA ARG A 330 43.54 9.54 32.01
C ARG A 330 42.17 9.21 31.45
N ASP A 331 42.07 7.99 30.92
CA ASP A 331 40.82 7.42 30.44
C ASP A 331 40.65 6.04 31.08
N LEU A 332 39.41 5.72 31.46
CA LEU A 332 39.07 4.43 32.05
C LEU A 332 37.76 3.95 31.45
N GLY A 333 37.55 2.64 31.55
CA GLY A 333 36.28 2.06 31.13
C GLY A 333 35.83 1.01 32.12
N ILE A 334 34.51 0.88 32.24
CA ILE A 334 33.87 -0.15 33.07
C ILE A 334 32.89 -0.92 32.20
N PHE A 335 33.03 -2.25 32.18
CA PHE A 335 32.22 -3.15 31.36
C PHE A 335 31.50 -4.11 32.31
N TRP A 336 30.21 -3.86 32.53
CA TRP A 336 29.38 -4.62 33.47
C TRP A 336 28.69 -5.74 32.69
N LEU A 337 29.27 -6.95 32.70
CA LEU A 337 28.78 -8.04 31.85
C LEU A 337 27.60 -8.72 32.53
N ASN A 338 26.41 -8.15 32.33
CA ASN A 338 25.17 -8.69 32.85
C ASN A 338 24.08 -8.50 31.80
N ALA A 339 23.28 -9.54 31.56
CA ALA A 339 22.26 -9.49 30.51
C ALA A 339 20.86 -9.22 31.03
N ALA A 340 20.71 -9.00 32.33
CA ALA A 340 19.41 -8.72 32.93
C ALA A 340 19.14 -7.22 32.95
N GLU A 341 17.90 -6.88 33.27
CA GLU A 341 17.52 -5.48 33.45
C GLU A 341 18.50 -4.81 34.40
N THR A 342 19.05 -3.68 33.97
CA THR A 342 20.11 -3.02 34.72
C THR A 342 19.82 -1.52 34.82
N TRP A 343 20.00 -0.97 36.02
CA TRP A 343 19.90 0.46 36.25
C TRP A 343 21.26 1.00 36.66
N VAL A 344 21.56 2.24 36.25
CA VAL A 344 22.87 2.84 36.46
C VAL A 344 22.69 4.22 37.08
N ASP A 345 23.22 4.39 38.28
CA ASP A 345 23.22 5.69 38.95
C ASP A 345 24.57 6.37 38.77
N ILE A 346 24.54 7.68 38.57
CA ILE A 346 25.74 8.48 38.37
C ILE A 346 25.66 9.66 39.31
N SER A 347 26.69 9.83 40.13
CA SER A 347 26.72 10.94 41.08
C SER A 347 28.11 11.57 41.08
N SER A 348 28.14 12.89 41.28
CA SER A 348 29.38 13.64 41.32
C SER A 348 29.66 14.11 42.74
N ASN A 349 30.93 14.45 43.01
CA ASN A 349 31.35 15.01 44.30
C ASN A 349 32.30 16.14 44.08
N THR A 369 40.18 16.52 43.96
CA THR A 369 38.90 16.40 44.64
C THR A 369 37.70 15.99 43.76
N PRO A 370 37.63 16.45 42.50
CA PRO A 370 36.51 16.00 41.65
C PRO A 370 36.49 14.49 41.51
N GLN A 371 35.29 13.92 41.58
CA GLN A 371 35.12 12.47 41.55
C GLN A 371 33.72 12.13 41.08
N THR A 372 33.62 11.05 40.30
CA THR A 372 32.35 10.53 39.82
C THR A 372 32.17 9.11 40.33
N ASP A 373 31.01 8.82 40.91
CA ASP A 373 30.66 7.51 41.40
C ASP A 373 29.62 6.87 40.46
N ILE A 374 29.80 5.58 40.18
CA ILE A 374 28.93 4.82 39.28
C ILE A 374 28.40 3.62 40.05
N ARG A 375 27.11 3.36 39.94
CA ARG A 375 26.48 2.22 40.61
C ARG A 375 25.62 1.45 39.60
N TRP A 376 25.86 0.16 39.49
CA TRP A 376 25.11 -0.73 38.61
C TRP A 376 24.19 -1.62 39.44
N MET A 377 22.96 -1.79 38.97
CA MET A 377 21.97 -2.60 39.68
C MET A 377 21.24 -3.48 38.69
N SER A 378 21.41 -4.80 38.83
CA SER A 378 20.91 -5.78 37.88
C SER A 378 20.00 -6.78 38.58
N GLU A 379 19.02 -7.31 37.83
CA GLU A 379 17.95 -8.10 38.42
C GLU A 379 18.40 -9.51 38.82
N SER A 380 19.32 -10.11 38.07
CA SER A 380 19.76 -11.47 38.37
C SER A 380 21.17 -11.64 37.79
N GLY A 381 21.63 -12.88 37.74
CA GLY A 381 22.98 -13.19 37.31
C GLY A 381 23.99 -12.90 38.39
N ILE A 382 25.27 -13.09 38.05
CA ILE A 382 26.36 -12.84 38.98
C ILE A 382 26.85 -11.42 38.79
N ILE A 383 27.72 -10.96 39.67
CA ILE A 383 28.48 -9.74 39.43
C ILE A 383 29.68 -10.10 38.55
N ASP A 384 29.81 -9.43 37.42
CA ASP A 384 30.88 -9.73 36.48
C ASP A 384 31.25 -8.41 35.79
N VAL A 385 32.38 -7.83 36.17
CA VAL A 385 32.73 -6.51 35.69
C VAL A 385 34.21 -6.49 35.28
N PHE A 386 34.49 -5.82 34.16
CA PHE A 386 35.84 -5.62 33.68
C PHE A 386 36.21 -4.16 33.89
N LEU A 387 37.39 -3.92 34.45
CA LEU A 387 37.93 -2.58 34.62
C LEU A 387 39.05 -2.41 33.60
N MET A 388 38.90 -1.41 32.74
CA MET A 388 39.80 -1.20 31.61
C MET A 388 40.57 0.08 31.87
N LEU A 389 41.87 -0.06 32.14
CA LEU A 389 42.63 0.97 32.84
C LEU A 389 43.32 1.95 31.92
N GLY A 390 43.12 1.87 30.61
CA GLY A 390 43.71 2.83 29.70
C GLY A 390 45.22 2.65 29.64
N PRO A 391 45.98 3.75 29.77
CA PRO A 391 45.59 5.11 30.20
C PRO A 391 44.96 6.03 29.16
N SER A 392 45.17 5.78 27.86
CA SER A 392 44.54 6.62 26.86
C SER A 392 43.22 5.99 26.42
N VAL A 393 42.38 6.81 25.78
CA VAL A 393 41.08 6.29 25.36
C VAL A 393 41.26 5.22 24.29
N PHE A 394 42.33 5.30 23.48
CA PHE A 394 42.58 4.27 22.49
C PHE A 394 43.04 2.95 23.13
N ASP A 395 43.72 3.03 24.28
CA ASP A 395 43.97 1.81 25.05
C ASP A 395 42.67 1.17 25.51
N VAL A 396 41.71 2.00 25.95
CA VAL A 396 40.41 1.46 26.36
C VAL A 396 39.71 0.82 25.18
N PHE A 397 39.72 1.47 24.02
CA PHE A 397 39.17 0.87 22.81
C PHE A 397 39.79 -0.51 22.57
N ARG A 398 41.12 -0.59 22.64
CA ARG A 398 41.82 -1.85 22.42
C ARG A 398 41.45 -2.87 23.49
N GLN A 399 41.39 -2.45 24.75
CA GLN A 399 41.05 -3.36 25.84
C GLN A 399 39.66 -3.94 25.65
N TYR A 400 38.67 -3.10 25.38
CA TYR A 400 37.31 -3.59 25.21
C TYR A 400 37.18 -4.47 23.97
N ALA A 401 37.88 -4.11 22.88
CA ALA A 401 37.82 -4.92 21.67
C ALA A 401 38.40 -6.30 21.89
N SER A 402 39.44 -6.42 22.71
CA SER A 402 39.99 -7.74 23.02
C SER A 402 38.97 -8.61 23.73
N LEU A 403 38.02 -8.00 24.44
CA LEU A 403 37.00 -8.78 25.15
C LEU A 403 35.83 -9.15 24.25
N THR A 404 35.22 -8.18 23.58
CA THR A 404 33.97 -8.43 22.84
C THR A 404 34.14 -8.39 21.33
N GLY A 405 35.34 -8.16 20.83
CA GLY A 405 35.58 -8.15 19.41
C GLY A 405 35.46 -6.77 18.81
N THR A 406 35.53 -6.75 17.47
CA THR A 406 35.57 -5.52 16.72
C THR A 406 34.43 -5.47 15.72
N GLN A 407 34.24 -4.27 15.16
CA GLN A 407 33.25 -4.05 14.12
C GLN A 407 33.49 -4.97 12.93
N ALA A 408 32.46 -5.73 12.56
CA ALA A 408 32.52 -6.52 11.33
C ALA A 408 32.78 -5.60 10.15
N LEU A 409 33.64 -6.05 9.24
CA LEU A 409 33.95 -5.24 8.07
C LEU A 409 32.74 -5.22 7.14
N PRO A 410 32.07 -4.09 6.96
CA PRO A 410 30.87 -4.07 6.11
C PRO A 410 31.25 -4.29 4.66
N PRO A 411 30.42 -5.02 3.91
CA PRO A 411 30.56 -4.99 2.46
C PRO A 411 30.43 -3.56 1.97
N LEU A 412 31.20 -3.21 0.96
CA LEU A 412 31.32 -1.81 0.55
C LEU A 412 29.96 -1.19 0.24
N PHE A 413 29.06 -1.95 -0.42
CA PHE A 413 27.78 -1.39 -0.83
C PHE A 413 27.01 -0.87 0.37
N SER A 414 27.19 -1.49 1.54
CA SER A 414 26.39 -1.08 2.70
C SER A 414 26.84 0.23 3.29
N LEU A 415 27.98 0.77 2.85
CA LEU A 415 28.40 2.11 3.24
C LEU A 415 27.88 3.17 2.29
N GLY A 416 27.15 2.77 1.26
CA GLY A 416 26.50 3.71 0.36
C GLY A 416 25.19 4.20 0.95
N TYR A 417 24.34 4.73 0.07
CA TYR A 417 23.05 5.30 0.46
C TYR A 417 21.96 4.25 0.34
N HIS A 418 21.12 4.15 1.37
CA HIS A 418 19.99 3.23 1.41
C HIS A 418 18.69 4.00 1.30
N GLN A 419 17.81 3.56 0.38
CA GLN A 419 16.50 4.19 0.20
C GLN A 419 15.42 3.23 0.73
N SER A 420 14.69 3.68 1.74
CA SER A 420 13.72 2.84 2.40
C SER A 420 12.46 3.63 2.72
N ARG A 421 11.37 2.90 2.92
CA ARG A 421 10.19 3.41 3.60
C ARG A 421 9.30 2.22 3.93
N TRP A 422 8.35 2.47 4.82
CA TRP A 422 7.22 1.59 5.05
C TRP A 422 6.07 2.19 4.23
N ASN A 423 5.73 1.61 3.08
CA ASN A 423 6.35 0.46 2.41
C ASN A 423 6.37 0.79 0.92
N TYR A 424 7.29 0.24 0.16
CA TYR A 424 7.15 0.25 -1.29
C TYR A 424 6.13 -0.81 -1.70
N ARG A 425 5.26 -0.46 -2.66
CA ARG A 425 3.98 -1.17 -2.82
C ARG A 425 4.15 -2.53 -3.45
N ASP A 426 4.99 -2.64 -4.48
CA ASP A 426 5.05 -3.84 -5.28
C ASP A 426 6.36 -3.81 -6.08
N GLU A 427 6.56 -4.84 -6.90
CA GLU A 427 7.78 -4.90 -7.71
C GLU A 427 7.89 -3.69 -8.63
N ALA A 428 6.78 -3.27 -9.23
CA ALA A 428 6.81 -2.11 -10.12
C ALA A 428 7.23 -0.84 -9.39
N ASP A 429 6.76 -0.66 -8.16
CA ASP A 429 7.16 0.50 -7.36
C ASP A 429 8.67 0.50 -7.11
N VAL A 430 9.20 -0.65 -6.68
CA VAL A 430 10.64 -0.78 -6.44
C VAL A 430 11.43 -0.42 -7.70
N LEU A 431 10.99 -0.90 -8.86
CA LEU A 431 11.70 -0.61 -10.10
C LEU A 431 11.52 0.83 -10.54
N GLU A 432 10.38 1.46 -10.23
CA GLU A 432 10.23 2.88 -10.49
C GLU A 432 11.15 3.71 -9.60
N VAL A 433 11.30 3.31 -8.34
CA VAL A 433 12.25 3.98 -7.45
C VAL A 433 13.67 3.84 -7.99
N ASP A 434 14.04 2.62 -8.37
CA ASP A 434 15.37 2.38 -8.95
C ASP A 434 15.63 3.27 -10.15
N GLN A 435 14.69 3.29 -11.10
CA GLN A 435 14.84 4.11 -12.29
C GLN A 435 14.82 5.60 -11.95
N GLY A 436 14.08 5.97 -10.92
CA GLY A 436 14.03 7.37 -10.51
C GLY A 436 15.39 7.91 -10.10
N PHE A 437 16.20 7.09 -9.42
CA PHE A 437 17.53 7.54 -9.05
C PHE A 437 18.38 7.82 -10.28
N ASP A 438 18.33 6.94 -11.28
CA ASP A 438 19.13 7.15 -12.48
C ASP A 438 18.61 8.31 -13.32
N ASP A 439 17.28 8.43 -13.44
CA ASP A 439 16.72 9.54 -14.21
C ASP A 439 17.01 10.90 -13.58
N HIS A 440 17.28 10.95 -12.28
CA HIS A 440 17.59 12.21 -11.61
C HIS A 440 19.03 12.30 -11.17
N ASN A 441 19.90 11.42 -11.65
CA ASN A 441 21.33 11.45 -11.42
C ASN A 441 21.66 11.54 -9.92
N MET A 442 21.12 10.58 -9.17
CA MET A 442 21.43 10.46 -7.75
C MET A 442 21.87 9.03 -7.48
N PRO A 443 22.97 8.85 -6.76
CA PRO A 443 23.45 7.49 -6.46
C PRO A 443 22.66 6.84 -5.34
N CYS A 444 22.58 5.52 -5.41
CA CYS A 444 21.88 4.71 -4.41
C CYS A 444 22.34 3.27 -4.56
N ASP A 445 22.62 2.61 -3.44
CA ASP A 445 23.08 1.23 -3.49
C ASP A 445 22.00 0.21 -3.16
N VAL A 446 21.05 0.54 -2.29
CA VAL A 446 20.11 -0.44 -1.76
C VAL A 446 18.73 0.18 -1.66
N ILE A 447 17.72 -0.58 -2.10
CA ILE A 447 16.31 -0.28 -1.87
C ILE A 447 15.77 -1.32 -0.91
N TRP A 448 14.97 -0.88 0.07
CA TRP A 448 14.54 -1.71 1.19
C TRP A 448 13.07 -2.10 1.08
N LEU A 449 12.77 -3.32 1.52
CA LEU A 449 11.40 -3.86 1.54
C LEU A 449 10.98 -4.09 2.99
N ASP A 450 10.05 -3.26 3.47
CA ASP A 450 9.55 -3.37 4.83
C ASP A 450 8.48 -4.46 4.88
N ILE A 451 7.76 -4.55 6.00
CA ILE A 451 6.96 -5.75 6.30
C ILE A 451 5.81 -5.97 5.34
N GLU A 452 5.39 -4.96 4.58
CA GLU A 452 4.27 -5.20 3.68
C GLU A 452 4.67 -5.98 2.43
N HIS A 453 5.94 -6.36 2.28
CA HIS A 453 6.37 -7.17 1.15
C HIS A 453 6.09 -8.66 1.36
N ALA A 454 5.88 -9.09 2.59
CA ALA A 454 5.65 -10.49 2.91
C ALA A 454 4.16 -10.82 2.81
N ASP A 455 3.84 -12.12 2.93
CA ASP A 455 2.45 -12.58 2.96
C ASP A 455 1.90 -12.38 4.37
N GLY A 456 1.25 -11.24 4.59
CA GLY A 456 0.62 -11.01 5.89
C GLY A 456 1.55 -11.10 7.06
N LYS A 457 2.77 -10.58 6.91
CA LYS A 457 3.78 -10.54 7.98
C LYS A 457 4.18 -11.95 8.41
N ARG A 458 4.12 -12.89 7.48
CA ARG A 458 4.79 -14.18 7.61
C ARG A 458 6.16 -14.04 6.99
N TYR A 459 7.20 -13.99 7.82
CA TYR A 459 8.51 -13.67 7.27
C TYR A 459 9.05 -14.86 6.47
N PHE A 460 10.00 -14.55 5.59
CA PHE A 460 10.54 -15.44 4.56
C PHE A 460 9.53 -15.71 3.44
N THR A 461 8.42 -14.98 3.37
CA THR A 461 7.45 -15.14 2.29
C THR A 461 7.31 -13.83 1.51
N TRP A 462 6.58 -13.90 0.40
CA TRP A 462 6.34 -12.78 -0.49
C TRP A 462 4.84 -12.64 -0.74
N ASP A 463 4.34 -11.42 -0.75
CA ASP A 463 2.93 -11.24 -1.05
C ASP A 463 2.65 -11.74 -2.47
N PRO A 464 1.73 -12.68 -2.64
CA PRO A 464 1.58 -13.32 -3.97
C PRO A 464 1.04 -12.39 -5.04
N THR A 465 0.42 -11.27 -4.68
CA THR A 465 -0.06 -10.32 -5.67
C THR A 465 0.95 -9.22 -5.96
N ARG A 466 1.55 -8.64 -4.92
CA ARG A 466 2.41 -7.49 -5.11
C ARG A 466 3.87 -7.86 -5.33
N PHE A 467 4.31 -9.04 -4.88
CA PHE A 467 5.68 -9.53 -5.14
C PHE A 467 5.65 -10.96 -5.65
N PRO A 468 5.05 -11.19 -6.82
CA PRO A 468 4.93 -12.57 -7.33
C PRO A 468 6.21 -13.16 -7.88
N GLN A 469 7.16 -12.34 -8.32
CA GLN A 469 8.39 -12.81 -8.96
C GLN A 469 9.59 -12.13 -8.33
N PRO A 470 9.93 -12.47 -7.08
CA PRO A 470 11.04 -11.78 -6.41
C PRO A 470 12.39 -11.98 -7.11
N LEU A 471 12.65 -13.18 -7.65
CA LEU A 471 13.90 -13.40 -8.37
C LEU A 471 14.04 -12.44 -9.56
N ASN A 472 12.94 -12.19 -10.26
CA ASN A 472 12.98 -11.27 -11.39
C ASN A 472 13.28 -9.85 -10.94
N MET A 473 12.63 -9.40 -9.87
CA MET A 473 12.93 -8.08 -9.31
C MET A 473 14.40 -7.99 -8.90
N LEU A 474 14.90 -9.01 -8.21
CA LEU A 474 16.30 -9.01 -7.79
C LEU A 474 17.24 -9.00 -8.99
N GLU A 475 16.87 -9.72 -10.05
CA GLU A 475 17.71 -9.72 -11.25
C GLU A 475 17.76 -8.35 -11.89
N HIS A 476 16.63 -7.63 -11.94
CA HIS A 476 16.65 -6.28 -12.50
CA HIS A 476 16.63 -6.27 -12.49
C HIS A 476 17.51 -5.35 -11.66
N LEU A 477 17.45 -5.48 -10.33
CA LEU A 477 18.32 -4.67 -9.48
C LEU A 477 19.79 -5.01 -9.70
N ALA A 478 20.11 -6.30 -9.88
CA ALA A 478 21.47 -6.71 -10.15
C ALA A 478 21.99 -6.13 -11.46
N SER A 479 21.12 -6.03 -12.47
CA SER A 479 21.54 -5.43 -13.73
C SER A 479 21.86 -3.96 -13.59
N LYS A 480 21.30 -3.29 -12.57
CA LYS A 480 21.70 -1.94 -12.20
C LYS A 480 22.82 -1.93 -11.16
N ARG A 481 23.32 -3.11 -10.80
CA ARG A 481 24.38 -3.25 -9.80
C ARG A 481 23.96 -2.65 -8.46
N ARG A 482 22.71 -2.92 -8.07
CA ARG A 482 22.16 -2.49 -6.80
C ARG A 482 21.69 -3.70 -6.01
N LYS A 483 21.45 -3.49 -4.73
CA LYS A 483 21.03 -4.53 -3.81
C LYS A 483 19.62 -4.25 -3.28
N LEU A 484 19.09 -5.23 -2.57
CA LEU A 484 17.82 -5.10 -1.88
C LEU A 484 17.98 -5.62 -0.46
N VAL A 485 17.26 -5.02 0.47
CA VAL A 485 17.17 -5.51 1.85
C VAL A 485 15.72 -5.85 2.14
N ALA A 486 15.48 -7.04 2.70
CA ALA A 486 14.16 -7.48 3.10
C ALA A 486 14.13 -7.64 4.61
N ILE A 487 13.01 -7.24 5.22
CA ILE A 487 12.87 -7.34 6.67
C ILE A 487 12.47 -8.75 7.05
N VAL A 488 13.06 -9.26 8.13
CA VAL A 488 12.74 -10.55 8.71
C VAL A 488 12.76 -10.37 10.23
N ASP A 489 11.59 -10.44 10.86
CA ASP A 489 11.49 -10.23 12.30
C ASP A 489 11.46 -11.57 13.01
N PRO A 490 11.81 -11.60 14.31
CA PRO A 490 11.85 -12.88 15.02
C PRO A 490 10.53 -13.33 15.62
N HIS A 491 9.40 -12.74 15.27
CA HIS A 491 8.13 -13.27 15.75
C HIS A 491 7.47 -14.02 14.61
N ILE A 492 6.94 -15.19 14.92
CA ILE A 492 6.47 -16.15 13.92
C ILE A 492 4.96 -16.31 14.10
N LYS A 493 4.21 -15.99 13.04
CA LYS A 493 2.76 -16.04 13.12
C LYS A 493 2.27 -17.43 13.51
N VAL A 494 1.43 -17.49 14.52
CA VAL A 494 0.79 -18.76 14.90
C VAL A 494 -0.21 -19.10 13.81
N ASP A 495 0.15 -20.03 12.94
CA ASP A 495 -0.59 -20.30 11.71
C ASP A 495 -0.20 -21.68 11.23
N SER A 496 -1.14 -22.63 11.26
CA SER A 496 -0.81 -24.01 10.91
C SER A 496 -0.51 -24.18 9.42
N GLY A 497 -0.82 -23.20 8.59
CA GLY A 497 -0.39 -23.26 7.20
C GLY A 497 0.97 -22.66 6.95
N TYR A 498 1.61 -22.12 7.98
CA TYR A 498 2.89 -21.43 7.86
C TYR A 498 3.99 -22.43 8.21
N ARG A 499 4.77 -22.81 7.20
CA ARG A 499 5.77 -23.88 7.38
C ARG A 499 6.78 -23.53 8.46
N VAL A 500 7.21 -22.26 8.52
CA VAL A 500 8.16 -21.86 9.55
C VAL A 500 7.60 -22.13 10.94
N HIS A 501 6.35 -21.72 11.18
CA HIS A 501 5.73 -21.96 12.47
C HIS A 501 5.61 -23.45 12.76
N GLU A 502 5.24 -24.25 11.74
CA GLU A 502 5.07 -25.67 11.95
C GLU A 502 6.39 -26.35 12.31
N GLU A 503 7.48 -25.97 11.64
CA GLU A 503 8.78 -26.56 11.94
C GLU A 503 9.23 -26.20 13.34
N LEU A 504 9.10 -24.93 13.72
CA LEU A 504 9.53 -24.51 15.05
C LEU A 504 8.67 -25.15 16.14
N ARG A 505 7.37 -25.25 15.90
CA ARG A 505 6.48 -25.90 16.86
C ARG A 505 6.82 -27.38 17.02
N ASN A 506 7.02 -28.07 15.90
CA ASN A 506 7.25 -29.52 15.95
C ASN A 506 8.61 -29.85 16.58
N HIS A 507 9.59 -28.98 16.44
CA HIS A 507 10.92 -29.24 16.99
C HIS A 507 11.14 -28.61 18.35
N GLY A 508 10.10 -28.04 18.95
CA GLY A 508 10.19 -27.48 20.28
C GLY A 508 11.19 -26.36 20.45
N LEU A 509 11.30 -25.49 19.43
CA LEU A 509 12.32 -24.44 19.41
C LEU A 509 11.78 -23.07 19.83
N TYR A 510 10.58 -23.02 20.39
CA TYR A 510 9.96 -21.77 20.82
C TYR A 510 10.25 -21.48 22.28
N VAL A 511 10.28 -20.19 22.63
CA VAL A 511 10.25 -19.80 24.04
C VAL A 511 8.99 -20.37 24.67
N LYS A 512 9.09 -20.82 25.91
CA LYS A 512 8.00 -21.52 26.57
C LYS A 512 7.56 -20.76 27.82
N THR A 513 6.38 -21.11 28.31
CA THR A 513 5.88 -20.61 29.58
C THR A 513 6.16 -21.66 30.66
N ARG A 514 5.85 -21.33 31.91
CA ARG A 514 6.20 -22.23 33.00
C ARG A 514 5.44 -23.55 32.92
N ASP A 515 4.25 -23.56 32.31
CA ASP A 515 3.51 -24.82 32.19
C ASP A 515 3.93 -25.64 30.98
N GLY A 516 4.99 -25.26 30.29
CA GLY A 516 5.52 -26.04 29.20
C GLY A 516 4.91 -25.79 27.83
N SER A 517 3.98 -24.85 27.71
CA SER A 517 3.42 -24.57 26.41
C SER A 517 4.21 -23.44 25.73
N ASP A 518 4.11 -23.39 24.40
CA ASP A 518 4.82 -22.37 23.65
C ASP A 518 4.23 -21.00 23.95
N TYR A 519 5.10 -20.03 24.21
CA TYR A 519 4.65 -18.67 24.50
C TYR A 519 4.00 -18.06 23.28
N GLU A 520 2.88 -17.37 23.49
CA GLU A 520 2.19 -16.68 22.41
C GLU A 520 1.91 -15.25 22.83
N GLY A 521 2.34 -14.30 21.99
CA GLY A 521 2.03 -12.90 22.20
C GLY A 521 1.44 -12.28 20.95
N TRP A 522 1.35 -10.95 20.92
CA TRP A 522 0.74 -10.24 19.79
C TRP A 522 1.79 -9.34 19.16
N CYS A 523 1.90 -9.42 17.83
CA CYS A 523 2.78 -8.50 17.08
C CYS A 523 2.14 -8.26 15.71
N TRP A 524 2.95 -7.88 14.72
CA TRP A 524 2.42 -7.51 13.41
C TRP A 524 1.48 -8.53 12.76
N PRO A 525 1.75 -9.84 12.77
CA PRO A 525 0.80 -10.78 12.15
C PRO A 525 -0.35 -11.19 13.05
N GLY A 526 -0.57 -10.49 14.16
CA GLY A 526 -1.52 -10.93 15.15
C GLY A 526 -0.86 -11.83 16.18
N SER A 527 -1.52 -12.93 16.52
CA SER A 527 -0.94 -13.86 17.48
C SER A 527 0.32 -14.50 16.92
N ALA A 528 1.39 -14.53 17.71
CA ALA A 528 2.69 -14.96 17.23
C ALA A 528 3.49 -15.58 18.36
N SER A 529 4.36 -16.51 18.00
CA SER A 529 5.29 -17.11 18.95
C SER A 529 6.71 -16.65 18.67
N TYR A 530 7.60 -16.93 19.62
CA TYR A 530 8.94 -16.35 19.64
C TYR A 530 9.98 -17.46 19.71
N PRO A 531 10.77 -17.66 18.67
CA PRO A 531 11.83 -18.69 18.72
C PRO A 531 12.83 -18.36 19.82
N ASP A 532 13.33 -19.41 20.47
CA ASP A 532 14.29 -19.26 21.55
C ASP A 532 15.68 -19.12 20.94
N PHE A 533 16.05 -17.88 20.60
CA PHE A 533 17.35 -17.63 20.00
C PHE A 533 18.51 -17.84 20.97
N THR A 534 18.26 -18.02 22.27
CA THR A 534 19.34 -18.43 23.18
C THR A 534 19.71 -19.89 22.97
N ASN A 535 18.89 -20.66 22.27
CA ASN A 535 19.16 -22.07 22.02
C ASN A 535 20.04 -22.19 20.79
N PRO A 536 21.24 -22.79 20.88
CA PRO A 536 22.10 -22.88 19.70
C PRO A 536 21.48 -23.69 18.58
N ARG A 537 20.64 -24.67 18.90
CA ARG A 537 19.97 -25.43 17.86
C ARG A 537 18.97 -24.57 17.11
N MET A 538 18.32 -23.63 17.81
CA MET A 538 17.42 -22.70 17.13
CA MET A 538 17.42 -22.70 17.13
C MET A 538 18.18 -21.76 16.21
N ARG A 539 19.32 -21.23 16.67
CA ARG A 539 20.10 -20.33 15.82
C ARG A 539 20.61 -21.04 14.58
N ALA A 540 20.96 -22.33 14.70
CA ALA A 540 21.39 -23.09 13.53
C ALA A 540 20.23 -23.27 12.55
N TRP A 541 19.03 -23.54 13.06
CA TRP A 541 17.86 -23.62 12.20
C TRP A 541 17.63 -22.30 11.48
N TRP A 542 17.70 -21.18 12.21
CA TRP A 542 17.51 -19.87 11.63
C TRP A 542 18.51 -19.61 10.51
N SER A 543 19.79 -19.88 10.78
CA SER A 543 20.82 -19.66 9.78
CA SER A 543 20.82 -19.66 9.78
C SER A 543 20.58 -20.50 8.53
N ASN A 544 20.20 -21.77 8.72
CA ASN A 544 19.95 -22.62 7.55
C ASN A 544 18.73 -22.16 6.76
N MET A 545 17.79 -21.45 7.39
CA MET A 545 16.61 -20.97 6.69
C MET A 545 16.96 -19.93 5.63
N PHE A 546 18.11 -19.28 5.73
CA PHE A 546 18.53 -18.30 4.74
C PHE A 546 19.21 -18.92 3.54
N SER A 547 19.28 -20.25 3.46
CA SER A 547 19.79 -20.86 2.25
C SER A 547 18.88 -20.50 1.07
N PHE A 548 19.45 -20.45 -0.13
CA PHE A 548 18.67 -20.09 -1.30
C PHE A 548 17.58 -21.13 -1.60
N ASP A 549 17.74 -22.37 -1.12
CA ASP A 549 16.69 -23.37 -1.29
C ASP A 549 15.57 -23.18 -0.29
N ASN A 550 15.86 -22.71 0.92
CA ASN A 550 14.84 -22.58 1.94
C ASN A 550 14.12 -21.23 1.86
N TYR A 551 14.88 -20.14 1.69
CA TYR A 551 14.30 -18.81 1.55
C TYR A 551 14.04 -18.59 0.07
N GLU A 552 12.95 -19.18 -0.40
CA GLU A 552 12.63 -19.11 -1.82
C GLU A 552 12.36 -17.68 -2.24
N GLY A 553 12.89 -17.30 -3.39
CA GLY A 553 12.82 -15.95 -3.88
C GLY A 553 13.99 -15.06 -3.50
N SER A 554 14.89 -15.53 -2.65
CA SER A 554 16.08 -14.75 -2.31
C SER A 554 17.21 -15.04 -3.30
N ALA A 555 18.18 -14.14 -3.33
CA ALA A 555 19.29 -14.18 -4.26
C ALA A 555 20.49 -13.54 -3.58
N PRO A 556 21.69 -13.67 -4.15
CA PRO A 556 22.89 -13.12 -3.48
C PRO A 556 22.86 -11.62 -3.25
N ASN A 557 22.07 -10.84 -4.00
CA ASN A 557 21.99 -9.40 -3.75
C ASN A 557 20.82 -9.03 -2.83
N LEU A 558 20.24 -9.99 -2.11
CA LEU A 558 19.23 -9.72 -1.10
C LEU A 558 19.85 -9.84 0.29
N TYR A 559 19.73 -8.78 1.10
CA TYR A 559 20.26 -8.75 2.46
C TYR A 559 19.10 -8.52 3.43
N VAL A 560 19.39 -8.44 4.73
CA VAL A 560 18.37 -8.65 5.75
C VAL A 560 18.35 -7.54 6.79
N TRP A 561 17.15 -7.26 7.28
CA TRP A 561 16.90 -6.28 8.34
C TRP A 561 16.14 -7.00 9.45
N ASN A 562 16.74 -7.07 10.64
CA ASN A 562 16.09 -7.65 11.81
C ASN A 562 15.50 -6.53 12.64
N ASP A 563 14.19 -6.53 12.82
CA ASP A 563 13.50 -5.51 13.59
C ASP A 563 12.71 -6.16 14.71
N MET A 564 12.30 -5.34 15.68
CA MET A 564 11.41 -5.79 16.76
C MET A 564 12.04 -6.90 17.59
N ASN A 565 13.37 -6.97 17.65
CA ASN A 565 14.04 -8.11 18.27
C ASN A 565 14.45 -7.82 19.72
N GLU A 566 13.75 -6.90 20.38
CA GLU A 566 14.00 -6.65 21.80
C GLU A 566 13.76 -7.86 22.70
N PRO A 567 12.73 -8.70 22.51
CA PRO A 567 11.66 -8.73 21.49
C PRO A 567 10.49 -7.83 21.83
N SER A 568 9.87 -7.25 20.81
CA SER A 568 8.67 -6.47 21.00
C SER A 568 7.46 -7.40 21.04
N VAL A 569 6.63 -7.25 22.08
CA VAL A 569 5.41 -8.03 22.27
C VAL A 569 4.31 -7.04 22.64
N PHE A 570 3.36 -6.82 21.73
CA PHE A 570 2.43 -5.71 21.88
C PHE A 570 1.55 -5.84 23.12
N ASN A 571 1.20 -7.07 23.51
CA ASN A 571 0.38 -7.30 24.69
C ASN A 571 1.21 -7.77 25.88
N GLY A 572 2.52 -7.57 25.85
CA GLY A 572 3.37 -7.95 26.95
C GLY A 572 3.65 -6.78 27.88
N PRO A 573 4.17 -7.08 29.07
CA PRO A 573 4.54 -6.01 30.01
C PRO A 573 5.66 -5.15 29.42
N GLU A 574 5.46 -3.84 29.44
CA GLU A 574 6.39 -2.88 28.85
C GLU A 574 6.65 -3.20 27.37
N VAL A 575 5.66 -3.79 26.71
CA VAL A 575 5.68 -4.14 25.29
C VAL A 575 6.79 -5.16 25.00
N THR A 576 7.07 -6.04 25.94
CA THR A 576 8.07 -7.08 25.69
C THR A 576 7.63 -8.39 26.37
N MET A 577 8.55 -9.35 26.35
CA MET A 577 8.28 -10.71 26.84
CA MET A 577 8.25 -10.70 26.83
C MET A 577 8.15 -10.73 28.35
N LEU A 578 7.29 -11.63 28.85
CA LEU A 578 7.15 -11.84 30.28
C LEU A 578 8.46 -12.28 30.90
N LYS A 579 8.74 -11.76 32.11
CA LYS A 579 9.99 -12.08 32.82
C LYS A 579 10.11 -13.57 33.12
N ASP A 580 9.00 -14.27 33.31
CA ASP A 580 9.05 -15.65 33.75
C ASP A 580 8.84 -16.65 32.61
N ALA A 581 8.94 -16.20 31.36
CA ALA A 581 9.05 -17.16 30.26
C ALA A 581 10.36 -17.92 30.40
N VAL A 582 10.42 -19.10 29.79
CA VAL A 582 11.51 -20.04 30.05
C VAL A 582 12.25 -20.31 28.75
N HIS A 583 13.57 -20.29 28.81
CA HIS A 583 14.45 -20.46 27.67
C HIS A 583 15.27 -21.74 27.83
N TYR A 584 16.09 -22.00 26.81
CA TYR A 584 16.99 -23.14 26.77
C TYR A 584 17.78 -23.26 28.08
N GLY A 585 17.84 -24.48 28.60
CA GLY A 585 18.50 -24.72 29.87
C GLY A 585 17.74 -24.29 31.10
N GLY A 586 16.47 -23.91 30.96
CA GLY A 586 15.69 -23.51 32.10
C GLY A 586 15.89 -22.09 32.57
N TRP A 587 16.74 -21.31 31.92
CA TRP A 587 16.92 -19.93 32.36
C TRP A 587 15.65 -19.13 32.10
N GLU A 588 15.41 -18.15 32.97
CA GLU A 588 14.24 -17.29 32.83
C GLU A 588 14.52 -16.19 31.83
N HIS A 589 13.45 -15.64 31.26
CA HIS A 589 13.62 -14.55 30.32
C HIS A 589 14.26 -13.33 30.98
N ARG A 590 13.98 -13.11 32.27
CA ARG A 590 14.61 -12.01 32.99
C ARG A 590 16.13 -12.16 33.04
N ASP A 591 16.64 -13.40 32.90
CA ASP A 591 18.08 -13.63 32.94
C ASP A 591 18.79 -13.22 31.66
N ILE A 592 18.12 -13.37 30.51
CA ILE A 592 18.79 -13.31 29.21
C ILE A 592 18.37 -12.11 28.39
N HIS A 593 17.43 -11.28 28.89
CA HIS A 593 16.66 -10.38 28.03
C HIS A 593 17.52 -9.59 27.06
N ASN A 594 18.58 -8.97 27.56
CA ASN A 594 19.31 -8.00 26.75
C ASN A 594 20.19 -8.62 25.68
N ILE A 595 20.33 -9.95 25.62
CA ILE A 595 21.06 -10.58 24.53
C ILE A 595 20.15 -11.32 23.56
N TYR A 596 18.83 -11.26 23.76
CA TYR A 596 17.92 -11.92 22.82
C TYR A 596 18.08 -11.33 21.42
N GLY A 597 18.10 -10.00 21.31
CA GLY A 597 18.27 -9.38 20.00
C GLY A 597 19.62 -9.68 19.38
N LEU A 598 20.68 -9.65 20.18
CA LEU A 598 22.01 -9.98 19.67
C LEU A 598 22.03 -11.35 19.05
N TYR A 599 21.39 -12.33 19.69
CA TYR A 599 21.31 -13.67 19.13
C TYR A 599 20.56 -13.68 17.81
N VAL A 600 19.52 -12.86 17.66
CA VAL A 600 18.83 -12.75 16.38
C VAL A 600 19.78 -12.21 15.32
N HIS A 601 20.44 -11.09 15.62
CA HIS A 601 21.41 -10.47 14.74
C HIS A 601 22.49 -11.47 14.33
N MET A 602 23.01 -12.21 15.31
CA MET A 602 24.10 -13.16 15.06
C MET A 602 23.66 -14.27 14.12
N ALA A 603 22.49 -14.87 14.39
CA ALA A 603 22.04 -16.00 13.59
C ALA A 603 21.70 -15.60 12.17
N THR A 604 21.17 -14.39 11.99
CA THR A 604 20.87 -13.90 10.64
C THR A 604 22.17 -13.67 9.86
N ALA A 605 23.15 -13.00 10.49
CA ALA A 605 24.42 -12.76 9.83
C ALA A 605 25.09 -14.08 9.44
N ASP A 606 25.08 -15.06 10.34
CA ASP A 606 25.64 -16.37 10.00
C ASP A 606 24.88 -17.01 8.85
N GLY A 607 23.57 -16.79 8.77
CA GLY A 607 22.79 -17.32 7.66
C GLY A 607 23.21 -16.78 6.32
N LEU A 608 23.50 -15.47 6.26
CA LEU A 608 23.94 -14.87 5.00
C LEU A 608 25.34 -15.34 4.62
N ILE A 609 26.19 -15.63 5.61
CA ILE A 609 27.50 -16.19 5.31
C ILE A 609 27.36 -17.62 4.80
N GLN A 610 26.58 -18.43 5.51
CA GLN A 610 26.47 -19.86 5.18
C GLN A 610 25.84 -20.07 3.82
N ARG A 611 24.82 -19.27 3.47
CA ARG A 611 24.14 -19.46 2.19
C ARG A 611 25.08 -19.30 1.02
N SER A 612 26.19 -18.61 1.20
CA SER A 612 27.17 -18.38 0.15
C SER A 612 28.31 -19.37 0.19
N GLY A 613 28.26 -20.37 1.07
CA GLY A 613 29.39 -21.25 1.27
C GLY A 613 30.52 -20.66 2.07
N GLY A 614 30.25 -19.64 2.89
CA GLY A 614 31.25 -19.01 3.71
C GLY A 614 32.08 -17.93 3.05
N ILE A 615 31.68 -17.46 1.88
CA ILE A 615 32.49 -16.54 1.10
C ILE A 615 32.03 -15.09 1.25
N GLU A 616 30.72 -14.84 1.23
CA GLU A 616 30.21 -13.48 1.17
C GLU A 616 30.11 -12.88 2.56
N ARG A 617 30.53 -11.62 2.69
CA ARG A 617 30.33 -10.91 3.95
C ARG A 617 28.85 -10.54 4.09
N PRO A 618 28.30 -10.57 5.30
CA PRO A 618 26.89 -10.28 5.48
C PRO A 618 26.62 -8.78 5.57
N PHE A 619 25.34 -8.43 5.41
CA PHE A 619 24.84 -7.15 5.89
C PHE A 619 23.52 -7.40 6.61
N VAL A 620 23.49 -7.09 7.90
CA VAL A 620 22.27 -7.20 8.69
C VAL A 620 22.15 -5.95 9.54
N LEU A 621 21.04 -5.23 9.40
CA LEU A 621 20.68 -4.16 10.32
C LEU A 621 19.81 -4.73 11.44
N SER A 622 20.09 -4.33 12.67
CA SER A 622 19.36 -4.81 13.84
C SER A 622 18.95 -3.62 14.70
N ARG A 623 17.77 -3.74 15.34
CA ARG A 623 17.30 -2.67 16.22
C ARG A 623 17.76 -2.86 17.66
N ALA A 624 17.58 -4.04 18.21
CA ALA A 624 18.08 -4.35 19.53
C ALA A 624 19.53 -4.80 19.44
N PHE A 625 20.29 -4.58 20.49
CA PHE A 625 21.70 -4.94 20.48
C PHE A 625 22.22 -5.02 21.91
N PHE A 626 23.43 -5.55 22.03
CA PHE A 626 24.13 -5.71 23.30
C PHE A 626 25.62 -5.56 23.03
N SER A 627 26.44 -5.61 24.09
CA SER A 627 27.88 -5.77 23.91
C SER A 627 28.15 -6.94 22.98
N GLY A 628 29.00 -6.72 21.97
CA GLY A 628 29.32 -7.72 20.98
C GLY A 628 28.54 -7.62 19.69
N SER A 629 27.46 -6.84 19.66
CA SER A 629 26.67 -6.72 18.44
C SER A 629 27.45 -6.09 17.29
N GLN A 630 28.54 -5.36 17.58
CA GLN A 630 29.37 -4.82 16.52
C GLN A 630 29.90 -5.90 15.59
N ARG A 631 29.97 -7.15 16.06
CA ARG A 631 30.48 -8.24 15.24
C ARG A 631 29.53 -8.68 14.14
N PHE A 632 28.28 -8.22 14.14
CA PHE A 632 27.26 -8.79 13.27
C PHE A 632 26.63 -7.82 12.29
N GLY A 633 26.99 -6.54 12.34
CA GLY A 633 26.51 -5.61 11.34
C GLY A 633 26.24 -4.22 11.86
N ALA A 634 25.09 -3.67 11.49
CA ALA A 634 24.74 -2.28 11.74
C ALA A 634 23.58 -2.20 12.72
N VAL A 635 23.43 -1.01 13.32
CA VAL A 635 22.28 -0.68 14.14
C VAL A 635 21.81 0.72 13.77
N TRP A 636 20.57 1.03 14.16
CA TRP A 636 20.07 2.38 14.00
C TRP A 636 19.20 2.73 15.21
N THR A 637 18.95 4.02 15.39
CA THR A 637 18.33 4.51 16.61
C THR A 637 16.79 4.43 16.59
N GLY A 638 16.21 3.54 15.77
CA GLY A 638 14.79 3.28 15.88
C GLY A 638 13.91 4.38 15.31
N ASP A 639 12.74 4.54 15.91
CA ASP A 639 11.68 5.39 15.37
C ASP A 639 11.83 6.81 15.91
N ASN A 640 12.66 7.59 15.24
CA ASN A 640 12.79 9.01 15.54
C ASN A 640 11.64 9.78 14.86
N THR A 641 11.68 11.10 14.93
CA THR A 641 10.59 11.94 14.44
C THR A 641 11.17 13.03 13.56
N ALA A 642 10.40 13.43 12.54
CA ALA A 642 10.81 14.46 11.60
C ALA A 642 10.83 15.84 12.25
N GLU A 643 11.75 16.08 13.18
CA GLU A 643 11.84 17.37 13.85
C GLU A 643 13.31 17.74 14.02
N TRP A 644 13.56 19.04 14.16
CA TRP A 644 14.95 19.53 14.14
C TRP A 644 15.76 19.00 15.31
N ASP A 645 15.14 18.83 16.48
CA ASP A 645 15.88 18.35 17.64
CA ASP A 645 15.89 18.35 17.63
C ASP A 645 16.21 16.86 17.52
N HIS A 646 15.39 16.11 16.76
CA HIS A 646 15.75 14.71 16.50
C HIS A 646 16.91 14.63 15.52
N LEU A 647 16.97 15.56 14.55
CA LEU A 647 18.16 15.66 13.71
C LEU A 647 19.41 15.91 14.54
N LYS A 648 19.32 16.85 15.49
CA LYS A 648 20.48 17.18 16.32
C LYS A 648 20.95 15.98 17.13
N ILE A 649 20.02 15.25 17.73
CA ILE A 649 20.38 14.21 18.70
C ILE A 649 20.98 12.98 18.05
N SER A 650 20.92 12.86 16.72
CA SER A 650 21.54 11.71 16.08
C SER A 650 23.04 11.68 16.32
N ILE A 651 23.68 12.84 16.47
CA ILE A 651 25.12 12.88 16.72
C ILE A 651 25.43 12.29 18.09
N PRO A 652 24.88 12.79 19.21
CA PRO A 652 25.22 12.19 20.51
C PRO A 652 24.80 10.74 20.62
N MET A 653 23.71 10.33 19.98
CA MET A 653 23.31 8.92 20.08
C MET A 653 24.29 8.01 19.35
N CYS A 654 24.69 8.37 18.12
CA CYS A 654 25.64 7.51 17.42
C CYS A 654 27.04 7.64 18.00
N LEU A 655 27.37 8.79 18.60
CA LEU A 655 28.66 8.92 19.28
C LEU A 655 28.74 8.03 20.51
N SER A 656 27.64 7.94 21.28
CA SER A 656 27.66 7.08 22.45
C SER A 656 27.78 5.62 22.06
N LEU A 657 27.21 5.25 20.91
CA LEU A 657 27.38 3.89 20.40
C LEU A 657 28.80 3.67 19.87
N ALA A 658 29.35 4.66 19.18
CA ALA A 658 30.72 4.55 18.68
C ALA A 658 31.71 4.31 19.81
N LEU A 659 31.52 4.99 20.94
CA LEU A 659 32.48 4.86 22.04
C LEU A 659 32.50 3.46 22.61
N VAL A 660 31.39 2.72 22.51
CA VAL A 660 31.30 1.38 23.07
C VAL A 660 31.37 0.32 21.98
N GLY A 661 31.96 0.65 20.83
CA GLY A 661 32.32 -0.34 19.84
C GLY A 661 31.35 -0.50 18.69
N LEU A 662 30.16 0.10 18.75
CA LEU A 662 29.19 -0.05 17.65
C LEU A 662 29.40 1.10 16.68
N SER A 663 30.32 0.93 15.75
CA SER A 663 30.70 1.99 14.82
C SER A 663 29.74 2.14 13.65
N PHE A 664 28.90 1.14 13.39
CA PHE A 664 28.05 1.12 12.18
C PHE A 664 26.65 1.56 12.60
N CYS A 665 26.50 2.87 12.84
CA CYS A 665 25.32 3.46 13.47
C CYS A 665 24.74 4.55 12.58
N GLY A 666 23.44 4.77 12.72
CA GLY A 666 22.76 5.84 12.01
C GLY A 666 21.38 6.07 12.56
N ALA A 667 20.73 7.10 12.03
CA ALA A 667 19.34 7.43 12.35
C ALA A 667 18.58 7.63 11.06
N ASP A 668 17.27 7.37 11.09
CA ASP A 668 16.43 7.52 9.90
C ASP A 668 16.53 8.94 9.35
N VAL A 669 17.00 9.05 8.11
CA VAL A 669 17.16 10.34 7.44
C VAL A 669 15.79 10.88 7.08
N GLY A 670 15.47 12.07 7.60
CA GLY A 670 14.16 12.66 7.45
C GLY A 670 13.26 12.42 8.64
N GLY A 671 13.61 11.49 9.53
CA GLY A 671 12.75 11.13 10.65
C GLY A 671 11.74 10.08 10.25
N PHE A 672 11.47 9.12 11.13
CA PHE A 672 10.51 8.07 10.82
C PHE A 672 9.08 8.61 10.89
N PHE A 673 8.69 9.20 12.02
CA PHE A 673 7.35 9.76 12.20
C PHE A 673 7.24 11.15 11.56
N LYS A 674 6.06 11.43 11.02
CA LYS A 674 5.66 12.76 10.53
C LYS A 674 6.37 13.13 9.23
N ASN A 675 6.01 14.28 8.67
CA ASN A 675 6.53 14.73 7.39
C ASN A 675 7.51 15.87 7.60
N PRO A 676 8.77 15.75 7.19
CA PRO A 676 9.70 16.85 7.35
C PRO A 676 9.47 17.91 6.29
N GLU A 677 9.58 19.17 6.69
CA GLU A 677 9.63 20.26 5.72
C GLU A 677 10.88 20.09 4.85
N PRO A 678 10.83 20.55 3.60
CA PRO A 678 11.96 20.28 2.68
C PRO A 678 13.32 20.75 3.20
N GLU A 679 13.37 21.90 3.88
CA GLU A 679 14.65 22.37 4.41
C GLU A 679 15.20 21.40 5.45
N LEU A 680 14.33 20.85 6.29
CA LEU A 680 14.77 19.86 7.26
C LEU A 680 15.29 18.60 6.57
N LEU A 681 14.61 18.16 5.50
CA LEU A 681 15.03 16.95 4.80
C LEU A 681 16.40 17.15 4.14
N VAL A 682 16.63 18.33 3.56
CA VAL A 682 17.96 18.63 3.02
C VAL A 682 19.01 18.53 4.11
N ARG A 683 18.79 19.19 5.25
CA ARG A 683 19.77 19.17 6.34
C ARG A 683 19.99 17.76 6.88
N TRP A 684 18.96 16.92 6.85
CA TRP A 684 19.13 15.56 7.34
C TRP A 684 19.93 14.72 6.35
N TYR A 685 19.77 14.95 5.05
CA TYR A 685 20.62 14.27 4.07
C TYR A 685 22.08 14.67 4.25
N GLN A 686 22.34 15.95 4.49
CA GLN A 686 23.71 16.41 4.71
C GLN A 686 24.29 15.80 5.98
N MET A 687 23.49 15.76 7.06
CA MET A 687 23.91 15.10 8.29
C MET A 687 24.14 13.61 8.07
N GLY A 688 23.17 12.94 7.43
CA GLY A 688 23.28 11.51 7.22
C GLY A 688 24.41 11.11 6.30
N ALA A 689 24.70 11.94 5.29
CA ALA A 689 25.81 11.64 4.38
C ALA A 689 27.15 11.51 5.10
N TYR A 690 27.28 12.08 6.31
CA TYR A 690 28.52 12.02 7.06
C TYR A 690 28.39 11.19 8.33
N GLN A 691 27.41 10.29 8.39
CA GLN A 691 27.27 9.32 9.47
C GLN A 691 27.38 7.90 8.91
N PRO A 692 27.78 6.93 9.74
CA PRO A 692 28.19 5.62 9.19
C PRO A 692 27.10 4.86 8.44
N PHE A 693 25.92 4.68 9.03
CA PHE A 693 24.81 4.00 8.35
C PHE A 693 23.85 5.05 7.81
N PHE A 694 23.68 5.07 6.49
CA PHE A 694 23.07 6.19 5.78
C PHE A 694 21.79 5.71 5.07
N ARG A 695 20.65 5.79 5.77
CA ARG A 695 19.39 5.28 5.25
C ARG A 695 18.26 6.26 5.47
N ALA A 696 17.55 6.60 4.40
CA ALA A 696 16.28 7.33 4.51
C ALA A 696 15.16 6.33 4.76
N HIS A 697 14.29 6.63 5.73
CA HIS A 697 13.21 5.72 6.09
C HIS A 697 12.04 6.55 6.60
N ALA A 698 10.83 5.97 6.55
CA ALA A 698 9.63 6.75 6.82
C ALA A 698 8.45 5.84 7.17
N HIS A 699 7.55 6.39 7.97
CA HIS A 699 6.37 5.70 8.49
C HIS A 699 5.32 5.51 7.38
N LEU A 700 4.45 4.52 7.60
CA LEU A 700 3.48 4.10 6.58
C LEU A 700 2.61 5.25 6.09
N ASP A 701 2.27 6.19 6.96
CA ASP A 701 1.29 7.22 6.64
C ASP A 701 1.94 8.55 6.26
N THR A 702 3.26 8.60 6.14
CA THR A 702 3.92 9.80 5.66
C THR A 702 3.77 9.93 4.15
N GLY A 703 3.93 11.16 3.66
CA GLY A 703 4.05 11.36 2.23
C GLY A 703 5.34 10.80 1.68
N ARG A 704 5.32 10.42 0.40
CA ARG A 704 6.51 9.94 -0.27
C ARG A 704 7.58 11.02 -0.28
N ARG A 705 8.81 10.66 0.07
CA ARG A 705 9.88 11.65 0.09
C ARG A 705 11.16 11.11 -0.52
N GLU A 706 11.06 10.34 -1.59
CA GLU A 706 12.23 10.08 -2.41
C GLU A 706 12.82 11.42 -2.85
N PRO A 707 14.15 11.56 -2.88
CA PRO A 707 14.75 12.91 -2.91
C PRO A 707 14.48 13.70 -4.19
N TRP A 708 14.03 13.05 -5.28
CA TRP A 708 13.71 13.80 -6.49
C TRP A 708 12.29 14.34 -6.52
N LEU A 709 11.50 14.10 -5.47
CA LEU A 709 10.15 14.64 -5.42
C LEU A 709 10.10 16.07 -4.92
N LEU A 710 11.24 16.66 -4.56
CA LEU A 710 11.32 18.01 -4.04
C LEU A 710 11.63 19.02 -5.15
N ALA A 711 11.43 20.29 -4.82
CA ALA A 711 11.78 21.37 -5.73
C ALA A 711 13.27 21.33 -6.05
N SER A 712 13.64 21.90 -7.20
CA SER A 712 14.97 21.68 -7.77
C SER A 712 16.07 22.14 -6.82
N GLN A 713 15.86 23.26 -6.12
CA GLN A 713 16.92 23.75 -5.22
C GLN A 713 17.16 22.79 -4.06
N TYR A 714 16.12 22.09 -3.62
CA TYR A 714 16.32 21.09 -2.57
C TYR A 714 16.91 19.80 -3.14
N GLN A 715 16.47 19.40 -4.34
CA GLN A 715 17.06 18.26 -5.04
C GLN A 715 18.56 18.44 -5.22
N ASP A 716 18.98 19.63 -5.65
CA ASP A 716 20.38 19.87 -5.95
C ASP A 716 21.24 19.77 -4.69
N ALA A 717 20.76 20.32 -3.57
CA ALA A 717 21.52 20.21 -2.33
C ALA A 717 21.62 18.77 -1.86
N ILE A 718 20.54 18.00 -2.04
CA ILE A 718 20.56 16.59 -1.64
C ILE A 718 21.48 15.78 -2.56
N ARG A 719 21.42 16.04 -3.86
CA ARG A 719 22.32 15.36 -4.79
C ARG A 719 23.78 15.65 -4.43
N ASP A 720 24.08 16.90 -4.08
CA ASP A 720 25.44 17.25 -3.68
C ASP A 720 25.88 16.48 -2.44
N ALA A 721 24.99 16.30 -1.47
CA ALA A 721 25.34 15.52 -0.29
C ALA A 721 25.58 14.06 -0.65
N LEU A 722 24.80 13.51 -1.59
CA LEU A 722 25.00 12.13 -2.00
C LEU A 722 26.32 11.96 -2.73
N PHE A 723 26.68 12.94 -3.57
CA PHE A 723 27.96 12.88 -4.29
C PHE A 723 29.14 12.96 -3.32
N GLN A 724 29.05 13.82 -2.30
CA GLN A 724 30.12 13.90 -1.31
C GLN A 724 30.31 12.55 -0.61
N ARG A 725 29.20 11.89 -0.25
CA ARG A 725 29.29 10.60 0.42
C ARG A 725 29.94 9.56 -0.47
N TYR A 726 29.50 9.47 -1.72
CA TYR A 726 30.04 8.45 -2.61
C TYR A 726 31.51 8.72 -2.94
N SER A 727 31.90 9.99 -3.07
CA SER A 727 33.30 10.32 -3.32
C SER A 727 34.19 9.89 -2.16
N LEU A 728 33.65 9.89 -0.94
CA LEU A 728 34.44 9.58 0.25
C LEU A 728 34.43 8.10 0.61
N LEU A 729 33.79 7.24 -0.18
CA LEU A 729 33.74 5.82 0.14
C LEU A 729 35.11 5.18 0.38
N PRO A 730 36.17 5.49 -0.36
CA PRO A 730 37.49 4.91 -0.01
C PRO A 730 37.94 5.29 1.39
N PHE A 731 37.63 6.51 1.81
CA PHE A 731 37.93 6.98 3.16
C PHE A 731 37.08 6.22 4.19
N TRP A 732 35.76 6.18 3.98
CA TRP A 732 34.88 5.43 4.86
C TRP A 732 35.34 3.98 5.00
N TYR A 733 35.67 3.34 3.87
CA TYR A 733 36.04 1.93 3.88
C TYR A 733 37.32 1.70 4.67
N THR A 734 38.28 2.61 4.56
CA THR A 734 39.53 2.48 5.31
C THR A 734 39.32 2.69 6.80
N LEU A 735 38.48 3.67 7.18
CA LEU A 735 38.16 3.85 8.59
C LEU A 735 37.50 2.60 9.17
N PHE A 736 36.62 1.96 8.40
CA PHE A 736 35.98 0.75 8.89
C PHE A 736 36.95 -0.43 8.93
N TYR A 737 37.92 -0.47 8.03
CA TYR A 737 38.95 -1.52 8.14
C TYR A 737 39.78 -1.33 9.40
N GLN A 738 40.16 -0.08 9.71
CA GLN A 738 40.87 0.20 10.96
C GLN A 738 40.01 -0.13 12.17
N ALA A 739 38.71 0.15 12.11
CA ALA A 739 37.82 -0.27 13.20
C ALA A 739 37.83 -1.78 13.34
N HIS A 740 37.79 -2.49 12.21
CA HIS A 740 37.74 -3.96 12.23
C HIS A 740 39.03 -4.55 12.79
N LYS A 741 40.18 -3.94 12.48
CA LYS A 741 41.45 -4.50 12.91
C LYS A 741 41.85 -4.07 14.32
N GLU A 742 41.55 -2.82 14.69
CA GLU A 742 42.04 -2.26 15.95
C GLU A 742 40.95 -2.00 16.98
N GLY A 743 39.68 -1.91 16.57
CA GLY A 743 38.64 -1.53 17.50
C GLY A 743 38.49 -0.04 17.70
N PHE A 744 39.03 0.77 16.80
CA PHE A 744 38.91 2.23 16.92
C PHE A 744 37.61 2.71 16.28
N PRO A 745 36.84 3.57 16.94
CA PRO A 745 35.57 4.01 16.36
C PRO A 745 35.76 4.85 15.10
N VAL A 746 34.78 4.73 14.19
CA VAL A 746 34.82 5.48 12.94
C VAL A 746 34.43 6.93 13.19
N MET A 747 33.27 7.14 13.78
CA MET A 747 32.79 8.47 14.14
C MET A 747 33.19 8.75 15.58
N ARG A 748 33.79 9.91 15.83
CA ARG A 748 34.44 10.15 17.12
C ARG A 748 34.08 11.51 17.71
N PRO A 749 33.91 11.58 19.03
CA PRO A 749 33.83 12.88 19.70
C PRO A 749 35.16 13.62 19.58
N LEU A 750 35.08 14.95 19.60
CA LEU A 750 36.31 15.74 19.52
C LEU A 750 37.27 15.43 20.66
N TRP A 751 36.74 15.09 21.85
CA TRP A 751 37.63 14.85 22.99
C TRP A 751 38.46 13.58 22.82
N VAL A 752 38.06 12.68 21.92
CA VAL A 752 38.88 11.50 21.64
C VAL A 752 40.16 11.92 20.95
N GLN A 753 40.08 12.90 20.05
CA GLN A 753 41.27 13.39 19.35
C GLN A 753 42.01 14.48 20.11
N TYR A 754 41.34 15.15 21.06
CA TYR A 754 41.93 16.25 21.82
C TYR A 754 41.65 16.03 23.30
N PRO A 755 42.26 14.99 23.88
CA PRO A 755 41.90 14.59 25.26
C PRO A 755 42.28 15.62 26.31
N GLU A 756 43.12 16.60 25.99
CA GLU A 756 43.52 17.61 26.97
C GLU A 756 42.77 18.92 26.80
N ASP A 757 41.95 19.06 25.76
CA ASP A 757 41.16 20.28 25.55
C ASP A 757 39.83 20.11 26.25
N MET A 758 39.73 20.63 27.48
CA MET A 758 38.54 20.45 28.30
C MET A 758 37.31 21.07 27.67
N SER A 759 37.46 22.04 26.79
CA SER A 759 36.30 22.62 26.14
C SER A 759 35.66 21.71 25.10
N THR A 760 36.23 20.52 24.83
CA THR A 760 35.62 19.58 23.90
C THR A 760 34.86 18.46 24.61
N PHE A 761 34.94 18.40 25.95
CA PHE A 761 34.48 17.21 26.66
C PHE A 761 32.98 16.99 26.55
N SER A 762 32.20 18.01 26.21
CA SER A 762 30.76 17.88 26.09
C SER A 762 30.23 18.14 24.68
N ILE A 763 31.09 18.47 23.72
CA ILE A 763 30.62 18.86 22.39
C ILE A 763 29.85 17.72 21.74
N GLU A 764 28.67 18.03 21.20
CA GLU A 764 27.85 17.05 20.52
C GLU A 764 27.12 17.64 19.32
N ASP A 765 27.46 18.84 18.89
CA ASP A 765 27.01 19.36 17.60
C ASP A 765 28.10 19.28 16.55
N GLN A 766 29.17 18.53 16.83
CA GLN A 766 30.32 18.36 15.98
C GLN A 766 30.90 16.98 16.21
N PHE A 767 31.55 16.43 15.19
CA PHE A 767 32.22 15.15 15.38
C PHE A 767 33.37 15.02 14.38
N MET A 768 34.24 14.06 14.64
CA MET A 768 35.34 13.69 13.76
C MET A 768 34.99 12.38 13.05
N LEU A 769 35.48 12.26 11.83
CA LEU A 769 35.55 10.98 11.13
C LEU A 769 37.02 10.60 11.11
N GLY A 770 37.38 9.54 11.83
CA GLY A 770 38.78 9.25 12.02
C GLY A 770 39.48 10.41 12.70
N ASP A 771 40.69 10.71 12.24
CA ASP A 771 41.43 11.86 12.72
C ASP A 771 41.50 12.99 11.69
N ALA A 772 40.85 12.82 10.54
CA ALA A 772 41.10 13.68 9.40
C ALA A 772 40.01 14.69 9.10
N LEU A 773 38.74 14.37 9.35
CA LEU A 773 37.63 15.23 8.96
C LEU A 773 36.85 15.66 10.19
N LEU A 774 36.59 16.95 10.30
CA LEU A 774 35.73 17.53 11.34
C LEU A 774 34.46 18.02 10.68
N ILE A 775 33.31 17.61 11.21
CA ILE A 775 32.00 17.86 10.60
C ILE A 775 31.13 18.64 11.57
N HIS A 776 30.56 19.76 11.10
CA HIS A 776 29.56 20.52 11.85
C HIS A 776 28.36 20.76 10.95
N PRO A 777 27.45 19.80 10.84
CA PRO A 777 26.30 19.98 9.96
C PRO A 777 25.35 21.05 10.49
N VAL A 778 24.71 21.76 9.56
CA VAL A 778 23.70 22.74 9.97
C VAL A 778 22.48 22.00 10.49
N SER A 779 22.01 22.39 11.67
CA SER A 779 20.88 21.70 12.31
C SER A 779 19.89 22.70 12.89
N ASP A 780 19.68 23.82 12.20
CA ASP A 780 18.67 24.80 12.59
C ASP A 780 18.02 25.37 11.34
N ALA A 781 16.69 25.49 11.37
CA ALA A 781 15.98 26.05 10.25
C ALA A 781 16.38 27.50 10.03
N GLY A 782 16.52 27.88 8.75
CA GLY A 782 16.82 29.26 8.40
C GLY A 782 18.18 29.76 8.83
N ALA A 783 19.11 28.87 9.18
CA ALA A 783 20.40 29.29 9.68
C ALA A 783 21.17 30.08 8.64
N HIS A 784 21.87 31.11 9.10
CA HIS A 784 22.74 31.91 8.24
C HIS A 784 24.21 31.60 8.49
N GLY A 785 24.54 30.90 9.56
CA GLY A 785 25.91 30.52 9.83
C GLY A 785 25.96 29.54 10.98
N VAL A 786 27.14 28.98 11.20
CA VAL A 786 27.39 28.07 12.31
C VAL A 786 28.69 28.49 13.00
N GLN A 787 28.79 28.11 14.27
CA GLN A 787 29.99 28.31 15.07
C GLN A 787 30.74 27.00 15.11
N VAL A 788 31.88 26.94 14.42
CA VAL A 788 32.68 25.72 14.35
C VAL A 788 33.87 25.87 15.28
N TYR A 789 33.97 24.97 16.27
CA TYR A 789 35.15 24.94 17.11
C TYR A 789 36.23 24.10 16.43
N LEU A 790 37.34 24.76 16.07
CA LEU A 790 38.47 24.08 15.47
C LEU A 790 39.55 23.89 16.52
N PRO A 791 39.76 22.68 17.03
CA PRO A 791 40.69 22.52 18.15
C PRO A 791 42.14 22.31 17.73
N GLY A 792 43.01 22.15 18.72
CA GLY A 792 44.39 21.79 18.48
C GLY A 792 45.36 22.96 18.53
N GLN A 793 46.29 22.92 19.48
CA GLN A 793 47.42 23.82 19.43
C GLN A 793 48.30 23.48 18.24
N GLU A 794 48.82 24.51 17.56
CA GLU A 794 49.67 24.36 16.39
C GLU A 794 48.99 23.62 15.25
N GLU A 795 47.67 23.50 15.29
CA GLU A 795 46.89 22.73 14.33
C GLU A 795 46.31 23.66 13.27
N VAL A 796 46.26 23.20 12.02
CA VAL A 796 45.58 23.92 10.96
C VAL A 796 44.44 23.06 10.43
N TRP A 797 43.42 23.71 9.89
CA TRP A 797 42.24 23.06 9.35
C TRP A 797 41.92 23.72 8.01
N TYR A 798 41.55 22.90 7.02
CA TYR A 798 41.23 23.39 5.68
C TYR A 798 39.75 23.21 5.41
N ASP A 799 39.06 24.32 5.11
CA ASP A 799 37.70 24.26 4.59
C ASP A 799 37.70 23.55 3.25
N ILE A 800 37.12 22.35 3.18
CA ILE A 800 37.28 21.55 1.97
C ILE A 800 36.49 22.07 0.78
N GLN A 801 35.62 23.07 0.99
CA GLN A 801 34.92 23.66 -0.15
C GLN A 801 35.62 24.91 -0.68
N SER A 802 36.21 25.72 0.20
CA SER A 802 36.90 26.93 -0.21
C SER A 802 38.42 26.80 -0.17
N TYR A 803 38.95 25.74 0.45
CA TYR A 803 40.38 25.51 0.66
C TYR A 803 41.01 26.53 1.60
N GLN A 804 40.21 27.37 2.24
CA GLN A 804 40.75 28.34 3.18
C GLN A 804 41.31 27.62 4.40
N LYS A 805 42.53 27.97 4.79
CA LYS A 805 43.18 27.36 5.94
C LYS A 805 42.86 28.17 7.19
N HIS A 806 42.69 27.48 8.32
CA HIS A 806 42.38 28.10 9.61
C HIS A 806 43.23 27.47 10.69
N HIS A 807 43.81 28.30 11.54
CA HIS A 807 44.63 27.83 12.64
C HIS A 807 43.76 27.58 13.87
N GLY A 808 44.10 26.53 14.62
CA GLY A 808 43.46 26.25 15.88
C GLY A 808 44.30 26.76 17.04
N PRO A 809 43.69 26.89 18.22
CA PRO A 809 42.26 26.65 18.47
C PRO A 809 41.45 27.93 18.33
N GLN A 810 40.24 27.81 17.78
CA GLN A 810 39.37 28.98 17.61
C GLN A 810 37.94 28.49 17.40
N THR A 811 37.00 29.39 17.67
CA THR A 811 35.61 29.20 17.26
C THR A 811 35.36 30.09 16.06
N LEU A 812 35.16 29.48 14.91
CA LEU A 812 35.01 30.17 13.64
C LEU A 812 33.53 30.32 13.32
N TYR A 813 33.12 31.54 12.95
CA TYR A 813 31.77 31.76 12.47
C TYR A 813 31.78 31.55 10.96
N LEU A 814 31.11 30.52 10.50
CA LEU A 814 31.11 30.16 9.08
C LEU A 814 29.73 30.43 8.51
N PRO A 815 29.56 31.39 7.61
CA PRO A 815 28.28 31.55 6.92
C PRO A 815 27.94 30.32 6.10
N VAL A 816 26.64 30.02 6.02
CA VAL A 816 26.16 28.83 5.33
C VAL A 816 24.99 29.21 4.43
N THR A 817 24.80 28.42 3.38
CA THR A 817 23.61 28.43 2.55
C THR A 817 22.95 27.05 2.62
N LEU A 818 21.90 26.87 1.82
CA LEU A 818 21.18 25.59 1.83
C LEU A 818 22.09 24.44 1.43
N SER A 819 23.04 24.69 0.52
CA SER A 819 23.94 23.67 0.01
C SER A 819 25.15 23.42 0.92
N SER A 820 25.27 24.13 2.03
CA SER A 820 26.47 24.06 2.86
C SER A 820 26.49 22.80 3.72
N ILE A 821 27.61 22.10 3.71
CA ILE A 821 27.94 21.11 4.72
C ILE A 821 29.31 21.48 5.29
N PRO A 822 29.36 22.13 6.45
CA PRO A 822 30.67 22.53 7.02
C PRO A 822 31.57 21.34 7.33
N VAL A 823 32.61 21.15 6.51
CA VAL A 823 33.55 20.04 6.67
C VAL A 823 34.96 20.60 6.57
N PHE A 824 35.83 20.19 7.49
CA PHE A 824 37.21 20.65 7.52
C PHE A 824 38.14 19.45 7.56
N GLN A 825 39.19 19.49 6.74
CA GLN A 825 40.22 18.45 6.76
C GLN A 825 41.40 18.93 7.60
N ARG A 826 41.87 18.05 8.48
CA ARG A 826 42.96 18.40 9.39
C ARG A 826 44.30 18.42 8.67
N GLY A 827 45.10 19.44 8.97
CA GLY A 827 46.46 19.46 8.45
C GLY A 827 47.23 18.24 8.94
N GLY A 828 48.05 17.68 8.06
CA GLY A 828 48.77 16.46 8.35
C GLY A 828 48.07 15.18 7.94
N THR A 829 47.00 15.27 7.15
CA THR A 829 46.23 14.09 6.78
C THR A 829 46.12 14.00 5.26
N ILE A 830 45.86 12.78 4.80
CA ILE A 830 45.68 12.47 3.38
C ILE A 830 44.39 11.66 3.26
N VAL A 831 43.45 12.19 2.50
CA VAL A 831 42.11 11.61 2.39
C VAL A 831 41.94 11.09 0.97
N PRO A 832 41.67 9.80 0.76
CA PRO A 832 41.43 9.28 -0.58
C PRO A 832 39.96 9.37 -0.98
N ARG A 833 39.74 9.77 -2.24
CA ARG A 833 38.41 9.96 -2.78
C ARG A 833 38.29 9.33 -4.17
N TRP A 834 37.10 8.83 -4.48
CA TRP A 834 36.70 8.49 -5.85
C TRP A 834 35.96 9.69 -6.41
N MET A 835 36.61 10.47 -7.27
CA MET A 835 35.96 11.68 -7.77
C MET A 835 34.97 11.40 -8.91
N ARG A 836 34.89 10.17 -9.40
CA ARG A 836 33.94 9.81 -10.47
C ARG A 836 32.74 9.15 -9.82
N VAL A 837 31.76 9.96 -9.42
CA VAL A 837 30.56 9.44 -8.78
C VAL A 837 29.69 8.74 -9.82
N ARG A 838 29.36 7.49 -9.56
CA ARG A 838 28.51 6.70 -10.44
C ARG A 838 27.20 6.40 -9.71
N ARG A 839 26.41 5.46 -10.26
CA ARG A 839 25.08 5.25 -9.74
C ARG A 839 25.04 4.36 -8.50
N SER A 840 26.10 3.58 -8.26
CA SER A 840 26.19 2.74 -7.07
C SER A 840 27.67 2.43 -6.84
N SER A 841 27.97 1.94 -5.62
CA SER A 841 29.37 1.69 -5.29
C SER A 841 29.96 0.57 -6.13
N ASP A 842 29.17 -0.45 -6.47
CA ASP A 842 29.68 -1.53 -7.33
C ASP A 842 30.25 -0.97 -8.63
N CYS A 843 29.61 0.06 -9.19
CA CYS A 843 30.08 0.66 -10.44
C CYS A 843 31.42 1.36 -10.27
N MET A 844 31.78 1.76 -9.05
CA MET A 844 32.92 2.61 -8.79
C MET A 844 34.15 1.86 -8.31
N LYS A 845 34.03 0.60 -7.93
CA LYS A 845 35.10 0.00 -7.12
C LYS A 845 36.32 -0.42 -7.95
N ASP A 846 36.36 -0.12 -9.25
CA ASP A 846 37.58 -0.27 -10.04
C ASP A 846 38.14 1.06 -10.51
N ASP A 847 37.59 2.18 -10.01
CA ASP A 847 37.92 3.50 -10.52
C ASP A 847 39.17 4.07 -9.86
N PRO A 848 39.82 5.03 -10.51
CA PRO A 848 41.03 5.63 -9.94
C PRO A 848 40.74 6.51 -8.72
N ILE A 849 41.80 6.71 -7.93
CA ILE A 849 41.74 7.42 -6.65
C ILE A 849 42.35 8.80 -6.82
N THR A 850 41.73 9.79 -6.19
CA THR A 850 42.29 11.13 -6.02
C THR A 850 42.71 11.28 -4.56
N LEU A 851 43.95 11.72 -4.33
CA LEU A 851 44.47 11.91 -2.99
C LEU A 851 44.44 13.39 -2.61
N PHE A 852 43.84 13.70 -1.47
CA PHE A 852 43.76 15.07 -0.96
C PHE A 852 44.73 15.19 0.19
N VAL A 853 45.82 15.92 -0.03
CA VAL A 853 46.90 16.05 0.94
C VAL A 853 46.77 17.42 1.61
N ALA A 854 46.52 17.41 2.92
CA ALA A 854 46.42 18.63 3.71
C ALA A 854 47.68 18.76 4.54
N LEU A 855 48.52 19.74 4.19
CA LEU A 855 49.83 19.86 4.80
C LEU A 855 49.73 20.43 6.21
N SER A 856 50.50 19.84 7.12
CA SER A 856 50.66 20.37 8.46
C SER A 856 51.47 21.67 8.39
N PRO A 857 51.56 22.40 9.50
CA PRO A 857 52.49 23.54 9.52
C PRO A 857 53.95 23.15 9.33
N GLN A 858 54.30 21.88 9.58
CA GLN A 858 55.63 21.35 9.34
C GLN A 858 55.80 20.80 7.93
N GLY A 859 54.82 21.00 7.05
CA GLY A 859 54.92 20.50 5.69
C GLY A 859 54.81 19.00 5.56
N THR A 860 54.09 18.35 6.46
CA THR A 860 53.97 16.89 6.47
C THR A 860 52.50 16.48 6.42
N ALA A 861 52.28 15.21 6.09
CA ALA A 861 50.95 14.61 6.06
C ALA A 861 51.10 13.10 5.93
N GLN A 862 50.08 12.37 6.38
CA GLN A 862 50.07 10.93 6.26
C GLN A 862 48.64 10.43 6.20
N GLY A 863 48.45 9.25 5.60
CA GLY A 863 47.15 8.62 5.49
C GLY A 863 47.28 7.18 5.05
N GLU A 864 46.16 6.47 5.11
CA GLU A 864 46.10 5.07 4.68
C GLU A 864 44.95 4.85 3.71
N LEU A 865 44.97 3.68 3.08
CA LEU A 865 43.92 3.27 2.16
C LEU A 865 43.84 1.75 2.13
N PHE A 866 42.65 1.21 2.38
CA PHE A 866 42.39 -0.21 2.30
C PHE A 866 41.54 -0.50 1.07
N LEU A 867 41.90 -1.56 0.34
CA LEU A 867 41.17 -1.98 -0.85
C LEU A 867 41.11 -3.50 -0.86
N ASP A 868 39.99 -4.04 -1.35
CA ASP A 868 39.83 -5.47 -1.55
C ASP A 868 38.72 -5.66 -2.59
N ASP A 869 38.17 -6.87 -2.68
CA ASP A 869 37.14 -7.07 -3.70
C ASP A 869 35.81 -6.42 -3.31
N GLY A 870 35.66 -6.00 -2.06
CA GLY A 870 34.50 -5.23 -1.66
C GLY A 870 33.36 -6.00 -1.04
N HIS A 871 33.44 -7.33 -0.97
CA HIS A 871 32.28 -8.07 -0.46
C HIS A 871 32.56 -9.45 0.10
N THR A 872 33.78 -9.99 -0.05
CA THR A 872 34.06 -11.35 0.41
C THR A 872 35.01 -11.34 1.61
N PHE A 873 35.20 -12.52 2.20
CA PHE A 873 36.19 -12.70 3.24
C PHE A 873 37.58 -13.03 2.68
N ASN A 874 37.81 -12.82 1.39
CA ASN A 874 39.10 -13.16 0.79
C ASN A 874 40.23 -12.32 1.38
N TYR A 875 39.93 -11.11 1.86
CA TYR A 875 40.96 -10.31 2.53
C TYR A 875 41.54 -11.06 3.71
N GLN A 876 40.74 -11.89 4.37
CA GLN A 876 41.16 -12.63 5.55
C GLN A 876 41.61 -14.05 5.21
N THR A 877 40.87 -14.77 4.37
CA THR A 877 41.19 -16.16 4.08
C THR A 877 42.31 -16.31 3.06
N ARG A 878 42.51 -15.32 2.20
CA ARG A 878 43.53 -15.39 1.16
C ARG A 878 44.46 -14.19 1.17
N HIS A 879 44.31 -13.28 2.13
CA HIS A 879 45.13 -12.07 2.21
C HIS A 879 45.09 -11.31 0.88
N GLU A 880 43.91 -11.27 0.27
CA GLU A 880 43.71 -10.56 -0.99
C GLU A 880 43.13 -9.20 -0.65
N PHE A 881 44.01 -8.22 -0.47
CA PHE A 881 43.67 -6.86 -0.12
C PHE A 881 44.92 -6.03 -0.32
N LEU A 882 44.76 -4.71 -0.29
CA LEU A 882 45.87 -3.77 -0.23
C LEU A 882 45.68 -2.86 0.96
N LEU A 883 46.76 -2.60 1.68
CA LEU A 883 46.80 -1.54 2.68
C LEU A 883 48.00 -0.66 2.35
N ARG A 884 47.72 0.56 1.89
CA ARG A 884 48.74 1.48 1.45
C ARG A 884 48.93 2.58 2.48
N ARG A 885 50.19 2.96 2.70
CA ARG A 885 50.53 4.13 3.48
C ARG A 885 50.98 5.23 2.52
N PHE A 886 50.35 6.39 2.62
CA PHE A 886 50.80 7.58 1.90
C PHE A 886 51.40 8.55 2.91
N SER A 887 52.54 9.12 2.57
CA SER A 887 53.25 9.98 3.51
C SER A 887 53.91 11.12 2.76
N PHE A 888 53.81 12.33 3.30
CA PHE A 888 54.39 13.51 2.70
C PHE A 888 55.32 14.16 3.72
N SER A 889 56.53 14.49 3.29
CA SER A 889 57.49 15.20 4.12
C SER A 889 58.53 15.83 3.22
N GLY A 890 59.11 16.94 3.68
CA GLY A 890 59.96 17.74 2.84
C GLY A 890 59.15 18.23 1.66
N SER A 891 59.43 17.69 0.48
CA SER A 891 58.64 18.01 -0.71
C SER A 891 58.32 16.74 -1.49
N THR A 892 58.18 15.61 -0.80
CA THR A 892 58.03 14.32 -1.44
C THR A 892 56.81 13.59 -0.90
N LEU A 893 55.97 13.10 -1.80
CA LEU A 893 54.85 12.23 -1.47
C LEU A 893 55.21 10.80 -1.85
N VAL A 894 55.11 9.88 -0.89
CA VAL A 894 55.53 8.50 -1.08
C VAL A 894 54.37 7.57 -0.77
N SER A 895 54.16 6.58 -1.64
CA SER A 895 53.26 5.47 -1.37
C SER A 895 54.08 4.22 -1.07
N SER A 896 53.82 3.61 0.09
CA SER A 896 54.45 2.37 0.48
C SER A 896 53.39 1.44 1.05
N SER A 897 53.78 0.19 1.26
CA SER A 897 52.87 -0.79 1.84
C SER A 897 52.81 -0.66 3.36
N ALA A 898 51.59 -0.60 3.90
CA ALA A 898 51.39 -0.65 5.34
C ALA A 898 51.15 -2.06 5.85
N ASP A 899 51.03 -3.04 4.95
CA ASP A 899 50.92 -4.45 5.28
C ASP A 899 51.40 -5.26 4.08
N PRO A 900 52.60 -5.85 4.15
CA PRO A 900 53.13 -6.57 2.98
C PRO A 900 52.42 -7.88 2.69
N LYS A 901 51.67 -8.43 3.64
CA LYS A 901 50.98 -9.69 3.41
C LYS A 901 49.84 -9.55 2.39
N GLY A 902 49.36 -8.34 2.16
CA GLY A 902 48.24 -8.13 1.27
C GLY A 902 48.62 -7.86 -0.18
N HIS A 903 48.08 -8.67 -1.09
CA HIS A 903 48.22 -8.46 -2.52
C HIS A 903 46.84 -8.51 -3.18
N LEU A 904 46.66 -7.72 -4.23
CA LEU A 904 45.35 -7.62 -4.85
C LEU A 904 45.51 -7.33 -6.33
N GLU A 905 44.78 -8.08 -7.15
CA GLU A 905 44.67 -7.76 -8.57
C GLU A 905 43.59 -6.70 -8.73
N THR A 906 44.00 -5.50 -9.15
CA THR A 906 43.06 -4.40 -9.26
C THR A 906 43.55 -3.43 -10.32
N PRO A 907 42.64 -2.84 -11.09
CA PRO A 907 43.02 -1.78 -12.03
C PRO A 907 43.06 -0.38 -11.43
N ILE A 908 42.80 -0.24 -10.13
CA ILE A 908 42.74 1.09 -9.51
C ILE A 908 44.09 1.77 -9.62
N TRP A 909 44.08 3.04 -10.02
CA TRP A 909 45.30 3.82 -10.17
C TRP A 909 45.09 5.20 -9.57
N ILE A 910 46.17 5.96 -9.46
CA ILE A 910 46.15 7.30 -8.88
C ILE A 910 46.00 8.29 -10.04
N GLU A 911 44.82 8.91 -10.17
CA GLU A 911 44.58 9.82 -11.28
C GLU A 911 44.85 11.28 -10.94
N ARG A 912 45.01 11.61 -9.67
CA ARG A 912 45.11 13.02 -9.31
C ARG A 912 45.58 13.13 -7.87
N VAL A 913 46.37 14.18 -7.60
CA VAL A 913 46.77 14.54 -6.24
C VAL A 913 46.43 16.01 -6.04
N VAL A 914 45.72 16.32 -4.97
CA VAL A 914 45.36 17.68 -4.60
C VAL A 914 46.07 18.00 -3.29
N ILE A 915 46.94 18.99 -3.31
CA ILE A 915 47.75 19.34 -2.14
C ILE A 915 47.33 20.72 -1.67
N MET A 916 46.86 20.80 -0.42
CA MET A 916 46.42 22.04 0.20
C MET A 916 47.54 22.59 1.07
N GLY A 917 47.84 23.88 0.92
CA GLY A 917 48.89 24.49 1.70
C GLY A 917 50.27 24.42 1.08
N ALA A 918 50.37 24.29 -0.23
CA ALA A 918 51.64 24.11 -0.90
C ALA A 918 51.93 25.30 -1.81
N GLY A 919 53.22 25.61 -1.97
CA GLY A 919 53.63 26.60 -2.94
C GLY A 919 53.78 26.03 -4.34
N LYS A 920 54.04 26.91 -5.29
CA LYS A 920 54.20 26.49 -6.68
C LYS A 920 55.57 25.87 -6.87
N PRO A 921 55.65 24.62 -7.32
CA PRO A 921 56.95 24.02 -7.61
C PRO A 921 57.46 24.47 -8.97
N ALA A 922 58.73 24.19 -9.21
CA ALA A 922 59.31 24.43 -10.53
C ALA A 922 59.08 23.25 -11.46
N ALA A 923 59.08 22.03 -10.92
CA ALA A 923 58.80 20.83 -11.70
C ALA A 923 58.32 19.75 -10.75
N VAL A 924 57.64 18.75 -11.30
CA VAL A 924 57.08 17.64 -10.54
C VAL A 924 57.55 16.35 -11.18
N VAL A 925 58.15 15.48 -10.37
CA VAL A 925 58.84 14.29 -10.86
C VAL A 925 58.27 13.07 -10.14
N LEU A 926 57.83 12.09 -10.92
CA LEU A 926 57.30 10.83 -10.40
C LEU A 926 58.30 9.71 -10.64
N GLN A 927 58.51 8.89 -9.61
CA GLN A 927 59.31 7.68 -9.71
C GLN A 927 58.49 6.51 -9.19
N THR A 928 58.42 5.44 -9.97
CA THR A 928 57.83 4.20 -9.51
C THR A 928 58.70 3.04 -9.97
N LYS A 929 58.81 2.02 -9.12
CA LYS A 929 59.60 0.84 -9.45
C LYS A 929 59.06 0.22 -10.73
N GLY A 930 59.98 -0.10 -11.65
CA GLY A 930 59.62 -0.67 -12.94
C GLY A 930 59.39 0.33 -14.04
N SER A 931 59.49 1.63 -13.76
CA SER A 931 59.21 2.64 -14.76
C SER A 931 60.32 3.68 -14.80
N PRO A 932 60.55 4.30 -15.96
CA PRO A 932 61.44 5.46 -16.00
C PRO A 932 60.86 6.63 -15.24
N GLU A 933 61.74 7.53 -14.84
CA GLU A 933 61.32 8.76 -14.18
C GLU A 933 60.48 9.60 -15.14
N SER A 934 59.35 10.10 -14.64
CA SER A 934 58.37 10.81 -15.44
C SER A 934 58.17 12.23 -14.90
N ARG A 935 57.73 13.11 -15.79
CA ARG A 935 57.38 14.48 -15.43
C ARG A 935 55.87 14.62 -15.46
N LEU A 936 55.31 15.25 -14.43
CA LEU A 936 53.88 15.47 -14.33
C LEU A 936 53.59 16.96 -14.54
N SER A 937 52.54 17.24 -15.29
CA SER A 937 52.08 18.61 -15.36
C SER A 937 51.23 18.93 -14.13
N PHE A 938 51.10 20.21 -13.83
CA PHE A 938 50.44 20.61 -12.61
C PHE A 938 49.83 21.99 -12.78
N GLN A 939 48.91 22.30 -11.87
CA GLN A 939 48.20 23.56 -11.83
C GLN A 939 48.22 24.08 -10.41
N HIS A 940 48.41 25.39 -10.25
CA HIS A 940 48.57 25.98 -8.93
C HIS A 940 47.75 27.25 -8.81
N ASP A 941 47.05 27.40 -7.68
CA ASP A 941 46.28 28.60 -7.37
C ASP A 941 47.01 29.38 -6.28
N PRO A 942 47.58 30.55 -6.59
CA PRO A 942 48.31 31.29 -5.54
C PRO A 942 47.42 31.81 -4.44
N GLU A 943 46.13 32.05 -4.71
CA GLU A 943 45.24 32.59 -3.68
C GLU A 943 44.94 31.55 -2.61
N THR A 944 44.72 30.30 -3.00
CA THR A 944 44.34 29.25 -2.06
C THR A 944 45.49 28.34 -1.67
N SER A 945 46.66 28.49 -2.29
CA SER A 945 47.79 27.60 -2.07
C SER A 945 47.41 26.14 -2.27
N VAL A 946 46.72 25.87 -3.38
CA VAL A 946 46.28 24.53 -3.75
C VAL A 946 47.04 24.11 -5.00
N LEU A 947 47.66 22.93 -4.93
CA LEU A 947 48.46 22.39 -6.02
C LEU A 947 47.80 21.09 -6.49
N ILE A 948 47.49 21.03 -7.78
CA ILE A 948 46.86 19.86 -8.39
C ILE A 948 47.86 19.19 -9.32
N LEU A 949 48.22 17.96 -9.01
CA LEU A 949 49.12 17.17 -9.85
C LEU A 949 48.29 16.34 -10.83
N ARG A 950 48.56 16.48 -12.12
CA ARG A 950 47.77 15.85 -13.14
C ARG A 950 48.21 14.40 -13.36
N LYS A 951 47.24 13.49 -13.35
CA LYS A 951 47.33 12.10 -13.82
C LYS A 951 48.67 11.44 -13.51
N PRO A 952 48.97 11.12 -12.25
CA PRO A 952 50.17 10.29 -11.99
C PRO A 952 50.17 8.98 -12.74
N GLY A 953 49.00 8.35 -12.90
CA GLY A 953 48.88 7.18 -13.73
C GLY A 953 49.51 5.93 -13.16
N VAL A 954 49.82 5.91 -11.88
CA VAL A 954 50.51 4.78 -11.26
C VAL A 954 49.48 3.87 -10.60
N SER A 955 49.71 2.56 -10.69
CA SER A 955 48.84 1.60 -10.01
C SER A 955 48.86 1.83 -8.51
N VAL A 956 47.71 1.63 -7.87
CA VAL A 956 47.61 1.80 -6.43
C VAL A 956 48.36 0.68 -5.71
N ALA A 957 48.69 -0.41 -6.41
CA ALA A 957 49.45 -1.50 -5.82
C ALA A 957 50.94 -1.28 -5.86
N SER A 958 51.42 -0.22 -6.51
CA SER A 958 52.84 0.01 -6.72
C SER A 958 53.40 1.02 -5.72
N ASP A 959 54.65 0.78 -5.32
CA ASP A 959 55.39 1.82 -4.61
C ASP A 959 55.75 2.94 -5.60
N TRP A 960 55.67 4.17 -5.12
CA TRP A 960 56.01 5.30 -5.97
C TRP A 960 56.32 6.51 -5.10
N SER A 961 56.92 7.52 -5.71
CA SER A 961 57.19 8.77 -5.03
C SER A 961 57.05 9.92 -6.03
N ILE A 962 56.50 11.03 -5.55
CA ILE A 962 56.38 12.25 -6.34
C ILE A 962 57.19 13.32 -5.63
N HIS A 963 58.10 13.96 -6.37
CA HIS A 963 58.94 15.01 -5.81
C HIS A 963 58.56 16.34 -6.42
N LEU A 964 58.33 17.33 -5.56
CA LEU A 964 58.09 18.70 -5.98
C LEU A 964 59.43 19.43 -5.95
N ARG A 965 59.92 19.84 -7.11
CA ARG A 965 61.22 20.51 -7.18
C ARG A 965 61.05 22.03 -7.12
N LYS B 52 48.68 19.02 -34.76
CA LYS B 52 47.79 20.05 -34.25
C LYS B 52 47.23 19.68 -32.88
N PRO B 53 47.05 20.66 -32.02
CA PRO B 53 46.49 20.39 -30.68
C PRO B 53 44.97 20.47 -30.68
N PHE B 54 44.39 19.89 -29.64
CA PHE B 54 42.95 19.96 -29.42
C PHE B 54 42.63 21.14 -28.52
N THR B 55 41.56 21.86 -28.84
CA THR B 55 41.11 23.00 -28.06
C THR B 55 39.73 22.68 -27.48
N CYS B 56 39.60 22.87 -26.17
CA CYS B 56 38.32 22.64 -25.51
C CYS B 56 37.24 23.48 -26.17
N LEU B 57 36.03 22.93 -26.24
CA LEU B 57 34.94 23.67 -26.87
C LEU B 57 34.53 24.93 -26.10
N ASP B 58 34.96 25.07 -24.85
CA ASP B 58 34.70 26.26 -24.06
C ASP B 58 35.92 27.16 -23.95
N GLY B 59 36.98 26.88 -24.71
CA GLY B 59 38.14 27.75 -24.74
C GLY B 59 38.95 27.82 -23.46
N THR B 60 38.70 26.93 -22.50
CA THR B 60 39.40 27.02 -21.23
C THR B 60 40.83 26.56 -21.32
N ALA B 61 41.17 25.75 -22.33
CA ALA B 61 42.54 25.27 -22.48
C ALA B 61 42.74 24.79 -23.91
N THR B 62 44.00 24.45 -24.20
CA THR B 62 44.37 23.77 -25.44
C THR B 62 45.41 22.72 -25.08
N ILE B 63 45.16 21.49 -25.52
CA ILE B 63 45.99 20.35 -25.11
C ILE B 63 46.38 19.58 -26.35
N PRO B 64 47.49 18.83 -26.29
CA PRO B 64 47.80 17.93 -27.40
C PRO B 64 46.72 16.86 -27.53
N PHE B 65 46.58 16.34 -28.74
CA PHE B 65 45.56 15.31 -28.97
C PHE B 65 45.86 14.01 -28.25
N ASP B 66 47.05 13.86 -27.66
CA ASP B 66 47.30 12.70 -26.82
C ASP B 66 46.60 12.79 -25.47
N GLN B 67 45.98 13.92 -25.17
CA GLN B 67 45.16 14.07 -23.98
C GLN B 67 43.67 14.08 -24.29
N VAL B 68 43.30 13.69 -25.51
CA VAL B 68 41.90 13.41 -25.85
C VAL B 68 41.66 11.93 -25.62
N ASN B 69 40.63 11.63 -24.82
CA ASN B 69 40.30 10.25 -24.44
C ASN B 69 41.47 9.55 -23.76
N ASP B 70 42.23 10.29 -22.95
CA ASP B 70 43.31 9.68 -22.18
C ASP B 70 42.90 9.35 -20.75
N ASP B 71 41.58 9.32 -20.49
CA ASP B 71 41.00 8.90 -19.21
C ASP B 71 41.38 9.85 -18.08
N TYR B 72 41.57 11.14 -18.40
CA TYR B 72 41.76 12.18 -17.42
C TYR B 72 41.07 13.44 -17.93
N CYS B 73 40.34 14.12 -17.05
CA CYS B 73 39.52 15.25 -17.49
C CYS B 73 40.36 16.51 -17.57
N ASP B 74 40.52 17.05 -18.78
CA ASP B 74 41.32 18.25 -18.99
C ASP B 74 40.51 19.48 -19.40
N CYS B 75 39.26 19.31 -19.86
CA CYS B 75 38.41 20.41 -20.27
C CYS B 75 37.28 20.62 -19.27
N LYS B 76 37.01 21.90 -18.96
CA LYS B 76 35.97 22.21 -17.98
C LYS B 76 34.59 21.78 -18.47
N ASP B 77 34.39 21.69 -19.77
CA ASP B 77 33.12 21.22 -20.32
C ASP B 77 33.13 19.72 -20.62
N GLY B 78 34.21 19.02 -20.31
CA GLY B 78 34.28 17.59 -20.53
C GLY B 78 34.50 17.17 -21.97
N SER B 79 34.79 18.11 -22.87
CA SER B 79 34.82 17.79 -24.30
C SER B 79 36.06 17.00 -24.71
N ASP B 80 37.08 16.90 -23.87
CA ASP B 80 38.26 16.15 -24.25
C ASP B 80 38.12 14.66 -23.99
N GLU B 81 37.03 14.21 -23.36
CA GLU B 81 36.83 12.81 -22.99
C GLU B 81 35.46 12.31 -23.42
N PRO B 82 35.12 12.40 -24.71
CA PRO B 82 33.81 11.90 -25.15
C PRO B 82 33.67 10.39 -25.06
N GLY B 83 34.77 9.66 -24.96
CA GLY B 83 34.71 8.21 -24.99
C GLY B 83 35.03 7.51 -23.69
N THR B 84 35.23 8.25 -22.61
CA THR B 84 35.61 7.67 -21.33
C THR B 84 34.67 8.16 -20.24
N ALA B 85 34.92 7.69 -19.01
CA ALA B 85 34.18 8.11 -17.83
C ALA B 85 34.92 9.18 -17.04
N ALA B 86 35.90 9.85 -17.64
CA ALA B 86 36.80 10.70 -16.86
C ALA B 86 36.19 12.04 -16.47
N CYS B 87 35.27 12.58 -17.27
CA CYS B 87 34.80 13.92 -16.91
C CYS B 87 33.43 13.86 -16.25
N PRO B 88 33.20 14.67 -15.22
CA PRO B 88 31.90 14.64 -14.54
C PRO B 88 30.76 15.24 -15.34
N ASN B 89 31.05 16.14 -16.28
CA ASN B 89 30.02 16.80 -17.09
C ASN B 89 30.06 16.35 -18.54
N GLY B 90 30.69 15.21 -18.83
CA GLY B 90 30.80 14.74 -20.19
C GLY B 90 29.57 13.98 -20.64
N SER B 91 29.59 13.62 -21.92
CA SER B 91 28.51 12.84 -22.52
C SER B 91 29.12 11.83 -23.49
N PHE B 92 28.48 10.67 -23.55
CA PHE B 92 28.90 9.57 -24.42
C PHE B 92 27.79 9.31 -25.44
N HIS B 93 28.16 9.17 -26.71
CA HIS B 93 27.19 9.06 -27.79
C HIS B 93 26.97 7.59 -28.15
N CYS B 94 25.73 7.14 -27.98
CA CYS B 94 25.30 5.83 -28.47
C CYS B 94 24.83 6.00 -29.91
N THR B 95 25.54 5.41 -30.86
CA THR B 95 25.11 5.51 -32.26
C THR B 95 23.80 4.76 -32.49
N ASN B 96 23.67 3.58 -31.89
CA ASN B 96 22.44 2.75 -31.94
C ASN B 96 21.88 2.59 -33.34
N THR B 97 22.66 1.95 -34.21
CA THR B 97 22.19 1.67 -35.57
C THR B 97 21.00 0.72 -35.50
N GLY B 98 19.82 1.18 -35.88
CA GLY B 98 18.60 0.39 -35.82
C GLY B 98 17.58 0.94 -34.83
N TYR B 99 17.94 1.99 -34.09
CA TYR B 99 17.02 2.64 -33.17
C TYR B 99 17.38 4.12 -33.19
N LYS B 100 16.95 4.87 -32.19
CA LYS B 100 17.31 6.29 -32.12
C LYS B 100 18.66 6.45 -31.42
N PRO B 101 19.52 7.37 -31.87
CA PRO B 101 20.76 7.63 -31.15
C PRO B 101 20.48 8.23 -29.79
N LEU B 102 21.41 7.99 -28.86
CA LEU B 102 21.22 8.38 -27.48
C LEU B 102 22.51 8.97 -26.91
N TYR B 103 22.36 9.95 -26.02
CA TYR B 103 23.46 10.48 -25.23
C TYR B 103 23.28 10.05 -23.78
N ILE B 104 24.38 9.60 -23.16
CA ILE B 104 24.36 9.20 -21.76
C ILE B 104 25.45 9.96 -21.01
N LEU B 105 25.30 10.03 -19.70
CA LEU B 105 26.34 10.62 -18.86
C LEU B 105 27.64 9.86 -19.00
N SER B 106 28.76 10.59 -18.98
CA SER B 106 30.07 9.95 -19.00
C SER B 106 30.24 8.99 -17.83
N SER B 107 29.66 9.29 -16.68
CA SER B 107 29.75 8.41 -15.51
C SER B 107 29.13 7.04 -15.74
N ARG B 108 28.41 6.85 -16.85
CA ARG B 108 27.83 5.55 -17.16
C ARG B 108 28.58 4.84 -18.27
N VAL B 109 29.77 5.32 -18.62
CA VAL B 109 30.67 4.61 -19.53
C VAL B 109 31.48 3.62 -18.70
N ASN B 110 31.39 2.34 -19.05
CA ASN B 110 32.09 1.28 -18.35
C ASN B 110 31.75 1.24 -16.86
N ASP B 111 30.47 1.41 -16.54
CA ASP B 111 30.04 1.25 -15.16
C ASP B 111 29.51 -0.15 -14.88
N GLY B 112 29.54 -1.04 -15.86
CA GLY B 112 29.01 -2.38 -15.71
C GLY B 112 27.53 -2.51 -16.03
N VAL B 113 26.87 -1.41 -16.34
CA VAL B 113 25.43 -1.39 -16.63
C VAL B 113 25.25 -1.05 -18.10
N CYS B 114 24.36 -1.78 -18.78
CA CYS B 114 24.10 -1.57 -20.19
C CYS B 114 23.17 -0.36 -20.37
N ASP B 115 23.71 0.75 -20.86
CA ASP B 115 22.92 1.95 -21.08
C ASP B 115 22.52 2.15 -22.54
N CYS B 116 23.41 1.85 -23.48
CA CYS B 116 23.08 1.93 -24.90
C CYS B 116 22.47 0.61 -25.38
N CYS B 117 21.46 0.68 -26.25
CA CYS B 117 20.92 -0.55 -26.82
C CYS B 117 21.97 -1.28 -27.65
N ASP B 118 22.88 -0.56 -28.30
CA ASP B 118 23.94 -1.22 -29.05
C ASP B 118 25.09 -1.72 -28.16
N GLY B 119 25.05 -1.40 -26.87
CA GLY B 119 26.02 -1.93 -25.92
C GLY B 119 27.41 -1.34 -25.97
N THR B 120 27.61 -0.24 -26.70
CA THR B 120 28.95 0.29 -26.88
C THR B 120 29.47 1.09 -25.68
N ASP B 121 28.61 1.42 -24.71
CA ASP B 121 29.08 2.11 -23.52
C ASP B 121 29.88 1.21 -22.60
N GLU B 122 29.77 -0.11 -22.78
CA GLU B 122 30.49 -1.09 -21.97
C GLU B 122 31.48 -1.81 -22.89
N TYR B 123 32.71 -1.30 -22.95
CA TYR B 123 33.74 -1.91 -23.78
C TYR B 123 34.95 -2.40 -23.00
N ASN B 124 35.00 -2.17 -21.69
CA ASN B 124 36.13 -2.59 -20.87
C ASN B 124 35.73 -2.66 -19.40
N SER B 125 34.60 -3.31 -19.10
CA SER B 125 34.09 -3.36 -17.75
C SER B 125 33.82 -4.76 -17.23
N GLY B 126 33.94 -5.79 -18.07
CA GLY B 126 33.55 -7.13 -17.70
C GLY B 126 32.09 -7.46 -17.96
N THR B 127 31.26 -6.44 -18.17
CA THR B 127 29.88 -6.66 -18.60
C THR B 127 29.84 -6.69 -20.13
N VAL B 128 29.29 -7.76 -20.68
CA VAL B 128 29.11 -7.90 -22.12
C VAL B 128 27.65 -7.58 -22.42
N CYS B 129 27.42 -6.46 -23.09
CA CYS B 129 26.07 -6.04 -23.40
C CYS B 129 25.68 -6.51 -24.80
N GLU B 130 24.48 -7.06 -24.91
CA GLU B 130 23.95 -7.52 -26.18
C GLU B 130 23.21 -6.38 -26.86
N ASN B 131 23.05 -6.50 -28.18
CA ASN B 131 22.31 -5.50 -28.94
C ASN B 131 20.82 -5.74 -28.78
N THR B 132 20.10 -4.69 -28.36
CA THR B 132 18.66 -4.79 -28.10
C THR B 132 17.88 -3.67 -28.77
N CYS B 133 18.44 -3.06 -29.82
CA CYS B 133 17.84 -1.88 -30.43
C CYS B 133 16.52 -2.21 -31.13
N ARG B 134 16.21 -3.48 -31.30
CA ARG B 134 14.94 -3.95 -31.85
C ARG B 134 13.76 -3.56 -30.94
N VAL C 32 -4.79 -5.71 -25.50
CA VAL C 32 -5.23 -7.08 -25.25
C VAL C 32 -4.37 -8.06 -26.04
N ASP C 33 -4.03 -9.19 -25.42
CA ASP C 33 -3.37 -10.31 -26.11
C ASP C 33 -4.49 -11.22 -26.62
N ARG C 34 -4.76 -11.18 -27.91
CA ARG C 34 -5.88 -11.91 -28.48
C ARG C 34 -5.56 -13.36 -28.81
N SER C 35 -4.27 -13.73 -28.89
CA SER C 35 -3.94 -15.14 -29.10
C SER C 35 -4.31 -15.99 -27.90
N ASN C 36 -4.46 -15.38 -26.73
CA ASN C 36 -4.91 -16.08 -25.54
C ASN C 36 -6.37 -16.51 -25.62
N PHE C 37 -7.16 -15.89 -26.49
CA PHE C 37 -8.61 -16.11 -26.54
C PHE C 37 -9.01 -16.69 -27.88
N LYS C 38 -9.91 -17.68 -27.83
CA LYS C 38 -10.32 -18.39 -29.03
C LYS C 38 -11.14 -17.51 -29.96
N THR C 39 -10.81 -17.55 -31.25
CA THR C 39 -11.75 -17.14 -32.28
C THR C 39 -12.75 -18.28 -32.50
N CYS C 40 -13.78 -18.00 -33.31
CA CYS C 40 -14.77 -19.02 -33.60
C CYS C 40 -14.14 -20.23 -34.27
N ASP C 41 -13.16 -19.99 -35.16
CA ASP C 41 -12.49 -21.10 -35.82
C ASP C 41 -11.72 -21.96 -34.83
N GLU C 42 -11.22 -21.36 -33.75
CA GLU C 42 -10.49 -22.12 -32.75
C GLU C 42 -11.40 -22.79 -31.73
N SER C 43 -12.68 -22.43 -31.72
CA SER C 43 -13.68 -23.13 -30.92
C SER C 43 -14.33 -24.18 -31.83
N SER C 44 -14.06 -25.46 -31.55
CA SER C 44 -14.40 -26.50 -32.51
C SER C 44 -15.91 -26.59 -32.74
N PHE C 45 -16.70 -26.41 -31.69
CA PHE C 45 -18.15 -26.46 -31.88
C PHE C 45 -18.64 -25.25 -32.69
N CYS C 46 -18.00 -24.09 -32.53
CA CYS C 46 -18.36 -22.95 -33.34
C CYS C 46 -17.96 -23.17 -34.80
N LYS C 47 -16.80 -23.79 -35.02
CA LYS C 47 -16.37 -24.07 -36.38
C LYS C 47 -17.31 -25.07 -37.06
N ARG C 48 -17.69 -26.13 -36.35
CA ARG C 48 -18.62 -27.11 -36.91
C ARG C 48 -19.96 -26.46 -37.25
N GLN C 49 -20.55 -25.75 -36.28
CA GLN C 49 -21.83 -25.08 -36.52
C GLN C 49 -21.74 -24.10 -37.68
N ARG C 50 -20.72 -23.24 -37.66
CA ARG C 50 -20.63 -22.17 -38.66
C ARG C 50 -20.29 -22.70 -40.05
N SER C 51 -19.79 -23.92 -40.17
CA SER C 51 -19.51 -24.50 -41.48
C SER C 51 -20.78 -24.90 -42.22
N ILE C 52 -21.89 -25.07 -41.50
CA ILE C 52 -23.18 -25.30 -42.14
C ILE C 52 -23.62 -24.01 -42.82
N ARG C 53 -23.83 -24.08 -44.13
CA ARG C 53 -24.23 -22.92 -44.91
C ARG C 53 -25.72 -23.00 -45.23
N PRO C 54 -26.36 -21.85 -45.52
CA PRO C 54 -27.82 -21.84 -45.70
C PRO C 54 -28.28 -22.76 -46.81
N GLY C 55 -29.28 -23.58 -46.49
CA GLY C 55 -29.82 -24.50 -47.47
C GLY C 55 -31.01 -25.24 -46.90
N LEU C 56 -31.35 -26.36 -47.53
CA LEU C 56 -32.49 -27.15 -47.09
C LEU C 56 -32.13 -27.91 -45.82
N SER C 57 -32.88 -27.67 -44.76
CA SER C 57 -32.59 -28.31 -43.49
C SER C 57 -32.89 -29.81 -43.58
N PRO C 58 -32.01 -30.66 -43.04
CA PRO C 58 -32.29 -32.09 -42.99
C PRO C 58 -33.29 -32.50 -41.94
N TYR C 59 -33.76 -31.55 -41.12
CA TYR C 59 -34.73 -31.83 -40.08
C TYR C 59 -36.14 -31.74 -40.65
N ARG C 60 -37.02 -32.63 -40.20
CA ARG C 60 -38.41 -32.55 -40.60
C ARG C 60 -39.29 -33.00 -39.43
N ALA C 61 -40.47 -32.42 -39.35
CA ALA C 61 -41.41 -32.74 -38.28
C ALA C 61 -42.28 -33.92 -38.67
N LEU C 62 -42.41 -34.88 -37.77
CA LEU C 62 -43.24 -36.06 -38.00
C LEU C 62 -44.63 -35.75 -37.44
N LEU C 63 -45.49 -35.21 -38.31
CA LEU C 63 -46.80 -34.75 -37.87
C LEU C 63 -47.69 -35.86 -37.35
N ASP C 64 -47.33 -37.12 -37.57
CA ASP C 64 -48.07 -38.23 -37.00
C ASP C 64 -47.88 -38.33 -35.49
N THR C 65 -46.79 -37.78 -34.97
CA THR C 65 -46.48 -37.83 -33.54
C THR C 65 -47.01 -36.63 -32.76
N LEU C 66 -47.64 -35.69 -33.43
CA LEU C 66 -48.07 -34.45 -32.79
C LEU C 66 -49.11 -34.73 -31.71
N GLN C 67 -48.92 -34.11 -30.54
CA GLN C 67 -49.88 -34.19 -29.45
C GLN C 67 -50.13 -32.78 -28.92
N LEU C 68 -51.39 -32.38 -28.89
CA LEU C 68 -51.79 -31.05 -28.43
C LEU C 68 -52.40 -31.13 -27.04
N GLY C 69 -51.70 -30.58 -26.05
CA GLY C 69 -52.24 -30.49 -24.72
C GLY C 69 -52.69 -29.07 -24.46
N PRO C 70 -53.24 -28.81 -23.27
CA PRO C 70 -53.61 -27.43 -22.92
C PRO C 70 -52.39 -26.52 -22.74
N ASP C 71 -51.25 -27.08 -22.33
CA ASP C 71 -50.08 -26.27 -22.02
C ASP C 71 -48.99 -26.33 -23.09
N ALA C 72 -49.00 -27.34 -23.97
CA ALA C 72 -47.91 -27.45 -24.91
C ALA C 72 -48.33 -28.34 -26.08
N LEU C 73 -47.72 -28.08 -27.23
CA LEU C 73 -47.73 -29.01 -28.36
C LEU C 73 -46.37 -29.69 -28.41
N THR C 74 -46.38 -31.03 -28.46
CA THR C 74 -45.17 -31.79 -28.65
C THR C 74 -45.23 -32.53 -29.98
N VAL C 75 -44.11 -32.53 -30.69
CA VAL C 75 -44.01 -33.22 -31.97
C VAL C 75 -42.57 -33.67 -32.15
N HIS C 76 -42.40 -34.86 -32.73
CA HIS C 76 -41.07 -35.40 -32.95
C HIS C 76 -40.44 -34.79 -34.19
N LEU C 77 -39.13 -34.55 -34.12
CA LEU C 77 -38.34 -34.16 -35.27
C LEU C 77 -37.33 -35.27 -35.56
N ILE C 78 -36.86 -35.32 -36.81
CA ILE C 78 -35.91 -36.34 -37.23
C ILE C 78 -34.88 -35.70 -38.17
N HIS C 79 -33.63 -36.09 -37.99
CA HIS C 79 -32.60 -35.76 -38.97
C HIS C 79 -32.67 -36.78 -40.10
N GLU C 80 -32.77 -36.29 -41.34
CA GLU C 80 -33.02 -37.20 -42.45
C GLU C 80 -31.85 -38.15 -42.69
N VAL C 81 -30.62 -37.72 -42.40
CA VAL C 81 -29.44 -38.53 -42.67
C VAL C 81 -29.06 -39.38 -41.47
N THR C 82 -28.93 -38.76 -40.29
CA THR C 82 -28.51 -39.48 -39.09
C THR C 82 -29.65 -40.26 -38.44
N LYS C 83 -30.90 -39.91 -38.75
CA LYS C 83 -32.10 -40.53 -38.17
C LYS C 83 -32.21 -40.33 -36.67
N VAL C 84 -31.54 -39.31 -36.12
CA VAL C 84 -31.70 -38.99 -34.69
C VAL C 84 -33.04 -38.31 -34.47
N LEU C 85 -33.70 -38.65 -33.36
CA LEU C 85 -35.04 -38.14 -33.06
C LEU C 85 -34.98 -37.12 -31.94
N LEU C 86 -35.54 -35.94 -32.20
CA LEU C 86 -35.68 -34.87 -31.22
C LEU C 86 -37.15 -34.65 -30.89
N VAL C 87 -37.39 -33.91 -29.81
CA VAL C 87 -38.74 -33.56 -29.38
C VAL C 87 -38.84 -32.04 -29.32
N LEU C 88 -39.77 -31.48 -30.10
CA LEU C 88 -40.11 -30.07 -30.01
C LEU C 88 -41.27 -29.88 -29.03
N GLU C 89 -41.08 -29.01 -28.05
CA GLU C 89 -42.14 -28.61 -27.14
C GLU C 89 -42.45 -27.14 -27.43
N LEU C 90 -43.62 -26.88 -27.99
CA LEU C 90 -44.06 -25.55 -28.38
C LEU C 90 -45.15 -25.06 -27.45
N GLN C 91 -44.98 -23.85 -26.93
CA GLN C 91 -45.93 -23.30 -25.97
C GLN C 91 -46.25 -21.86 -26.31
N GLY C 92 -47.54 -21.52 -26.28
CA GLY C 92 -47.96 -20.14 -26.20
C GLY C 92 -48.00 -19.73 -24.73
N LEU C 93 -47.57 -18.51 -24.46
CA LEU C 93 -47.48 -18.02 -23.10
C LEU C 93 -48.31 -16.76 -22.94
N GLN C 94 -48.75 -16.50 -21.72
CA GLN C 94 -49.43 -15.24 -21.39
C GLN C 94 -48.39 -14.12 -21.52
N LYS C 95 -48.86 -12.94 -21.91
CA LYS C 95 -48.12 -11.69 -22.20
C LYS C 95 -47.53 -11.76 -23.60
N ASP C 96 -48.21 -12.47 -24.50
CA ASP C 96 -47.82 -12.53 -25.92
C ASP C 96 -46.40 -13.04 -26.11
N MET C 97 -46.11 -14.21 -25.56
CA MET C 97 -44.78 -14.80 -25.74
C MET C 97 -44.96 -16.25 -26.17
N THR C 98 -43.95 -16.74 -26.89
CA THR C 98 -43.86 -18.12 -27.34
C THR C 98 -42.56 -18.71 -26.83
N ARG C 99 -42.62 -19.96 -26.37
CA ARG C 99 -41.44 -20.68 -25.91
C ARG C 99 -41.22 -21.90 -26.78
N ILE C 100 -39.99 -22.06 -27.27
CA ILE C 100 -39.59 -23.19 -28.10
C ILE C 100 -38.51 -23.95 -27.36
N ARG C 101 -38.76 -25.22 -27.05
CA ARG C 101 -37.77 -26.10 -26.46
C ARG C 101 -37.60 -27.34 -27.32
N ILE C 102 -36.34 -27.71 -27.55
CA ILE C 102 -35.98 -28.87 -28.36
C ILE C 102 -34.92 -29.66 -27.60
N ASP C 103 -35.16 -30.96 -27.44
CA ASP C 103 -34.26 -31.86 -26.74
C ASP C 103 -34.24 -33.20 -27.48
N GLU C 104 -33.34 -34.09 -27.04
CA GLU C 104 -33.33 -35.43 -27.60
C GLU C 104 -34.52 -36.22 -27.07
N LEU C 105 -35.09 -37.07 -27.94
CA LEU C 105 -36.23 -37.89 -27.54
C LEU C 105 -35.78 -38.97 -26.55
N GLU C 106 -34.69 -39.66 -26.87
CA GLU C 106 -34.14 -40.73 -26.02
C GLU C 106 -32.69 -40.41 -25.77
N PRO C 107 -32.40 -39.50 -24.86
CA PRO C 107 -31.01 -39.22 -24.55
C PRO C 107 -30.38 -40.27 -23.65
N ARG C 108 -29.08 -40.52 -23.91
CA ARG C 108 -28.32 -41.40 -23.03
C ARG C 108 -28.26 -40.84 -21.63
N ARG C 109 -28.12 -39.52 -21.51
CA ARG C 109 -28.08 -38.78 -20.27
C ARG C 109 -28.88 -37.51 -20.47
N PRO C 110 -29.46 -36.97 -19.41
CA PRO C 110 -30.18 -35.69 -19.54
C PRO C 110 -29.23 -34.57 -19.91
N ARG C 111 -29.72 -33.64 -20.72
CA ARG C 111 -28.99 -32.43 -21.05
C ARG C 111 -29.31 -31.33 -20.05
N TYR C 112 -28.43 -30.34 -19.97
CA TYR C 112 -28.59 -29.28 -18.99
C TYR C 112 -29.75 -28.37 -19.34
N ARG C 113 -30.54 -28.02 -18.33
CA ARG C 113 -31.56 -26.98 -18.44
C ARG C 113 -31.30 -25.94 -17.36
N VAL C 114 -31.23 -24.68 -17.76
CA VAL C 114 -30.73 -23.62 -16.88
C VAL C 114 -31.69 -23.38 -15.72
N PRO C 115 -31.26 -23.60 -14.48
CA PRO C 115 -32.11 -23.34 -13.32
C PRO C 115 -31.88 -21.95 -12.76
N ASP C 116 -32.76 -21.56 -11.84
CA ASP C 116 -32.64 -20.39 -10.97
C ASP C 116 -32.68 -19.06 -11.71
N VAL C 117 -32.78 -19.04 -13.03
CA VAL C 117 -32.85 -17.80 -13.78
C VAL C 117 -34.28 -17.33 -13.94
N LEU C 118 -35.18 -18.24 -14.33
CA LEU C 118 -36.60 -17.91 -14.38
C LEU C 118 -37.14 -17.76 -12.97
N VAL C 119 -37.92 -16.70 -12.74
CA VAL C 119 -38.47 -16.46 -11.41
C VAL C 119 -39.72 -17.28 -11.14
N ALA C 120 -40.37 -17.79 -12.18
CA ALA C 120 -41.58 -18.58 -12.03
C ALA C 120 -41.75 -19.47 -13.25
N ASP C 121 -42.64 -20.44 -13.12
CA ASP C 121 -43.10 -21.19 -14.28
C ASP C 121 -44.03 -20.31 -15.10
N PRO C 122 -43.66 -19.94 -16.33
CA PRO C 122 -44.44 -18.94 -17.07
C PRO C 122 -45.85 -19.42 -17.37
N PRO C 123 -46.86 -18.59 -17.11
CA PRO C 123 -48.24 -18.97 -17.43
C PRO C 123 -48.43 -19.16 -18.93
N THR C 124 -49.11 -20.24 -19.29
CA THR C 124 -49.29 -20.62 -20.68
C THR C 124 -50.60 -20.10 -21.26
N ALA C 125 -50.66 -20.06 -22.59
CA ALA C 125 -51.89 -19.83 -23.33
C ALA C 125 -52.18 -21.06 -24.19
N ARG C 126 -53.45 -21.24 -24.53
CA ARG C 126 -53.87 -22.41 -25.29
C ARG C 126 -53.55 -22.28 -26.76
N LEU C 127 -53.05 -23.36 -27.34
CA LEU C 127 -52.89 -23.48 -28.78
C LEU C 127 -54.09 -24.22 -29.35
N SER C 128 -54.57 -23.77 -30.50
CA SER C 128 -55.71 -24.39 -31.18
C SER C 128 -55.35 -24.64 -32.63
N VAL C 129 -55.77 -25.78 -33.15
CA VAL C 129 -55.57 -26.09 -34.57
C VAL C 129 -56.57 -25.30 -35.40
N SER C 130 -56.05 -24.41 -36.25
CA SER C 130 -56.87 -23.59 -37.13
C SER C 130 -56.65 -23.91 -38.61
N GLY C 131 -55.81 -24.88 -38.91
CA GLY C 131 -55.55 -25.28 -40.28
C GLY C 131 -54.54 -26.41 -40.31
N ARG C 132 -54.66 -27.32 -41.27
CA ARG C 132 -53.75 -28.46 -41.32
C ARG C 132 -53.81 -29.11 -42.69
N ASP C 133 -52.66 -29.55 -43.18
CA ASP C 133 -52.58 -30.40 -44.37
C ASP C 133 -51.45 -31.39 -44.13
N ASP C 134 -50.94 -31.97 -45.22
CA ASP C 134 -49.90 -32.98 -45.13
C ASP C 134 -48.53 -32.41 -44.75
N ASN C 135 -48.30 -31.11 -44.98
CA ASN C 135 -46.99 -30.53 -44.72
C ASN C 135 -47.06 -29.28 -43.84
N SER C 136 -48.18 -29.05 -43.16
CA SER C 136 -48.35 -27.80 -42.43
C SER C 136 -49.43 -27.96 -41.37
N VAL C 137 -49.22 -27.31 -40.22
CA VAL C 137 -50.23 -27.20 -39.18
C VAL C 137 -50.21 -25.75 -38.69
N GLU C 138 -51.34 -25.06 -38.80
CA GLU C 138 -51.47 -23.70 -38.29
C GLU C 138 -52.16 -23.74 -36.94
N LEU C 139 -51.59 -23.06 -35.96
CA LEU C 139 -52.13 -22.99 -34.61
C LEU C 139 -52.42 -21.55 -34.23
N THR C 140 -53.52 -21.35 -33.51
CA THR C 140 -53.91 -20.04 -32.99
C THR C 140 -53.67 -20.02 -31.49
N VAL C 141 -53.03 -18.95 -31.00
CA VAL C 141 -52.75 -18.78 -29.58
C VAL C 141 -53.97 -18.13 -28.93
N ALA C 142 -54.53 -18.80 -27.93
CA ALA C 142 -55.74 -18.33 -27.24
C ALA C 142 -56.85 -18.05 -28.24
N GLU C 143 -57.29 -16.79 -28.30
CA GLU C 143 -58.32 -16.37 -29.25
C GLU C 143 -57.78 -15.39 -30.28
N GLY C 144 -56.49 -15.48 -30.59
CA GLY C 144 -55.87 -14.58 -31.54
C GLY C 144 -55.32 -13.35 -30.86
N PRO C 145 -54.64 -12.48 -31.62
CA PRO C 145 -54.44 -12.57 -33.07
C PRO C 145 -53.19 -13.34 -33.50
N TYR C 146 -52.49 -13.95 -32.55
CA TYR C 146 -51.21 -14.58 -32.82
C TYR C 146 -51.39 -16.03 -33.30
N LYS C 147 -50.69 -16.37 -34.37
CA LYS C 147 -50.72 -17.72 -34.94
C LYS C 147 -49.31 -18.20 -35.25
N ILE C 148 -49.14 -19.51 -35.18
CA ILE C 148 -47.87 -20.18 -35.44
C ILE C 148 -48.08 -21.21 -36.54
N ILE C 149 -47.31 -21.08 -37.63
CA ILE C 149 -47.37 -22.03 -38.74
C ILE C 149 -46.19 -22.98 -38.60
N LEU C 150 -46.48 -24.25 -38.31
CA LEU C 150 -45.47 -25.30 -38.26
C LEU C 150 -45.42 -26.02 -39.61
N THR C 151 -44.32 -25.85 -40.33
CA THR C 151 -44.07 -26.58 -41.56
C THR C 151 -43.34 -27.88 -41.26
N ALA C 152 -43.76 -28.95 -41.92
CA ALA C 152 -43.20 -30.28 -41.62
C ALA C 152 -41.88 -30.52 -42.33
N GLN C 153 -41.83 -30.25 -43.63
CA GLN C 153 -40.62 -30.53 -44.39
C GLN C 153 -40.34 -29.43 -45.41
N PRO C 154 -39.22 -28.69 -45.28
CA PRO C 154 -38.30 -28.79 -44.14
C PRO C 154 -38.90 -28.18 -42.87
N PHE C 155 -38.42 -28.61 -41.71
CA PHE C 155 -38.93 -28.10 -40.44
C PHE C 155 -38.78 -26.58 -40.36
N ARG C 156 -39.83 -25.91 -39.91
CA ARG C 156 -39.88 -24.45 -39.89
C ARG C 156 -41.03 -24.01 -38.98
N LEU C 157 -40.86 -22.83 -38.39
CA LEU C 157 -41.91 -22.20 -37.60
C LEU C 157 -42.04 -20.74 -38.02
N ASP C 158 -43.27 -20.28 -38.16
CA ASP C 158 -43.57 -18.90 -38.52
C ASP C 158 -44.49 -18.29 -37.48
N LEU C 159 -44.20 -17.04 -37.11
CA LEU C 159 -45.00 -16.30 -36.13
C LEU C 159 -45.71 -15.14 -36.83
N LEU C 160 -47.03 -15.09 -36.66
CA LEU C 160 -47.84 -14.08 -37.31
C LEU C 160 -48.78 -13.43 -36.32
N GLU C 161 -48.99 -12.13 -36.49
CA GLU C 161 -50.14 -11.44 -35.89
C GLU C 161 -51.11 -11.21 -37.04
N ASP C 162 -52.26 -11.89 -36.99
CA ASP C 162 -53.18 -11.96 -38.11
C ASP C 162 -52.46 -12.51 -39.33
N ARG C 163 -52.16 -11.66 -40.31
CA ARG C 163 -51.43 -12.09 -41.50
C ARG C 163 -50.09 -11.38 -41.67
N SER C 164 -49.65 -10.63 -40.67
CA SER C 164 -48.34 -9.99 -40.72
C SER C 164 -47.31 -10.97 -40.18
N LEU C 165 -46.35 -11.35 -41.02
CA LEU C 165 -45.28 -12.24 -40.58
C LEU C 165 -44.35 -11.49 -39.64
N LEU C 166 -44.24 -11.97 -38.41
CA LEU C 166 -43.37 -11.34 -37.42
C LEU C 166 -41.97 -11.96 -37.40
N LEU C 167 -41.88 -13.28 -37.48
CA LEU C 167 -40.62 -13.96 -37.23
C LEU C 167 -40.71 -15.39 -37.74
N SER C 168 -39.60 -15.88 -38.30
CA SER C 168 -39.49 -17.24 -38.76
C SER C 168 -38.34 -17.95 -38.04
N VAL C 169 -38.51 -19.26 -37.83
CA VAL C 169 -37.53 -20.08 -37.14
C VAL C 169 -37.05 -21.15 -38.11
N ASN C 170 -35.73 -21.28 -38.26
CA ASN C 170 -35.11 -22.24 -39.16
C ASN C 170 -35.40 -21.94 -40.63
N ALA C 171 -35.58 -20.65 -40.95
CA ALA C 171 -35.86 -20.26 -42.33
C ALA C 171 -34.61 -20.37 -43.22
N ARG C 172 -33.42 -20.19 -42.65
CA ARG C 172 -32.18 -20.33 -43.40
C ARG C 172 -31.61 -21.74 -43.33
N GLY C 173 -32.32 -22.67 -42.71
CA GLY C 173 -31.88 -24.05 -42.67
C GLY C 173 -30.62 -24.28 -41.86
N LEU C 174 -30.39 -23.49 -40.81
CA LEU C 174 -29.15 -23.56 -40.04
C LEU C 174 -29.30 -24.31 -38.73
N MET C 175 -30.46 -24.90 -38.45
CA MET C 175 -30.63 -25.67 -37.22
C MET C 175 -29.65 -26.84 -37.17
N ALA C 176 -28.99 -26.99 -36.03
CA ALA C 176 -28.03 -28.08 -35.83
C ALA C 176 -28.10 -28.51 -34.38
N PHE C 177 -28.27 -29.82 -34.15
CA PHE C 177 -28.43 -30.37 -32.81
C PHE C 177 -27.59 -31.64 -32.73
N GLU C 178 -26.38 -31.50 -32.19
CA GLU C 178 -25.46 -32.63 -32.07
C GLU C 178 -25.91 -33.51 -30.91
N HIS C 179 -26.33 -34.73 -31.23
CA HIS C 179 -26.79 -35.67 -30.21
C HIS C 179 -25.59 -36.26 -29.46
N GLN C 180 -25.87 -36.78 -28.26
CA GLN C 180 -24.82 -37.35 -27.43
C GLN C 180 -24.47 -38.73 -27.97
N ARG C 181 -23.22 -38.90 -28.39
CA ARG C 181 -22.78 -40.13 -29.03
C ARG C 181 -22.23 -41.10 -27.99
N ALA C 182 -21.62 -42.18 -28.45
CA ALA C 182 -21.00 -43.16 -27.57
C ALA C 182 -19.75 -42.58 -26.94
N PRO C 183 -19.73 -42.34 -25.63
CA PRO C 183 -18.61 -41.61 -25.02
C PRO C 183 -17.32 -42.43 -25.04
N ARG C 184 -16.23 -41.72 -24.83
CA ARG C 184 -14.89 -42.32 -24.77
C ARG C 184 -14.11 -41.78 -23.58
N GLU C 243 -14.49 -33.39 -37.44
CA GLU C 243 -13.68 -34.43 -36.82
C GLU C 243 -12.57 -33.88 -35.90
N PRO C 244 -11.72 -32.94 -36.37
CA PRO C 244 -10.66 -32.42 -35.50
C PRO C 244 -11.24 -31.59 -34.37
N GLY C 245 -10.89 -31.96 -33.14
CA GLY C 245 -11.36 -31.24 -31.98
C GLY C 245 -12.78 -31.55 -31.57
N ALA C 246 -13.44 -32.53 -32.21
CA ALA C 246 -14.78 -32.90 -31.80
C ALA C 246 -14.80 -33.57 -30.43
N TRP C 247 -13.73 -34.30 -30.09
CA TRP C 247 -13.58 -34.89 -28.76
C TRP C 247 -12.43 -34.19 -28.05
N GLU C 248 -11.37 -34.92 -27.69
CA GLU C 248 -10.23 -34.28 -27.05
C GLU C 248 -9.71 -33.12 -27.91
N GLU C 249 -9.53 -31.96 -27.28
CA GLU C 249 -9.24 -30.73 -27.97
C GLU C 249 -8.28 -29.91 -27.14
N THR C 250 -7.25 -29.35 -27.78
CA THR C 250 -6.26 -28.53 -27.09
C THR C 250 -6.27 -27.13 -27.67
N PHE C 251 -6.11 -26.14 -26.78
CA PHE C 251 -5.94 -24.75 -27.16
C PHE C 251 -4.74 -24.21 -26.40
N LYS C 252 -3.73 -23.76 -27.14
CA LYS C 252 -2.44 -23.34 -26.59
C LYS C 252 -1.88 -24.51 -25.80
N THR C 253 -1.71 -24.42 -24.48
CA THR C 253 -1.17 -25.51 -23.68
C THR C 253 -2.21 -26.21 -22.85
N HIS C 254 -3.50 -25.87 -23.03
CA HIS C 254 -4.57 -26.43 -22.22
C HIS C 254 -5.33 -27.46 -23.04
N SER C 255 -5.68 -28.58 -22.39
CA SER C 255 -6.31 -29.71 -23.06
C SER C 255 -7.68 -29.98 -22.43
N ASP C 256 -8.72 -29.95 -23.25
CA ASP C 256 -10.08 -30.30 -22.83
C ASP C 256 -10.30 -31.77 -23.14
N SER C 257 -10.49 -32.59 -22.09
CA SER C 257 -10.68 -34.01 -22.31
C SER C 257 -12.02 -34.31 -22.99
N LYS C 258 -13.00 -33.42 -22.83
CA LYS C 258 -14.29 -33.48 -23.53
C LYS C 258 -14.93 -34.89 -23.53
N PRO C 259 -15.30 -35.39 -22.33
CA PRO C 259 -15.78 -36.78 -22.25
C PRO C 259 -17.12 -37.03 -22.93
N TYR C 260 -17.85 -35.98 -23.35
CA TYR C 260 -19.14 -36.15 -24.00
C TYR C 260 -19.10 -35.91 -25.50
N GLY C 261 -17.96 -35.52 -26.05
CA GLY C 261 -17.88 -35.26 -27.47
C GLY C 261 -18.72 -34.08 -27.88
N PRO C 262 -19.03 -33.99 -29.18
CA PRO C 262 -19.81 -32.86 -29.68
C PRO C 262 -21.26 -32.92 -29.20
N THR C 263 -21.71 -31.83 -28.57
CA THR C 263 -23.09 -31.76 -28.07
C THR C 263 -23.71 -30.39 -28.35
N SER C 264 -23.18 -29.64 -29.30
CA SER C 264 -23.62 -28.26 -29.49
C SER C 264 -24.98 -28.20 -30.17
N VAL C 265 -25.71 -27.12 -29.89
CA VAL C 265 -27.03 -26.88 -30.43
C VAL C 265 -27.06 -25.51 -31.08
N GLY C 266 -27.92 -25.35 -32.07
CA GLY C 266 -27.99 -24.10 -32.81
C GLY C 266 -29.31 -23.96 -33.53
N LEU C 267 -29.66 -22.71 -33.80
CA LEU C 267 -30.93 -22.41 -34.44
C LEU C 267 -30.90 -20.98 -34.95
N ASP C 268 -31.53 -20.75 -36.11
CA ASP C 268 -31.57 -19.43 -36.71
C ASP C 268 -32.97 -18.86 -36.66
N PHE C 269 -33.04 -17.53 -36.70
CA PHE C 269 -34.29 -16.78 -36.62
C PHE C 269 -34.24 -15.67 -37.66
N SER C 270 -35.39 -15.40 -38.28
CA SER C 270 -35.49 -14.39 -39.32
C SER C 270 -36.45 -13.30 -38.88
N LEU C 271 -36.04 -12.04 -39.04
CA LEU C 271 -36.79 -10.89 -38.55
C LEU C 271 -37.11 -9.97 -39.72
N PRO C 272 -38.22 -10.23 -40.42
CA PRO C 272 -38.58 -9.36 -41.56
C PRO C 272 -38.93 -7.97 -41.08
N GLY C 273 -38.38 -6.96 -41.76
CA GLY C 273 -38.62 -5.58 -41.42
C GLY C 273 -37.66 -4.98 -40.41
N MET C 274 -36.79 -5.79 -39.80
CA MET C 274 -35.86 -5.33 -38.79
C MET C 274 -34.49 -5.07 -39.40
N GLU C 275 -33.97 -3.87 -39.21
CA GLU C 275 -32.62 -3.53 -39.62
C GLU C 275 -31.71 -3.18 -38.45
N HIS C 276 -32.23 -3.15 -37.22
CA HIS C 276 -31.48 -2.71 -36.06
C HIS C 276 -31.70 -3.71 -34.93
N VAL C 277 -30.61 -4.29 -34.42
CA VAL C 277 -30.67 -5.20 -33.28
C VAL C 277 -29.73 -4.70 -32.20
N TYR C 278 -30.03 -5.07 -30.95
CA TYR C 278 -29.34 -4.54 -29.79
C TYR C 278 -29.28 -5.62 -28.72
N GLY C 279 -28.35 -5.44 -27.78
CA GLY C 279 -28.30 -6.31 -26.62
C GLY C 279 -27.08 -7.22 -26.57
N ILE C 280 -27.33 -8.47 -26.20
CA ILE C 280 -26.32 -9.50 -25.88
C ILE C 280 -25.03 -8.90 -25.32
N PRO C 281 -25.07 -8.18 -24.20
CA PRO C 281 -23.83 -7.80 -23.53
C PRO C 281 -23.16 -9.03 -22.95
N GLU C 282 -21.87 -8.92 -22.63
CA GLU C 282 -21.11 -7.67 -22.60
C GLU C 282 -20.02 -7.61 -23.67
N HIS C 283 -20.03 -6.53 -24.45
CA HIS C 283 -19.02 -6.30 -25.48
C HIS C 283 -18.66 -4.82 -25.47
N ALA C 284 -17.38 -4.53 -25.68
CA ALA C 284 -16.91 -3.16 -25.83
C ALA C 284 -17.15 -2.72 -27.27
N ASP C 285 -18.43 -2.52 -27.58
CA ASP C 285 -18.86 -2.30 -28.95
C ASP C 285 -20.05 -1.35 -28.96
N SER C 286 -20.46 -0.98 -30.17
CA SER C 286 -21.52 0.01 -30.34
C SER C 286 -22.86 -0.54 -29.85
N LEU C 287 -23.78 0.39 -29.54
CA LEU C 287 -25.11 0.01 -29.07
C LEU C 287 -25.83 -0.80 -30.12
N ARG C 288 -25.96 -0.27 -31.33
CA ARG C 288 -26.51 -1.03 -32.44
C ARG C 288 -25.50 -2.09 -32.87
N LEU C 289 -25.89 -3.35 -32.79
CA LEU C 289 -24.98 -4.45 -33.10
C LEU C 289 -24.68 -4.49 -34.59
N LYS C 290 -23.45 -4.86 -34.93
CA LYS C 290 -23.01 -4.94 -36.32
C LYS C 290 -23.25 -6.35 -36.88
N VAL C 291 -23.36 -6.42 -38.21
CA VAL C 291 -23.42 -7.72 -38.86
C VAL C 291 -22.09 -8.44 -38.66
N THR C 292 -22.17 -9.77 -38.55
CA THR C 292 -21.00 -10.60 -38.29
C THR C 292 -20.52 -11.36 -39.52
N GLU C 293 -21.10 -11.09 -40.69
CA GLU C 293 -20.87 -11.90 -41.88
C GLU C 293 -19.37 -12.02 -42.21
N GLY C 294 -18.70 -10.88 -42.32
CA GLY C 294 -17.30 -10.91 -42.73
C GLY C 294 -16.29 -11.02 -41.61
N GLY C 295 -16.71 -11.36 -40.40
CA GLY C 295 -15.81 -11.44 -39.27
C GLY C 295 -16.26 -12.46 -38.25
N GLU C 296 -16.01 -12.16 -36.98
CA GLU C 296 -16.34 -13.05 -35.88
C GLU C 296 -17.79 -12.87 -35.45
N PRO C 297 -18.43 -13.94 -34.98
CA PRO C 297 -19.70 -13.77 -34.27
C PRO C 297 -19.48 -13.07 -32.94
N TYR C 298 -20.56 -12.50 -32.41
CA TYR C 298 -20.51 -12.01 -31.04
C TYR C 298 -20.47 -13.20 -30.10
N ARG C 299 -19.58 -13.14 -29.12
CA ARG C 299 -19.34 -14.26 -28.22
C ARG C 299 -19.89 -13.93 -26.84
N LEU C 300 -20.57 -14.91 -26.24
CA LEU C 300 -21.10 -14.80 -24.89
C LEU C 300 -20.42 -15.87 -24.05
N TYR C 301 -19.36 -15.48 -23.35
CA TYR C 301 -18.60 -16.40 -22.49
C TYR C 301 -17.88 -15.53 -21.48
N ASN C 302 -18.30 -15.59 -20.22
CA ASN C 302 -17.75 -14.71 -19.19
C ASN C 302 -16.24 -14.90 -19.04
N LEU C 303 -15.48 -13.87 -19.45
CA LEU C 303 -14.04 -13.97 -19.54
C LEU C 303 -13.40 -12.70 -19.02
N ASP C 304 -12.20 -12.85 -18.48
CA ASP C 304 -11.39 -11.76 -17.92
C ASP C 304 -10.36 -11.39 -18.98
N VAL C 305 -10.60 -10.28 -19.67
CA VAL C 305 -9.78 -9.83 -20.79
C VAL C 305 -8.94 -8.65 -20.30
N PHE C 306 -7.63 -8.87 -20.17
CA PHE C 306 -6.73 -7.85 -19.65
C PHE C 306 -6.56 -6.72 -20.65
N GLN C 307 -6.78 -5.49 -20.21
CA GLN C 307 -6.68 -4.28 -21.04
C GLN C 307 -7.48 -4.43 -22.33
N TYR C 308 -8.78 -4.70 -22.17
CA TYR C 308 -9.62 -4.97 -23.34
C TYR C 308 -9.71 -3.72 -24.22
N GLU C 309 -9.88 -3.96 -25.51
CA GLU C 309 -9.93 -2.91 -26.51
C GLU C 309 -11.36 -2.71 -27.01
N LEU C 310 -11.56 -1.61 -27.73
CA LEU C 310 -12.87 -1.15 -28.13
C LEU C 310 -13.23 -1.59 -29.54
N ASN C 311 -14.54 -1.64 -29.81
CA ASN C 311 -15.10 -1.93 -31.12
C ASN C 311 -14.63 -3.29 -31.65
N ASN C 312 -14.92 -4.32 -30.87
CA ASN C 312 -14.65 -5.69 -31.28
C ASN C 312 -15.60 -6.61 -30.54
N PRO C 313 -15.86 -7.80 -31.08
CA PRO C 313 -16.90 -8.67 -30.48
C PRO C 313 -16.37 -9.68 -29.47
N MET C 314 -15.14 -9.50 -28.98
CA MET C 314 -14.63 -10.44 -27.99
C MET C 314 -15.53 -10.45 -26.77
N ALA C 315 -15.67 -11.63 -26.17
CA ALA C 315 -16.48 -11.77 -24.96
C ALA C 315 -15.79 -11.13 -23.77
N LEU C 316 -16.56 -10.39 -22.97
CA LEU C 316 -16.05 -9.77 -21.76
C LEU C 316 -16.65 -10.48 -20.55
N TYR C 317 -16.79 -9.77 -19.43
CA TYR C 317 -16.99 -10.42 -18.14
C TYR C 317 -18.39 -10.98 -17.95
N GLY C 318 -19.39 -10.45 -18.66
CA GLY C 318 -20.76 -10.87 -18.45
C GLY C 318 -21.43 -11.26 -19.76
N SER C 319 -22.53 -12.01 -19.64
CA SER C 319 -23.25 -12.56 -20.79
C SER C 319 -24.74 -12.54 -20.48
N VAL C 320 -25.51 -11.75 -21.22
CA VAL C 320 -26.96 -11.75 -21.14
C VAL C 320 -27.51 -12.13 -22.51
N PRO C 321 -27.96 -13.37 -22.70
CA PRO C 321 -28.37 -13.85 -24.04
C PRO C 321 -29.77 -13.36 -24.43
N VAL C 322 -29.89 -12.05 -24.59
CA VAL C 322 -31.16 -11.40 -24.91
C VAL C 322 -30.90 -10.39 -26.02
N LEU C 323 -31.64 -10.50 -27.10
CA LEU C 323 -31.47 -9.62 -28.26
C LEU C 323 -32.77 -8.90 -28.55
N LEU C 324 -32.68 -7.58 -28.72
CA LEU C 324 -33.82 -6.74 -29.04
C LEU C 324 -33.76 -6.30 -30.50
N ALA C 325 -34.90 -6.35 -31.18
CA ALA C 325 -35.02 -5.91 -32.56
C ALA C 325 -36.03 -4.77 -32.62
N HIS C 326 -35.65 -3.67 -33.26
CA HIS C 326 -36.50 -2.49 -33.31
C HIS C 326 -36.69 -2.02 -34.74
N SER C 327 -37.92 -1.66 -35.06
CA SER C 327 -38.24 -0.98 -36.31
C SER C 327 -39.22 0.14 -36.03
N PHE C 328 -39.50 0.93 -37.05
CA PHE C 328 -40.56 1.94 -36.97
C PHE C 328 -41.88 1.33 -36.51
N HIS C 329 -42.13 0.07 -36.86
CA HIS C 329 -43.44 -0.54 -36.71
C HIS C 329 -43.60 -1.43 -35.48
N ARG C 330 -42.52 -2.07 -35.02
CA ARG C 330 -42.68 -3.07 -33.96
C ARG C 330 -41.36 -3.27 -33.23
N ASP C 331 -41.46 -3.90 -32.06
CA ASP C 331 -40.32 -4.32 -31.27
C ASP C 331 -40.47 -5.79 -30.90
N LEU C 332 -39.37 -6.52 -30.95
CA LEU C 332 -39.34 -7.93 -30.61
C LEU C 332 -38.10 -8.21 -29.77
N GLY C 333 -38.17 -9.30 -29.02
CA GLY C 333 -37.02 -9.75 -28.26
C GLY C 333 -36.88 -11.26 -28.34
N ILE C 334 -35.63 -11.72 -28.30
CA ILE C 334 -35.31 -13.15 -28.27
C ILE C 334 -34.45 -13.41 -27.05
N PHE C 335 -34.88 -14.37 -26.23
CA PHE C 335 -34.21 -14.73 -24.98
C PHE C 335 -33.78 -16.18 -25.12
N TRP C 336 -32.49 -16.39 -25.37
CA TRP C 336 -31.91 -17.70 -25.60
C TRP C 336 -31.37 -18.22 -24.26
N LEU C 337 -32.18 -19.02 -23.57
CA LEU C 337 -31.84 -19.44 -22.21
C LEU C 337 -30.90 -20.62 -22.25
N ASN C 338 -29.61 -20.33 -22.38
CA ASN C 338 -28.54 -21.33 -22.39
C ASN C 338 -27.35 -20.79 -21.61
N ALA C 339 -26.77 -21.61 -20.75
CA ALA C 339 -25.67 -21.18 -19.88
C ALA C 339 -24.30 -21.57 -20.39
N ALA C 340 -24.21 -22.23 -21.55
CA ALA C 340 -22.93 -22.64 -22.10
C ALA C 340 -22.35 -21.57 -23.02
N GLU C 341 -21.10 -21.76 -23.43
CA GLU C 341 -20.49 -20.85 -24.40
C GLU C 341 -21.38 -20.72 -25.62
N THR C 342 -21.66 -19.47 -25.99
CA THR C 342 -22.61 -19.19 -27.06
C THR C 342 -22.04 -18.14 -28.00
N TRP C 343 -22.20 -18.40 -29.30
CA TRP C 343 -21.83 -17.46 -30.35
C TRP C 343 -23.11 -17.00 -31.06
N VAL C 344 -23.11 -15.73 -31.48
CA VAL C 344 -24.30 -15.12 -32.07
C VAL C 344 -23.89 -14.48 -33.39
N ASP C 345 -24.46 -14.95 -34.50
CA ASP C 345 -24.22 -14.40 -35.82
C ASP C 345 -25.36 -13.50 -36.23
N ILE C 346 -25.04 -12.38 -36.88
CA ILE C 346 -26.01 -11.38 -37.30
C ILE C 346 -25.77 -11.09 -38.78
N SER C 347 -26.80 -11.24 -39.61
CA SER C 347 -26.69 -11.02 -41.04
C SER C 347 -27.87 -10.20 -41.54
N SER C 348 -27.61 -9.36 -42.54
CA SER C 348 -28.60 -8.45 -43.09
C SER C 348 -29.05 -8.91 -44.48
N ASN C 349 -30.19 -8.38 -44.90
CA ASN C 349 -30.71 -8.63 -46.25
C ASN C 349 -31.23 -7.34 -46.88
N THR C 369 -38.86 -5.43 -47.61
CA THR C 369 -37.70 -6.21 -48.01
C THR C 369 -36.54 -6.29 -46.98
N PRO C 370 -36.26 -5.21 -46.22
CA PRO C 370 -35.21 -5.30 -45.20
C PRO C 370 -35.48 -6.40 -44.20
N GLN C 371 -34.44 -7.14 -43.85
CA GLN C 371 -34.57 -8.28 -42.95
C GLN C 371 -33.23 -8.56 -42.30
N THR C 372 -33.26 -8.92 -41.02
CA THR C 372 -32.08 -9.32 -40.26
C THR C 372 -32.25 -10.74 -39.76
N ASP C 373 -31.23 -11.56 -39.94
CA ASP C 373 -31.23 -12.94 -39.47
C ASP C 373 -30.29 -13.09 -38.28
N ILE C 374 -30.74 -13.85 -37.27
CA ILE C 374 -29.99 -14.06 -36.03
C ILE C 374 -29.82 -15.56 -35.84
N ARG C 375 -28.61 -15.97 -35.48
CA ARG C 375 -28.31 -17.39 -35.27
C ARG C 375 -27.58 -17.56 -33.95
N TRP C 376 -28.09 -18.45 -33.10
CA TRP C 376 -27.50 -18.77 -31.80
C TRP C 376 -26.84 -20.14 -31.86
N MET C 377 -25.65 -20.25 -31.29
CA MET C 377 -24.88 -21.49 -31.30
C MET C 377 -24.29 -21.70 -29.91
N SER C 378 -24.71 -22.75 -29.22
CA SER C 378 -24.31 -23.00 -27.85
C SER C 378 -23.66 -24.38 -27.72
N GLU C 379 -22.74 -24.51 -26.75
CA GLU C 379 -21.90 -25.69 -26.68
C GLU C 379 -22.64 -26.92 -26.17
N SER C 380 -23.58 -26.74 -25.25
CA SER C 380 -24.29 -27.87 -24.67
C SER C 380 -25.66 -27.38 -24.19
N GLY C 381 -26.33 -28.22 -23.41
CA GLY C 381 -27.68 -27.92 -22.98
C GLY C 381 -28.68 -28.19 -24.07
N ILE C 382 -29.93 -27.82 -23.80
CA ILE C 382 -31.01 -27.95 -24.77
C ILE C 382 -31.19 -26.64 -25.51
N ILE C 383 -32.03 -26.65 -26.54
CA ILE C 383 -32.54 -25.41 -27.12
C ILE C 383 -33.73 -24.95 -26.30
N ASP C 384 -33.65 -23.72 -25.80
CA ASP C 384 -34.71 -23.15 -24.97
C ASP C 384 -34.72 -21.66 -25.24
N VAL C 385 -35.72 -21.20 -25.99
CA VAL C 385 -35.78 -19.82 -26.45
C VAL C 385 -37.17 -19.27 -26.23
N PHE C 386 -37.22 -18.01 -25.78
CA PHE C 386 -38.47 -17.29 -25.59
C PHE C 386 -38.57 -16.22 -26.67
N LEU C 387 -39.73 -16.15 -27.33
CA LEU C 387 -40.00 -15.11 -28.30
C LEU C 387 -40.95 -14.11 -27.66
N MET C 388 -40.53 -12.86 -27.58
CA MET C 388 -41.25 -11.81 -26.88
C MET C 388 -41.73 -10.83 -27.93
N LEU C 389 -43.04 -10.84 -28.20
CA LEU C 389 -43.59 -10.31 -29.44
C LEU C 389 -44.00 -8.85 -29.36
N GLY C 390 -43.71 -8.16 -28.25
CA GLY C 390 -44.01 -6.76 -28.14
C GLY C 390 -45.50 -6.50 -28.02
N PRO C 391 -46.05 -5.59 -28.83
CA PRO C 391 -45.41 -4.93 -29.98
C PRO C 391 -44.50 -3.75 -29.66
N SER C 392 -44.67 -3.11 -28.51
CA SER C 392 -43.78 -2.00 -28.15
C SER C 392 -42.61 -2.50 -27.32
N VAL C 393 -41.57 -1.66 -27.24
CA VAL C 393 -40.37 -2.06 -26.49
C VAL C 393 -40.67 -2.19 -25.01
N PHE C 394 -41.62 -1.41 -24.49
CA PHE C 394 -42.00 -1.53 -23.09
C PHE C 394 -42.79 -2.82 -22.84
N ASP C 395 -43.52 -3.30 -23.85
CA ASP C 395 -44.10 -4.63 -23.74
C ASP C 395 -43.01 -5.69 -23.64
N VAL C 396 -41.93 -5.55 -24.42
CA VAL C 396 -40.82 -6.49 -24.35
C VAL C 396 -40.16 -6.44 -22.98
N PHE C 397 -39.92 -5.23 -22.45
CA PHE C 397 -39.41 -5.11 -21.09
C PHE C 397 -40.27 -5.88 -20.11
N ARG C 398 -41.60 -5.68 -20.17
CA ARG C 398 -42.51 -6.39 -19.28
C ARG C 398 -42.48 -7.89 -19.52
N GLN C 399 -42.44 -8.29 -20.79
CA GLN C 399 -42.38 -9.72 -21.10
C GLN C 399 -41.13 -10.36 -20.50
N TYR C 400 -39.97 -9.76 -20.74
CA TYR C 400 -38.73 -10.33 -20.21
C TYR C 400 -38.68 -10.26 -18.69
N ALA C 401 -39.20 -9.18 -18.10
CA ALA C 401 -39.19 -9.06 -16.64
C ALA C 401 -40.06 -10.12 -15.99
N SER C 402 -41.18 -10.49 -16.62
CA SER C 402 -42.03 -11.54 -16.07
C SER C 402 -41.29 -12.87 -16.04
N LEU C 403 -40.30 -13.04 -16.92
CA LEU C 403 -39.51 -14.27 -16.94
C LEU C 403 -38.37 -14.24 -15.92
N THR C 404 -37.53 -13.20 -15.96
CA THR C 404 -36.30 -13.18 -15.17
C THR C 404 -36.31 -12.19 -14.01
N GLY C 405 -37.41 -11.46 -13.81
CA GLY C 405 -37.50 -10.56 -12.67
C GLY C 405 -37.04 -9.15 -13.00
N THR C 406 -36.99 -8.32 -11.95
CA THR C 406 -36.72 -6.89 -12.12
C THR C 406 -35.48 -6.46 -11.34
N GLN C 407 -35.03 -5.25 -11.62
CA GLN C 407 -33.93 -4.66 -10.88
C GLN C 407 -34.26 -4.61 -9.39
N ALA C 408 -33.40 -5.21 -8.57
CA ALA C 408 -33.53 -5.05 -7.12
C ALA C 408 -33.47 -3.57 -6.75
N LEU C 409 -34.32 -3.17 -5.82
CA LEU C 409 -34.34 -1.77 -5.38
C LEU C 409 -33.09 -1.45 -4.59
N PRO C 410 -32.19 -0.60 -5.10
CA PRO C 410 -30.95 -0.32 -4.36
C PRO C 410 -31.23 0.46 -3.11
N PRO C 411 -30.51 0.20 -2.02
CA PRO C 411 -30.52 1.13 -0.90
C PRO C 411 -30.06 2.49 -1.38
N LEU C 412 -30.66 3.55 -0.82
CA LEU C 412 -30.43 4.89 -1.34
C LEU C 412 -28.95 5.25 -1.40
N PHE C 413 -28.18 4.88 -0.37
CA PHE C 413 -26.77 5.27 -0.33
C PHE C 413 -26.00 4.77 -1.54
N SER C 414 -26.40 3.62 -2.10
CA SER C 414 -25.65 3.06 -3.21
C SER C 414 -25.89 3.82 -4.51
N LEU C 415 -26.86 4.74 -4.54
CA LEU C 415 -27.04 5.64 -5.68
C LEU C 415 -26.23 6.92 -5.53
N GLY C 416 -25.50 7.08 -4.43
CA GLY C 416 -24.59 8.20 -4.28
C GLY C 416 -23.26 7.92 -4.96
N TYR C 417 -22.25 8.70 -4.56
CA TYR C 417 -20.92 8.62 -5.14
C TYR C 417 -20.05 7.66 -4.33
N HIS C 418 -19.33 6.78 -5.03
CA HIS C 418 -18.43 5.81 -4.41
C HIS C 418 -16.99 6.19 -4.69
N GLN C 419 -16.16 6.22 -3.64
CA GLN C 419 -14.74 6.54 -3.77
C GLN C 419 -13.93 5.27 -3.55
N SER C 420 -13.20 4.85 -4.57
CA SER C 420 -12.48 3.58 -4.54
C SER C 420 -11.12 3.75 -5.18
N ARG C 421 -10.22 2.85 -4.82
CA ARG C 421 -9.02 2.57 -5.61
C ARG C 421 -8.43 1.28 -5.09
N TRP C 422 -7.53 0.73 -5.89
CA TRP C 422 -6.62 -0.32 -5.47
C TRP C 422 -5.32 0.39 -5.13
N ASN C 423 -5.02 0.58 -3.84
CA ASN C 423 -5.80 0.23 -2.66
C ASN C 423 -5.66 1.38 -1.66
N TYR C 424 -6.63 1.59 -0.77
CA TYR C 424 -6.34 2.44 0.38
C TYR C 424 -5.57 1.60 1.39
N ARG C 425 -4.49 2.17 1.95
CA ARG C 425 -3.45 1.33 2.54
C ARG C 425 -3.83 0.83 3.93
N ASP C 426 -4.52 1.61 4.75
CA ASP C 426 -4.81 1.22 6.12
C ASP C 426 -5.99 2.03 6.63
N GLU C 427 -6.35 1.78 7.90
CA GLU C 427 -7.48 2.47 8.51
C GLU C 427 -7.27 3.99 8.53
N ALA C 428 -6.04 4.44 8.82
CA ALA C 428 -5.75 5.87 8.83
C ALA C 428 -5.97 6.49 7.45
N ASP C 429 -5.60 5.76 6.40
CA ASP C 429 -5.80 6.25 5.03
C ASP C 429 -7.28 6.41 4.72
N VAL C 430 -8.09 5.40 5.04
CA VAL C 430 -9.53 5.47 4.84
C VAL C 430 -10.13 6.67 5.57
N LEU C 431 -9.70 6.90 6.81
CA LEU C 431 -10.25 8.01 7.59
C LEU C 431 -9.75 9.37 7.09
N GLU C 432 -8.54 9.43 6.53
CA GLU C 432 -8.09 10.66 5.89
C GLU C 432 -8.88 10.96 4.62
N VAL C 433 -9.20 9.92 3.85
CA VAL C 433 -10.05 10.10 2.67
C VAL C 433 -11.42 10.63 3.08
N ASP C 434 -12.02 10.01 4.12
CA ASP C 434 -13.30 10.45 4.62
C ASP C 434 -13.27 11.93 5.02
N GLN C 435 -12.27 12.32 5.80
CA GLN C 435 -12.15 13.71 6.23
C GLN C 435 -11.84 14.63 5.06
N GLY C 436 -11.11 14.14 4.06
CA GLY C 436 -10.82 14.97 2.89
C GLY C 436 -12.06 15.41 2.15
N PHE C 437 -13.05 14.52 2.05
CA PHE C 437 -14.32 14.90 1.42
C PHE C 437 -14.99 16.04 2.17
N ASP C 438 -15.02 15.96 3.51
CA ASP C 438 -15.65 17.01 4.29
C ASP C 438 -14.84 18.30 4.25
N ASP C 439 -13.51 18.20 4.36
CA ASP C 439 -12.68 19.40 4.34
C ASP C 439 -12.74 20.14 3.01
N HIS C 440 -13.08 19.45 1.92
CA HIS C 440 -13.15 20.08 0.61
C HIS C 440 -14.58 20.17 0.08
N ASN C 441 -15.57 19.95 0.95
CA ASN C 441 -16.99 20.11 0.64
C ASN C 441 -17.39 19.34 -0.62
N MET C 442 -17.13 18.05 -0.59
CA MET C 442 -17.57 17.16 -1.66
C MET C 442 -18.36 16.02 -1.02
N PRO C 443 -19.52 15.67 -1.54
CA PRO C 443 -20.30 14.58 -0.98
C PRO C 443 -19.75 13.22 -1.40
N CYS C 444 -19.91 12.24 -0.53
CA CYS C 444 -19.47 10.88 -0.80
C CYS C 444 -20.19 9.96 0.19
N ASP C 445 -20.71 8.84 -0.32
CA ASP C 445 -21.45 7.91 0.53
C ASP C 445 -20.65 6.69 0.95
N VAL C 446 -19.72 6.21 0.13
CA VAL C 446 -19.06 4.92 0.35
C VAL C 446 -17.58 5.03 -0.02
N ILE C 447 -16.73 4.49 0.85
CA ILE C 447 -15.31 4.30 0.56
C ILE C 447 -15.07 2.80 0.45
N TRP C 448 -14.28 2.39 -0.54
CA TRP C 448 -14.12 1.00 -0.92
C TRP C 448 -12.75 0.47 -0.52
N LEU C 449 -12.72 -0.80 -0.10
CA LEU C 449 -11.50 -1.50 0.29
C LEU C 449 -11.25 -2.63 -0.69
N ASP C 450 -10.23 -2.49 -1.52
CA ASP C 450 -9.88 -3.50 -2.51
C ASP C 450 -9.04 -4.59 -1.82
N ILE C 451 -8.44 -5.49 -2.60
CA ILE C 451 -7.92 -6.74 -2.07
C ILE C 451 -6.79 -6.59 -1.06
N GLU C 452 -6.11 -5.46 -1.02
CA GLU C 452 -5.00 -5.35 -0.07
C GLU C 452 -5.45 -5.12 1.36
N HIS C 453 -6.77 -5.04 1.61
CA HIS C 453 -7.25 -4.88 2.99
C HIS C 453 -7.29 -6.20 3.75
N ALA C 454 -7.27 -7.33 3.05
CA ALA C 454 -7.33 -8.63 3.69
C ALA C 454 -5.94 -9.13 4.04
N ASP C 455 -5.89 -10.26 4.75
CA ASP C 455 -4.63 -10.93 5.09
C ASP C 455 -4.16 -11.75 3.90
N GLY C 456 -3.31 -11.15 3.08
CA GLY C 456 -2.73 -11.87 1.96
C GLY C 456 -3.76 -12.46 1.01
N LYS C 457 -4.82 -11.69 0.74
CA LYS C 457 -5.88 -12.10 -0.18
C LYS C 457 -6.61 -13.36 0.31
N ARG C 458 -6.68 -13.52 1.63
CA ARG C 458 -7.63 -14.45 2.26
C ARG C 458 -8.90 -13.67 2.58
N TYR C 459 -9.96 -13.92 1.81
CA TYR C 459 -11.15 -13.11 1.96
C TYR C 459 -11.87 -13.46 3.26
N PHE C 460 -12.69 -12.50 3.72
CA PHE C 460 -13.31 -12.47 5.05
C PHE C 460 -12.30 -12.20 6.16
N THR C 461 -11.07 -11.80 5.83
CA THR C 461 -10.07 -11.47 6.84
C THR C 461 -9.61 -10.03 6.70
N TRP C 462 -8.85 -9.58 7.68
CA TRP C 462 -8.32 -8.23 7.72
C TRP C 462 -6.82 -8.30 7.95
N ASP C 463 -6.06 -7.48 7.22
CA ASP C 463 -4.61 -7.47 7.43
C ASP C 463 -4.33 -7.05 8.87
N PRO C 464 -3.60 -7.85 9.65
CA PRO C 464 -3.48 -7.58 11.09
C PRO C 464 -2.69 -6.33 11.43
N THR C 465 -1.88 -5.81 10.51
CA THR C 465 -1.14 -4.59 10.79
C THR C 465 -1.88 -3.34 10.31
N ARG C 466 -2.41 -3.38 9.09
CA ARG C 466 -2.98 -2.18 8.49
C ARG C 466 -4.48 -2.04 8.76
N PHE C 467 -5.17 -3.12 9.09
CA PHE C 467 -6.57 -3.08 9.48
C PHE C 467 -6.80 -3.90 10.74
N PRO C 468 -6.19 -3.50 11.86
CA PRO C 468 -6.33 -4.29 13.09
C PRO C 468 -7.66 -4.12 13.80
N GLN C 469 -8.37 -3.01 13.60
CA GLN C 469 -9.63 -2.73 14.28
C GLN C 469 -10.68 -2.26 13.27
N PRO C 470 -11.15 -3.17 12.42
CA PRO C 470 -12.14 -2.75 11.40
C PRO C 470 -13.44 -2.22 11.99
N LEU C 471 -13.90 -2.81 13.10
CA LEU C 471 -15.13 -2.33 13.74
C LEU C 471 -15.00 -0.88 14.15
N ASN C 472 -13.84 -0.48 14.67
CA ASN C 472 -13.62 0.93 15.02
CA ASN C 472 -13.63 0.93 15.03
C ASN C 472 -13.63 1.81 13.79
N MET C 473 -12.98 1.36 12.71
CA MET C 473 -13.01 2.12 11.45
C MET C 473 -14.45 2.27 10.96
N LEU C 474 -15.21 1.18 11.00
CA LEU C 474 -16.61 1.23 10.54
C LEU C 474 -17.45 2.14 11.43
N GLU C 475 -17.18 2.15 12.74
CA GLU C 475 -17.92 3.05 13.61
C GLU C 475 -17.60 4.51 13.31
N HIS C 476 -16.33 4.82 13.02
CA HIS C 476 -15.98 6.18 12.60
C HIS C 476 -16.73 6.58 11.34
N LEU C 477 -16.80 5.68 10.36
CA LEU C 477 -17.55 5.98 9.14
C LEU C 477 -19.03 6.15 9.44
N ALA C 478 -19.58 5.34 10.34
CA ALA C 478 -20.98 5.46 10.72
C ALA C 478 -21.26 6.82 11.37
N SER C 479 -20.32 7.31 12.17
CA SER C 479 -20.52 8.62 12.79
C SER C 479 -20.53 9.74 11.75
N LYS C 480 -19.92 9.52 10.59
CA LYS C 480 -20.05 10.43 9.45
C LYS C 480 -21.21 10.03 8.54
N ARG C 481 -21.98 9.01 8.92
CA ARG C 481 -23.12 8.53 8.14
C ARG C 481 -22.69 8.10 6.74
N ARG C 482 -21.58 7.37 6.68
CA ARG C 482 -21.05 6.80 5.45
C ARG C 482 -20.92 5.30 5.60
N LYS C 483 -20.75 4.64 4.45
CA LYS C 483 -20.63 3.18 4.36
C LYS C 483 -19.25 2.81 3.87
N LEU C 484 -18.97 1.51 3.92
CA LEU C 484 -17.76 0.93 3.37
C LEU C 484 -18.13 -0.29 2.56
N VAL C 485 -17.39 -0.54 1.50
CA VAL C 485 -17.50 -1.77 0.71
C VAL C 485 -16.16 -2.48 0.77
N ALA C 486 -16.19 -3.78 1.06
CA ALA C 486 -15.01 -4.63 1.08
C ALA C 486 -15.13 -5.68 -0.01
N ILE C 487 -14.02 -5.97 -0.67
CA ILE C 487 -14.04 -6.95 -1.75
C ILE C 487 -13.99 -8.36 -1.16
N VAL C 488 -14.78 -9.26 -1.75
CA VAL C 488 -14.78 -10.69 -1.40
C VAL C 488 -14.89 -11.44 -2.72
N ASP C 489 -13.81 -12.13 -3.11
CA ASP C 489 -13.76 -12.82 -4.39
C ASP C 489 -14.06 -14.31 -4.20
N PRO C 490 -14.48 -15.00 -5.28
CA PRO C 490 -14.83 -16.42 -5.16
C PRO C 490 -13.66 -17.38 -5.27
N HIS C 491 -12.41 -16.93 -5.13
CA HIS C 491 -11.28 -17.84 -5.06
C HIS C 491 -10.72 -17.87 -3.65
N ILE C 492 -10.44 -19.08 -3.14
CA ILE C 492 -10.09 -19.31 -1.74
C ILE C 492 -8.67 -19.86 -1.69
N LYS C 493 -7.79 -19.14 -0.98
CA LYS C 493 -6.37 -19.54 -0.91
C LYS C 493 -6.22 -20.93 -0.32
N VAL C 494 -5.46 -21.78 -1.01
CA VAL C 494 -5.15 -23.11 -0.49
C VAL C 494 -4.17 -22.96 0.67
N ASP C 495 -4.67 -23.11 1.89
CA ASP C 495 -3.91 -22.76 3.09
C ASP C 495 -4.56 -23.45 4.27
N SER C 496 -3.86 -24.42 4.89
CA SER C 496 -4.45 -25.19 5.97
C SER C 496 -4.67 -24.37 7.24
N GLY C 497 -4.08 -23.18 7.34
CA GLY C 497 -4.39 -22.30 8.45
C GLY C 497 -5.55 -21.36 8.22
N TYR C 498 -6.15 -21.43 7.04
CA TYR C 498 -7.23 -20.53 6.61
C TYR C 498 -8.55 -21.26 6.86
N ARG C 499 -9.34 -20.77 7.82
CA ARG C 499 -10.53 -21.49 8.24
C ARG C 499 -11.50 -21.69 7.09
N VAL C 500 -11.66 -20.67 6.23
CA VAL C 500 -12.57 -20.80 5.10
C VAL C 500 -12.16 -21.96 4.20
N HIS C 501 -10.87 -22.03 3.84
CA HIS C 501 -10.41 -23.12 2.99
C HIS C 501 -10.64 -24.47 3.65
N GLU C 502 -10.33 -24.57 4.95
CA GLU C 502 -10.46 -25.86 5.62
C GLU C 502 -11.91 -26.29 5.69
N GLU C 503 -12.83 -25.36 5.95
CA GLU C 503 -14.25 -25.71 6.01
C GLU C 503 -14.77 -26.16 4.65
N LEU C 504 -14.44 -25.42 3.60
CA LEU C 504 -14.92 -25.78 2.27
C LEU C 504 -14.29 -27.09 1.81
N ARG C 505 -13.01 -27.29 2.14
CA ARG C 505 -12.32 -28.53 1.81
C ARG C 505 -12.97 -29.70 2.55
N ASN C 506 -13.21 -29.54 3.85
CA ASN C 506 -13.74 -30.65 4.64
C ASN C 506 -15.16 -31.03 4.24
N HIS C 507 -15.96 -30.05 3.80
CA HIS C 507 -17.35 -30.30 3.44
C HIS C 507 -17.54 -30.57 1.95
N GLY C 508 -16.45 -30.70 1.20
CA GLY C 508 -16.56 -31.03 -0.21
C GLY C 508 -17.31 -30.01 -1.04
N LEU C 509 -17.14 -28.73 -0.76
CA LEU C 509 -17.90 -27.68 -1.43
C LEU C 509 -17.11 -27.00 -2.54
N TYR C 510 -15.97 -27.57 -2.93
CA TYR C 510 -15.14 -27.01 -3.99
C TYR C 510 -15.50 -27.62 -5.34
N VAL C 511 -15.31 -26.83 -6.40
CA VAL C 511 -15.32 -27.38 -7.76
C VAL C 511 -14.26 -28.46 -7.86
N LYS C 512 -14.57 -29.54 -8.58
CA LYS C 512 -13.69 -30.69 -8.61
C LYS C 512 -13.20 -30.99 -10.03
N THR C 513 -12.12 -31.77 -10.09
CA THR C 513 -11.59 -32.31 -11.32
C THR C 513 -12.06 -33.75 -11.52
N ARG C 514 -11.73 -34.31 -12.68
CA ARG C 514 -12.22 -35.63 -13.03
C ARG C 514 -11.67 -36.72 -12.11
N ASP C 515 -10.50 -36.50 -11.51
CA ASP C 515 -9.95 -37.50 -10.61
C ASP C 515 -10.45 -37.38 -9.17
N GLY C 516 -11.45 -36.53 -8.93
CA GLY C 516 -12.08 -36.43 -7.62
C GLY C 516 -11.40 -35.50 -6.63
N SER C 517 -10.34 -34.82 -7.03
CA SER C 517 -9.70 -33.86 -6.14
C SER C 517 -10.23 -32.46 -6.40
N ASP C 518 -10.07 -31.59 -5.41
CA ASP C 518 -10.52 -30.21 -5.55
C ASP C 518 -9.69 -29.47 -6.58
N TYR C 519 -10.35 -28.72 -7.45
CA TYR C 519 -9.64 -27.96 -8.46
C TYR C 519 -8.78 -26.87 -7.83
N GLU C 520 -7.57 -26.72 -8.33
CA GLU C 520 -6.67 -25.67 -7.86
C GLU C 520 -6.15 -24.91 -9.06
N GLY C 521 -6.29 -23.59 -9.02
CA GLY C 521 -5.71 -22.72 -10.02
C GLY C 521 -4.90 -21.63 -9.35
N TRP C 522 -4.51 -20.61 -10.11
CA TRP C 522 -3.67 -19.52 -9.60
C TRP C 522 -4.46 -18.22 -9.69
N CYS C 523 -4.52 -17.48 -8.60
CA CYS C 523 -5.15 -16.17 -8.61
C CYS C 523 -4.40 -15.28 -7.61
N TRP C 524 -5.06 -14.23 -7.13
CA TRP C 524 -4.39 -13.25 -6.28
C TRP C 524 -3.64 -13.86 -5.08
N PRO C 525 -4.18 -14.82 -4.33
CA PRO C 525 -3.41 -15.39 -3.21
C PRO C 525 -2.44 -16.48 -3.61
N GLY C 526 -2.15 -16.66 -4.89
CA GLY C 526 -1.37 -17.79 -5.35
C GLY C 526 -2.27 -18.97 -5.67
N SER C 527 -1.89 -20.15 -5.17
CA SER C 527 -2.72 -21.33 -5.36
CA SER C 527 -2.72 -21.33 -5.37
C SER C 527 -4.05 -21.14 -4.65
N ALA C 528 -5.14 -21.39 -5.37
CA ALA C 528 -6.46 -21.17 -4.82
C ALA C 528 -7.45 -22.16 -5.42
N SER C 529 -8.45 -22.51 -4.63
CA SER C 529 -9.55 -23.36 -5.07
C SER C 529 -10.82 -22.53 -5.19
N TYR C 530 -11.82 -23.13 -5.83
CA TYR C 530 -12.99 -22.40 -6.27
C TYR C 530 -14.25 -23.05 -5.71
N PRO C 531 -14.98 -22.38 -4.82
CA PRO C 531 -16.22 -22.96 -4.30
C PRO C 531 -17.20 -23.20 -5.43
N ASP C 532 -17.96 -24.28 -5.32
CA ASP C 532 -18.94 -24.64 -6.35
C ASP C 532 -20.22 -23.89 -6.04
N PHE C 533 -20.31 -22.65 -6.54
CA PHE C 533 -21.50 -21.84 -6.29
C PHE C 533 -22.74 -22.36 -7.02
N THR C 534 -22.61 -23.33 -7.94
CA THR C 534 -23.81 -23.95 -8.48
C THR C 534 -24.45 -24.91 -7.47
N ASN C 535 -23.74 -25.25 -6.40
CA ASN C 535 -24.26 -26.15 -5.38
C ASN C 535 -25.09 -25.37 -4.37
N PRO C 536 -26.37 -25.71 -4.17
CA PRO C 536 -27.19 -24.95 -3.21
C PRO C 536 -26.65 -24.98 -1.79
N ARG C 537 -25.99 -26.07 -1.38
CA ARG C 537 -25.42 -26.10 -0.04
C ARG C 537 -24.26 -25.14 0.08
N MET C 538 -23.51 -24.96 -1.01
CA MET C 538 -22.40 -23.99 -1.00
CA MET C 538 -22.40 -24.00 -0.99
C MET C 538 -22.91 -22.56 -0.93
N ARG C 539 -23.98 -22.24 -1.67
CA ARG C 539 -24.54 -20.90 -1.59
C ARG C 539 -25.09 -20.62 -0.20
N ALA C 540 -25.66 -21.64 0.45
CA ALA C 540 -26.12 -21.46 1.82
C ALA C 540 -24.96 -21.23 2.78
N TRP C 541 -23.85 -21.95 2.59
CA TRP C 541 -22.67 -21.72 3.41
C TRP C 541 -22.14 -20.31 3.23
N TRP C 542 -22.01 -19.87 1.97
CA TRP C 542 -21.52 -18.53 1.65
C TRP C 542 -22.38 -17.46 2.29
N SER C 543 -23.71 -17.60 2.16
CA SER C 543 -24.63 -16.63 2.75
CA SER C 543 -24.62 -16.64 2.75
C SER C 543 -24.44 -16.57 4.27
N ASN C 544 -24.38 -17.74 4.92
CA ASN C 544 -24.20 -17.76 6.37
C ASN C 544 -22.85 -17.21 6.80
N MET C 545 -21.84 -17.23 5.92
CA MET C 545 -20.53 -16.68 6.27
C MET C 545 -20.57 -15.17 6.48
N PHE C 546 -21.56 -14.47 5.94
CA PHE C 546 -21.66 -13.03 6.11
C PHE C 546 -22.35 -12.62 7.39
N SER C 547 -22.72 -13.56 8.26
CA SER C 547 -23.25 -13.16 9.56
C SER C 547 -22.17 -12.41 10.33
N PHE C 548 -22.60 -11.51 11.21
CA PHE C 548 -21.66 -10.71 11.97
C PHE C 548 -20.81 -11.56 12.91
N ASP C 549 -21.28 -12.76 13.26
CA ASP C 549 -20.47 -13.70 14.05
C ASP C 549 -19.43 -14.42 13.21
N ASN C 550 -19.72 -14.71 11.94
CA ASN C 550 -18.76 -15.44 11.11
C ASN C 550 -17.78 -14.51 10.42
N TYR C 551 -18.27 -13.40 9.87
CA TYR C 551 -17.42 -12.41 9.22
C TYR C 551 -16.99 -11.40 10.27
N GLU C 552 -16.01 -11.80 11.08
CA GLU C 552 -15.56 -10.95 12.19
C GLU C 552 -14.99 -9.65 11.67
N GLY C 553 -15.35 -8.55 12.34
CA GLY C 553 -14.96 -7.24 11.90
C GLY C 553 -15.95 -6.53 10.99
N SER C 554 -17.02 -7.20 10.56
CA SER C 554 -18.05 -6.58 9.73
C SER C 554 -19.13 -5.94 10.60
N ALA C 555 -19.88 -5.03 9.98
CA ALA C 555 -20.91 -4.25 10.66
C ALA C 555 -21.98 -3.90 9.63
N PRO C 556 -23.14 -3.41 10.08
CA PRO C 556 -24.23 -3.13 9.13
C PRO C 556 -23.88 -2.11 8.05
N ASN C 557 -22.88 -1.25 8.25
CA ASN C 557 -22.51 -0.31 7.21
C ASN C 557 -21.35 -0.81 6.33
N LEU C 558 -21.07 -2.11 6.37
CA LEU C 558 -20.11 -2.73 5.45
CA LEU C 558 -20.11 -2.74 5.46
C LEU C 558 -20.89 -3.52 4.40
N TYR C 559 -20.64 -3.19 3.13
CA TYR C 559 -21.25 -3.88 2.00
C TYR C 559 -20.15 -4.53 1.16
N VAL C 560 -20.53 -5.21 0.08
CA VAL C 560 -19.64 -6.21 -0.52
C VAL C 560 -19.50 -6.00 -2.02
N TRP C 561 -18.31 -6.35 -2.52
CA TRP C 561 -17.94 -6.29 -3.93
C TRP C 561 -17.43 -7.67 -4.33
N ASN C 562 -18.12 -8.31 -5.29
CA ASN C 562 -17.69 -9.60 -5.85
C ASN C 562 -16.97 -9.35 -7.16
N ASP C 563 -15.69 -9.73 -7.22
CA ASP C 563 -14.86 -9.54 -8.40
C ASP C 563 -14.34 -10.89 -8.87
N MET C 564 -13.84 -10.92 -10.10
CA MET C 564 -13.16 -12.10 -10.64
C MET C 564 -14.08 -13.33 -10.68
N ASN C 565 -15.39 -13.13 -10.77
CA ASN C 565 -16.34 -14.23 -10.63
C ASN C 565 -16.77 -14.81 -11.98
N GLU C 566 -15.94 -14.68 -13.01
CA GLU C 566 -16.23 -15.32 -14.28
C GLU C 566 -16.30 -16.85 -14.21
N PRO C 567 -15.44 -17.57 -13.45
CA PRO C 567 -14.33 -17.21 -12.57
C PRO C 567 -13.03 -16.94 -13.30
N SER C 568 -12.24 -16.03 -12.76
CA SER C 568 -10.91 -15.75 -13.31
C SER C 568 -9.90 -16.75 -12.75
N VAL C 569 -9.13 -17.37 -13.65
CA VAL C 569 -8.10 -18.34 -13.28
C VAL C 569 -6.87 -17.99 -14.12
N PHE C 570 -5.82 -17.48 -13.47
CA PHE C 570 -4.71 -16.88 -14.21
C PHE C 570 -3.97 -17.87 -15.09
N ASN C 571 -3.87 -19.13 -14.67
CA ASN C 571 -3.21 -20.16 -15.45
C ASN C 571 -4.20 -21.10 -16.14
N GLY C 572 -5.46 -20.69 -16.26
CA GLY C 572 -6.46 -21.50 -16.94
C GLY C 572 -6.61 -21.12 -18.39
N PRO C 573 -7.29 -21.96 -19.17
CA PRO C 573 -7.52 -21.63 -20.57
C PRO C 573 -8.40 -20.39 -20.69
N GLU C 574 -7.95 -19.44 -21.49
CA GLU C 574 -8.64 -18.15 -21.65
C GLU C 574 -8.82 -17.45 -20.30
N VAL C 575 -7.91 -17.71 -19.36
CA VAL C 575 -7.88 -17.10 -18.03
C VAL C 575 -9.14 -17.47 -17.25
N THR C 576 -9.66 -18.68 -17.47
CA THR C 576 -10.82 -19.12 -16.71
C THR C 576 -10.70 -20.63 -16.43
N MET C 577 -11.78 -21.19 -15.91
CA MET C 577 -11.83 -22.57 -15.45
CA MET C 577 -11.78 -22.56 -15.45
C MET C 577 -11.83 -23.55 -16.62
N LEU C 578 -11.21 -24.71 -16.42
CA LEU C 578 -11.21 -25.76 -17.42
C LEU C 578 -12.63 -26.21 -17.75
N LYS C 579 -12.87 -26.51 -19.03
CA LYS C 579 -14.19 -26.95 -19.47
C LYS C 579 -14.63 -28.24 -18.80
N ASP C 580 -13.69 -29.12 -18.46
CA ASP C 580 -14.03 -30.44 -17.94
C ASP C 580 -13.93 -30.55 -16.43
N ALA C 581 -13.83 -29.43 -15.72
CA ALA C 581 -14.07 -29.46 -14.28
C ALA C 581 -15.52 -29.83 -14.01
N VAL C 582 -15.78 -30.35 -12.81
CA VAL C 582 -17.04 -30.99 -12.48
C VAL C 582 -17.70 -30.25 -11.31
N HIS C 583 -19.00 -30.01 -11.43
CA HIS C 583 -19.81 -29.27 -10.47
C HIS C 583 -20.89 -30.17 -9.86
N TYR C 584 -21.68 -29.55 -8.99
CA TYR C 584 -22.84 -30.19 -8.36
C TYR C 584 -23.70 -30.92 -9.39
N GLY C 585 -24.12 -32.14 -9.04
CA GLY C 585 -24.90 -32.95 -9.95
C GLY C 585 -24.13 -33.58 -11.10
N GLY C 586 -22.81 -33.51 -11.08
CA GLY C 586 -22.00 -34.10 -12.12
C GLY C 586 -21.90 -33.29 -13.38
N TRP C 587 -22.53 -32.12 -13.44
CA TRP C 587 -22.45 -31.27 -14.62
C TRP C 587 -21.04 -30.75 -14.81
N GLU C 588 -20.66 -30.56 -16.07
CA GLU C 588 -19.36 -30.01 -16.42
C GLU C 588 -19.38 -28.49 -16.35
N HIS C 589 -18.19 -27.92 -16.20
CA HIS C 589 -18.10 -26.46 -16.18
C HIS C 589 -18.56 -25.86 -17.49
N ARG C 590 -18.34 -26.57 -18.61
CA ARG C 590 -18.81 -26.07 -19.90
C ARG C 590 -20.33 -25.90 -19.92
N ASP C 591 -21.05 -26.67 -19.09
CA ASP C 591 -22.50 -26.58 -19.05
C ASP C 591 -23.00 -25.36 -18.31
N ILE C 592 -22.28 -24.93 -17.26
CA ILE C 592 -22.80 -23.96 -16.29
C ILE C 592 -22.07 -22.63 -16.34
N HIS C 593 -21.06 -22.47 -17.20
CA HIS C 593 -20.07 -21.41 -17.02
C HIS C 593 -20.69 -20.05 -16.80
N ASN C 594 -21.66 -19.67 -17.64
CA ASN C 594 -22.12 -18.29 -17.64
C ASN C 594 -23.04 -17.94 -16.46
N ILE C 595 -23.42 -18.90 -15.62
CA ILE C 595 -24.19 -18.58 -14.43
C ILE C 595 -23.37 -18.72 -13.14
N TYR C 596 -22.08 -19.07 -13.24
CA TYR C 596 -21.26 -19.17 -12.03
C TYR C 596 -21.18 -17.84 -11.30
N GLY C 597 -20.90 -16.75 -12.02
CA GLY C 597 -20.81 -15.45 -11.39
C GLY C 597 -22.12 -15.00 -10.79
N LEU C 598 -23.23 -15.23 -11.50
CA LEU C 598 -24.55 -14.89 -10.99
C LEU C 598 -24.81 -15.56 -9.64
N TYR C 599 -24.42 -16.84 -9.51
CA TYR C 599 -24.58 -17.55 -8.25
C TYR C 599 -23.76 -16.90 -7.14
N VAL C 600 -22.56 -16.41 -7.47
CA VAL C 600 -21.78 -15.66 -6.47
C VAL C 600 -22.54 -14.42 -6.03
N HIS C 601 -22.98 -13.62 -7.01
CA HIS C 601 -23.75 -12.40 -6.74
C HIS C 601 -24.97 -12.70 -5.87
N MET C 602 -25.70 -13.77 -6.22
CA MET C 602 -26.91 -14.13 -5.48
C MET C 602 -26.60 -14.51 -4.05
N ALA C 603 -25.62 -15.38 -3.85
CA ALA C 603 -25.31 -15.85 -2.51
C ALA C 603 -24.77 -14.73 -1.63
N THR C 604 -24.01 -13.79 -2.20
CA THR C 604 -23.54 -12.65 -1.42
C THR C 604 -24.70 -11.75 -1.01
N ALA C 605 -25.58 -11.43 -1.97
CA ALA C 605 -26.74 -10.60 -1.64
C ALA C 605 -27.60 -11.25 -0.57
N ASP C 606 -27.86 -12.56 -0.68
CA ASP C 606 -28.62 -13.25 0.35
C ASP C 606 -27.91 -13.22 1.69
N GLY C 607 -26.58 -13.25 1.70
CA GLY C 607 -25.84 -13.16 2.95
C GLY C 607 -26.03 -11.83 3.65
N LEU C 608 -26.05 -10.74 2.88
CA LEU C 608 -26.27 -9.43 3.49
C LEU C 608 -27.70 -9.28 3.99
N ILE C 609 -28.67 -9.93 3.33
CA ILE C 609 -30.04 -9.90 3.83
C ILE C 609 -30.15 -10.71 5.11
N GLN C 610 -29.61 -11.93 5.11
CA GLN C 610 -29.76 -12.83 6.23
C GLN C 610 -29.07 -12.31 7.48
N ARG C 611 -27.89 -11.69 7.32
CA ARG C 611 -27.15 -11.22 8.49
C ARG C 611 -27.96 -10.20 9.29
N SER C 612 -28.92 -9.53 8.65
CA SER C 612 -29.76 -8.52 9.30
C SER C 612 -31.07 -9.10 9.81
N GLY C 613 -31.28 -10.40 9.70
CA GLY C 613 -32.58 -10.96 10.01
C GLY C 613 -33.61 -10.76 8.93
N GLY C 614 -33.18 -10.52 7.69
CA GLY C 614 -34.10 -10.33 6.59
C GLY C 614 -34.66 -8.93 6.43
N ILE C 615 -34.09 -7.93 7.09
CA ILE C 615 -34.64 -6.59 7.10
C ILE C 615 -33.94 -5.67 6.12
N GLU C 616 -32.61 -5.72 6.04
CA GLU C 616 -31.83 -4.75 5.29
C GLU C 616 -31.70 -5.14 3.82
N ARG C 617 -31.86 -4.16 2.94
CA ARG C 617 -31.61 -4.40 1.53
C ARG C 617 -30.10 -4.52 1.30
N PRO C 618 -29.67 -5.38 0.38
CA PRO C 618 -28.24 -5.55 0.13
C PRO C 618 -27.71 -4.50 -0.85
N PHE C 619 -26.38 -4.38 -0.86
CA PHE C 619 -25.68 -3.81 -2.02
C PHE C 619 -24.47 -4.68 -2.32
N VAL C 620 -24.47 -5.28 -3.51
CA VAL C 620 -23.35 -6.09 -3.99
C VAL C 620 -23.05 -5.68 -5.42
N LEU C 621 -21.81 -5.30 -5.68
CA LEU C 621 -21.31 -5.11 -7.03
C LEU C 621 -20.69 -6.41 -7.53
N SER C 622 -20.99 -6.77 -8.78
CA SER C 622 -20.50 -7.98 -9.39
C SER C 622 -19.90 -7.67 -10.76
N ARG C 623 -18.85 -8.39 -11.12
CA ARG C 623 -18.25 -8.18 -12.43
C ARG C 623 -18.87 -9.08 -13.50
N ALA C 624 -18.98 -10.38 -13.21
CA ALA C 624 -19.64 -11.31 -14.11
C ALA C 624 -21.14 -11.33 -13.81
N PHE C 625 -21.92 -11.66 -14.83
CA PHE C 625 -23.37 -11.64 -14.67
C PHE C 625 -24.02 -12.48 -15.78
N PHE C 626 -25.31 -12.74 -15.60
CA PHE C 626 -26.11 -13.49 -16.56
C PHE C 626 -27.53 -12.91 -16.51
N SER C 627 -28.41 -13.43 -17.37
CA SER C 627 -29.83 -13.13 -17.25
C SER C 627 -30.28 -13.40 -15.82
N GLY C 628 -30.99 -12.43 -15.23
CA GLY C 628 -31.41 -12.54 -13.86
C GLY C 628 -30.52 -11.82 -12.86
N SER C 629 -29.31 -11.42 -13.26
CA SER C 629 -28.41 -10.74 -12.33
C SER C 629 -28.97 -9.40 -11.86
N GLN C 630 -29.91 -8.82 -12.59
CA GLN C 630 -30.54 -7.58 -12.13
C GLN C 630 -31.19 -7.75 -10.75
N ARG C 631 -31.54 -8.98 -10.37
CA ARG C 631 -32.20 -9.21 -9.09
C ARG C 631 -31.27 -9.07 -7.88
N PHE C 632 -29.96 -8.95 -8.08
CA PHE C 632 -29.02 -9.08 -6.96
C PHE C 632 -28.13 -7.87 -6.74
N GLY C 633 -28.20 -6.85 -7.58
CA GLY C 633 -27.47 -5.62 -7.31
C GLY C 633 -26.92 -4.94 -8.53
N ALA C 634 -25.65 -4.53 -8.47
CA ALA C 634 -25.06 -3.70 -9.51
C ALA C 634 -23.97 -4.47 -10.25
N VAL C 635 -23.63 -3.97 -11.43
CA VAL C 635 -22.51 -4.45 -12.23
C VAL C 635 -21.75 -3.24 -12.75
N TRP C 636 -20.51 -3.48 -13.19
CA TRP C 636 -19.73 -2.45 -13.85
C TRP C 636 -18.93 -3.10 -14.97
N THR C 637 -18.43 -2.26 -15.89
CA THR C 637 -17.82 -2.75 -17.12
C THR C 637 -16.35 -3.13 -16.98
N GLY C 638 -15.88 -3.45 -15.76
CA GLY C 638 -14.56 -4.02 -15.60
C GLY C 638 -13.43 -3.01 -15.75
N ASP C 639 -12.30 -3.50 -16.27
CA ASP C 639 -11.05 -2.73 -16.29
C ASP C 639 -10.96 -1.94 -17.59
N ASN C 640 -11.56 -0.76 -17.59
CA ASN C 640 -11.42 0.18 -18.69
C ASN C 640 -10.11 0.94 -18.53
N THR C 641 -9.88 1.91 -19.41
CA THR C 641 -8.61 2.61 -19.47
C THR C 641 -8.86 4.11 -19.48
N ALA C 642 -7.94 4.86 -18.88
CA ALA C 642 -8.05 6.31 -18.78
C ALA C 642 -7.84 7.00 -20.13
N GLU C 643 -8.77 6.81 -21.07
CA GLU C 643 -8.67 7.41 -22.38
C GLU C 643 -10.06 7.90 -22.81
N TRP C 644 -10.07 8.86 -23.73
CA TRP C 644 -11.32 9.52 -24.10
C TRP C 644 -12.30 8.57 -24.77
N ASP C 645 -11.81 7.64 -25.58
CA ASP C 645 -12.69 6.67 -26.23
CA ASP C 645 -12.72 6.70 -26.23
C ASP C 645 -13.33 5.72 -25.23
N HIS C 646 -12.62 5.42 -24.13
CA HIS C 646 -13.22 4.60 -23.09
C HIS C 646 -14.29 5.37 -22.33
N LEU C 647 -14.09 6.68 -22.15
CA LEU C 647 -15.16 7.52 -21.62
C LEU C 647 -16.40 7.45 -22.52
N LYS C 648 -16.19 7.56 -23.84
CA LYS C 648 -17.30 7.53 -24.79
C LYS C 648 -18.07 6.21 -24.72
N ILE C 649 -17.34 5.09 -24.64
CA ILE C 649 -17.99 3.80 -24.77
C ILE C 649 -18.78 3.39 -23.54
N SER C 650 -18.65 4.13 -22.44
CA SER C 650 -19.46 3.79 -21.26
C SER C 650 -20.95 3.93 -21.54
N ILE C 651 -21.34 4.86 -22.40
CA ILE C 651 -22.76 5.04 -22.72
C ILE C 651 -23.29 3.81 -23.47
N PRO C 652 -22.73 3.41 -24.62
CA PRO C 652 -23.30 2.24 -25.30
C PRO C 652 -23.22 0.96 -24.48
N MET C 653 -22.17 0.79 -23.66
CA MET C 653 -22.06 -0.44 -22.88
C MET C 653 -23.15 -0.51 -21.81
N CYS C 654 -23.35 0.57 -21.06
CA CYS C 654 -24.40 0.55 -20.05
C CYS C 654 -25.79 0.60 -20.69
N LEU C 655 -25.92 1.20 -21.87
CA LEU C 655 -27.20 1.16 -22.57
C LEU C 655 -27.54 -0.25 -23.04
N SER C 656 -26.55 -1.00 -23.51
CA SER C 656 -26.82 -2.38 -23.92
C SER C 656 -27.22 -3.25 -22.72
N LEU C 657 -26.69 -2.93 -21.53
CA LEU C 657 -27.10 -3.65 -20.34
C LEU C 657 -28.50 -3.25 -19.89
N ALA C 658 -28.81 -1.95 -19.95
CA ALA C 658 -30.13 -1.47 -19.55
C ALA C 658 -31.23 -2.14 -20.38
N LEU C 659 -30.99 -2.32 -21.68
CA LEU C 659 -32.02 -2.88 -22.55
C LEU C 659 -32.38 -4.32 -22.16
N VAL C 660 -31.45 -5.04 -21.54
CA VAL C 660 -31.69 -6.41 -21.14
C VAL C 660 -31.90 -6.52 -19.63
N GLY C 661 -32.32 -5.44 -18.98
CA GLY C 661 -32.81 -5.50 -17.62
C GLY C 661 -31.83 -5.10 -16.54
N LEU C 662 -30.55 -4.94 -16.86
CA LEU C 662 -29.53 -4.62 -15.86
C LEU C 662 -29.37 -3.10 -15.81
N SER C 663 -30.21 -2.46 -15.00
CA SER C 663 -30.27 -1.00 -14.92
C SER C 663 -29.20 -0.40 -14.03
N PHE C 664 -28.53 -1.19 -13.19
CA PHE C 664 -27.61 -0.68 -12.19
C PHE C 664 -26.18 -0.89 -12.72
N CYS C 665 -25.79 -0.05 -13.68
CA CYS C 665 -24.58 -0.22 -14.47
C CYS C 665 -23.72 1.03 -14.38
N GLY C 666 -22.41 0.85 -14.52
CA GLY C 666 -21.49 1.97 -14.55
C GLY C 666 -20.12 1.55 -15.03
N ALA C 667 -19.24 2.53 -15.17
CA ALA C 667 -17.85 2.31 -15.54
C ALA C 667 -16.94 3.09 -14.59
N ASP C 668 -15.72 2.59 -14.40
CA ASP C 668 -14.76 3.23 -13.50
C ASP C 668 -14.54 4.67 -13.92
N VAL C 669 -14.88 5.60 -13.03
CA VAL C 669 -14.72 7.01 -13.31
C VAL C 669 -13.24 7.37 -13.28
N GLY C 670 -12.74 7.90 -14.39
CA GLY C 670 -11.32 8.17 -14.56
C GLY C 670 -10.57 7.08 -15.31
N GLY C 671 -11.17 5.91 -15.48
CA GLY C 671 -10.49 4.79 -16.09
C GLY C 671 -9.70 3.99 -15.06
N PHE C 672 -9.71 2.66 -15.19
CA PHE C 672 -8.98 1.82 -14.24
C PHE C 672 -7.47 1.90 -14.51
N PHE C 673 -7.06 1.60 -15.74
CA PHE C 673 -5.65 1.64 -16.12
C PHE C 673 -5.21 3.06 -16.42
N LYS C 674 -3.95 3.36 -16.07
CA LYS C 674 -3.26 4.59 -16.45
C LYS C 674 -3.80 5.80 -15.69
N ASN C 675 -3.18 6.96 -15.92
CA ASN C 675 -3.50 8.18 -15.21
C ASN C 675 -4.22 9.13 -16.15
N PRO C 676 -5.44 9.57 -15.82
CA PRO C 676 -6.14 10.50 -16.71
C PRO C 676 -5.63 11.93 -16.55
N GLU C 677 -5.56 12.63 -17.68
CA GLU C 677 -5.33 14.06 -17.64
C GLU C 677 -6.49 14.73 -16.89
N PRO C 678 -6.23 15.85 -16.20
CA PRO C 678 -7.29 16.43 -15.35
C PRO C 678 -8.58 16.75 -16.10
N GLU C 679 -8.48 17.21 -17.36
CA GLU C 679 -9.69 17.52 -18.12
C GLU C 679 -10.51 16.27 -18.38
N LEU C 680 -9.85 15.15 -18.68
CA LEU C 680 -10.57 13.90 -18.88
C LEU C 680 -11.27 13.45 -17.60
N LEU C 681 -10.59 13.58 -16.46
CA LEU C 681 -11.17 13.17 -15.19
C LEU C 681 -12.40 14.02 -14.87
N VAL C 682 -12.33 15.32 -15.12
CA VAL C 682 -13.51 16.18 -14.96
C VAL C 682 -14.64 15.69 -15.83
N ARG C 683 -14.37 15.45 -17.11
CA ARG C 683 -15.41 14.99 -18.01
C ARG C 683 -15.96 13.63 -17.60
N TRP C 684 -15.13 12.79 -16.97
CA TRP C 684 -15.60 11.49 -16.52
C TRP C 684 -16.48 11.61 -15.27
N TYR C 685 -16.18 12.56 -14.39
CA TYR C 685 -17.06 12.81 -13.26
C TYR C 685 -18.42 13.31 -13.75
N GLN C 686 -18.43 14.18 -14.75
CA GLN C 686 -19.68 14.68 -15.30
C GLN C 686 -20.47 13.56 -15.97
N MET C 687 -19.80 12.70 -16.73
CA MET C 687 -20.44 11.55 -17.34
C MET C 687 -20.97 10.59 -16.27
N GLY C 688 -20.13 10.24 -15.30
CA GLY C 688 -20.54 9.29 -14.28
C GLY C 688 -21.64 9.82 -13.37
N ALA C 689 -21.65 11.13 -13.13
CA ALA C 689 -22.71 11.71 -12.29
C ALA C 689 -24.09 11.44 -12.86
N TYR C 690 -24.21 11.16 -14.15
CA TYR C 690 -25.49 10.89 -14.78
C TYR C 690 -25.63 9.44 -15.26
N GLN C 691 -24.83 8.53 -14.71
CA GLN C 691 -24.98 7.10 -14.96
C GLN C 691 -25.31 6.39 -13.66
N PRO C 692 -25.97 5.22 -13.73
CA PRO C 692 -26.58 4.64 -12.52
C PRO C 692 -25.61 4.30 -11.40
N PHE C 693 -24.55 3.55 -11.68
CA PHE C 693 -23.55 3.20 -10.67
C PHE C 693 -22.34 4.12 -10.84
N PHE C 694 -22.06 4.91 -9.80
CA PHE C 694 -21.18 6.09 -9.86
C PHE C 694 -19.98 5.87 -8.94
N ARG C 695 -18.92 5.28 -9.47
CA ARG C 695 -17.75 4.92 -8.66
C ARG C 695 -16.46 5.31 -9.37
N ALA C 696 -15.61 6.09 -8.71
CA ALA C 696 -14.25 6.30 -9.16
C ALA C 696 -13.37 5.16 -8.65
N HIS C 697 -12.52 4.62 -9.52
CA HIS C 697 -11.66 3.49 -9.17
C HIS C 697 -10.39 3.57 -10.01
N ALA C 698 -9.33 2.91 -9.54
CA ALA C 698 -8.02 3.08 -10.15
C ALA C 698 -7.09 1.91 -9.82
N HIS C 699 -6.15 1.66 -10.73
CA HIS C 699 -5.19 0.56 -10.65
C HIS C 699 -4.13 0.86 -9.59
N LEU C 700 -3.48 -0.22 -9.10
CA LEU C 700 -2.54 -0.13 -7.97
C LEU C 700 -1.42 0.87 -8.24
N ASP C 701 -0.96 0.99 -9.48
CA ASP C 701 0.22 1.79 -9.79
C ASP C 701 -0.12 3.17 -10.35
N THR C 702 -1.40 3.55 -10.34
CA THR C 702 -1.79 4.89 -10.74
C THR C 702 -1.50 5.89 -9.62
N GLY C 703 -1.37 7.16 -10.00
CA GLY C 703 -1.32 8.21 -9.01
C GLY C 703 -2.65 8.37 -8.29
N ARG C 704 -2.57 8.85 -7.06
CA ARG C 704 -3.78 9.11 -6.29
C ARG C 704 -4.59 10.20 -6.98
N ARG C 705 -5.91 9.96 -7.12
CA ARG C 705 -6.73 10.95 -7.80
C ARG C 705 -8.05 11.16 -7.07
N GLU C 706 -8.00 11.21 -5.74
CA GLU C 706 -9.14 11.75 -5.01
C GLU C 706 -9.43 13.17 -5.52
N PRO C 707 -10.70 13.54 -5.68
CA PRO C 707 -11.01 14.72 -6.52
C PRO C 707 -10.51 16.04 -6.00
N TRP C 708 -10.12 16.15 -4.72
CA TRP C 708 -9.58 17.40 -4.22
C TRP C 708 -8.08 17.54 -4.47
N LEU C 709 -7.45 16.56 -5.11
CA LEU C 709 -6.03 16.64 -5.42
C LEU C 709 -5.74 17.40 -6.71
N LEU C 710 -6.75 17.90 -7.40
CA LEU C 710 -6.56 18.63 -8.65
C LEU C 710 -6.53 20.14 -8.40
N ALA C 711 -6.07 20.87 -9.40
CA ALA C 711 -6.11 22.33 -9.35
C ALA C 711 -7.54 22.81 -9.18
N SER C 712 -7.68 24.02 -8.64
CA SER C 712 -8.97 24.48 -8.14
C SER C 712 -10.04 24.48 -9.23
N GLN C 713 -9.68 24.84 -10.47
CA GLN C 713 -10.69 24.89 -11.51
C GLN C 713 -11.25 23.50 -11.82
N TYR C 714 -10.45 22.45 -11.66
CA TYR C 714 -10.95 21.10 -11.87
C TYR C 714 -11.74 20.61 -10.66
N GLN C 715 -11.28 20.94 -9.45
CA GLN C 715 -12.05 20.62 -8.24
C GLN C 715 -13.46 21.17 -8.32
N ASP C 716 -13.59 22.42 -8.74
CA ASP C 716 -14.88 23.09 -8.75
C ASP C 716 -15.84 22.42 -9.73
N ALA C 717 -15.34 22.07 -10.92
CA ALA C 717 -16.19 21.39 -11.89
C ALA C 717 -16.62 20.01 -11.37
N ILE C 718 -15.70 19.30 -10.71
CA ILE C 718 -16.05 17.99 -10.17
C ILE C 718 -17.02 18.13 -9.00
N ARG C 719 -16.79 19.11 -8.13
CA ARG C 719 -17.74 19.37 -7.04
C ARG C 719 -19.12 19.69 -7.59
N ASP C 720 -19.18 20.49 -8.66
CA ASP C 720 -20.46 20.83 -9.26
C ASP C 720 -21.18 19.59 -9.79
N ALA C 721 -20.43 18.67 -10.40
CA ALA C 721 -21.04 17.43 -10.88
C ALA C 721 -21.56 16.58 -9.72
N LEU C 722 -20.83 16.55 -8.60
CA LEU C 722 -21.28 15.77 -7.45
C LEU C 722 -22.53 16.38 -6.84
N PHE C 723 -22.61 17.72 -6.78
CA PHE C 723 -23.80 18.36 -6.25
C PHE C 723 -25.02 18.08 -7.12
N GLN C 724 -24.85 18.11 -8.44
CA GLN C 724 -25.96 17.78 -9.34
C GLN C 724 -26.46 16.36 -9.09
N ARG C 725 -25.54 15.42 -8.91
CA ARG C 725 -25.92 14.03 -8.68
C ARG C 725 -26.70 13.88 -7.39
N TYR C 726 -26.20 14.48 -6.30
CA TYR C 726 -26.87 14.34 -5.01
C TYR C 726 -28.21 15.05 -4.99
N SER C 727 -28.32 16.19 -5.66
CA SER C 727 -29.60 16.89 -5.73
C SER C 727 -30.65 16.07 -6.46
N LEU C 728 -30.23 15.24 -7.40
CA LEU C 728 -31.15 14.44 -8.21
C LEU C 728 -31.44 13.07 -7.61
N LEU C 729 -30.94 12.78 -6.41
CA LEU C 729 -31.20 11.48 -5.78
C LEU C 729 -32.67 11.10 -5.70
N PRO C 730 -33.61 12.00 -5.35
CA PRO C 730 -35.04 11.59 -5.36
C PRO C 730 -35.52 11.15 -6.73
N PHE C 731 -35.01 11.77 -7.79
CA PHE C 731 -35.32 11.34 -9.16
C PHE C 731 -34.74 9.96 -9.45
N TRP C 732 -33.43 9.79 -9.20
CA TRP C 732 -32.79 8.48 -9.40
C TRP C 732 -33.53 7.37 -8.65
N TYR C 733 -33.88 7.64 -7.39
CA TYR C 733 -34.53 6.65 -6.54
C TYR C 733 -35.90 6.27 -7.08
N THR C 734 -36.64 7.26 -7.60
CA THR C 734 -37.95 6.97 -8.16
C THR C 734 -37.83 6.18 -9.47
N LEU C 735 -36.85 6.53 -10.31
CA LEU C 735 -36.60 5.73 -11.51
C LEU C 735 -36.27 4.29 -11.15
N PHE C 736 -35.51 4.07 -10.08
CA PHE C 736 -35.17 2.70 -9.71
C PHE C 736 -36.36 1.97 -9.09
N TYR C 737 -37.24 2.69 -8.39
CA TYR C 737 -38.46 2.05 -7.93
C TYR C 737 -39.35 1.64 -9.10
N GLN C 738 -39.46 2.51 -10.12
CA GLN C 738 -40.21 2.13 -11.31
C GLN C 738 -39.56 0.95 -12.03
N ALA C 739 -38.23 0.93 -12.09
CA ALA C 739 -37.54 -0.22 -12.65
C ALA C 739 -37.84 -1.48 -11.84
N HIS C 740 -37.86 -1.36 -10.51
CA HIS C 740 -38.11 -2.51 -9.65
C HIS C 740 -39.53 -3.04 -9.79
N LYS C 741 -40.50 -2.15 -9.98
CA LYS C 741 -41.89 -2.58 -10.05
C LYS C 741 -42.32 -2.99 -11.45
N GLU C 742 -41.80 -2.34 -12.50
CA GLU C 742 -42.28 -2.55 -13.86
C GLU C 742 -41.26 -3.23 -14.78
N GLY C 743 -39.97 -3.21 -14.44
CA GLY C 743 -38.98 -3.73 -15.34
C GLY C 743 -38.53 -2.77 -16.41
N PHE C 744 -38.82 -1.47 -16.25
CA PHE C 744 -38.44 -0.45 -17.21
C PHE C 744 -37.02 0.03 -16.91
N PRO C 745 -36.15 0.15 -17.91
CA PRO C 745 -34.76 0.56 -17.63
C PRO C 745 -34.68 1.99 -17.13
N VAL C 746 -33.68 2.25 -16.31
CA VAL C 746 -33.43 3.59 -15.80
C VAL C 746 -32.78 4.46 -16.86
N MET C 747 -31.66 4.01 -17.40
CA MET C 747 -30.94 4.71 -18.46
C MET C 747 -31.39 4.15 -19.80
N ARG C 748 -31.74 5.03 -20.74
CA ARG C 748 -32.45 4.57 -21.93
C ARG C 748 -31.87 5.15 -23.20
N PRO C 749 -31.80 4.36 -24.28
CA PRO C 749 -31.51 4.94 -25.59
C PRO C 749 -32.65 5.84 -26.03
N LEU C 750 -32.31 6.83 -26.85
CA LEU C 750 -33.34 7.75 -27.34
C LEU C 750 -34.43 7.02 -28.12
N TRP C 751 -34.08 5.94 -28.84
CA TRP C 751 -35.08 5.25 -29.65
C TRP C 751 -36.12 4.53 -28.80
N VAL C 752 -35.82 4.26 -27.53
CA VAL C 752 -36.83 3.68 -26.66
C VAL C 752 -37.94 4.69 -26.39
N GLN C 753 -37.58 5.97 -26.27
CA GLN C 753 -38.57 7.02 -26.06
C GLN C 753 -39.12 7.60 -27.36
N TYR C 754 -38.42 7.42 -28.48
CA TYR C 754 -38.85 7.94 -29.78
C TYR C 754 -38.73 6.84 -30.82
N PRO C 755 -39.55 5.79 -30.69
CA PRO C 755 -39.38 4.59 -31.53
C PRO C 755 -39.65 4.81 -33.00
N GLU C 756 -40.28 5.92 -33.38
CA GLU C 756 -40.57 6.18 -34.78
C GLU C 756 -39.58 7.13 -35.42
N ASP C 757 -38.66 7.71 -34.65
CA ASP C 757 -37.64 8.59 -35.20
C ASP C 757 -36.42 7.74 -35.55
N MET C 758 -36.31 7.35 -36.82
CA MET C 758 -35.25 6.45 -37.25
C MET C 758 -33.87 7.05 -37.07
N SER C 759 -33.76 8.37 -37.01
CA SER C 759 -32.46 9.00 -36.80
C SER C 759 -31.95 8.83 -35.36
N THR C 760 -32.71 8.20 -34.46
CA THR C 760 -32.24 7.91 -33.12
C THR C 760 -31.80 6.46 -32.94
N PHE C 761 -31.98 5.61 -33.95
CA PHE C 761 -31.82 4.18 -33.77
C PHE C 761 -30.39 3.76 -33.47
N SER C 762 -29.40 4.60 -33.79
CA SER C 762 -28.00 4.26 -33.53
C SER C 762 -27.31 5.23 -32.57
N ILE C 763 -28.02 6.25 -32.07
CA ILE C 763 -27.39 7.26 -31.24
C ILE C 763 -26.83 6.64 -29.97
N GLU C 764 -25.58 6.97 -29.65
CA GLU C 764 -24.94 6.46 -28.44
C GLU C 764 -23.99 7.47 -27.80
N ASP C 765 -24.04 8.74 -28.20
CA ASP C 765 -23.38 9.81 -27.47
C ASP C 765 -24.40 10.60 -26.64
N GLN C 766 -25.59 10.05 -26.46
CA GLN C 766 -26.70 10.67 -25.74
C GLN C 766 -27.51 9.55 -25.12
N PHE C 767 -28.19 9.86 -24.02
CA PHE C 767 -29.11 8.91 -23.42
C PHE C 767 -30.18 9.65 -22.64
N MET C 768 -31.23 8.92 -22.30
CA MET C 768 -32.32 9.42 -21.46
C MET C 768 -32.23 8.81 -20.07
N LEU C 769 -32.64 9.58 -19.07
CA LEU C 769 -32.93 9.04 -17.74
C LEU C 769 -34.44 9.10 -17.57
N GLY C 770 -35.07 7.92 -17.52
CA GLY C 770 -36.52 7.87 -17.60
C GLY C 770 -37.00 8.49 -18.89
N ASP C 771 -38.07 9.28 -18.79
CA ASP C 771 -38.58 10.05 -19.93
C ASP C 771 -38.32 11.54 -19.76
N ALA C 772 -37.60 11.95 -18.71
CA ALA C 772 -37.58 13.35 -18.30
C ALA C 772 -36.30 14.09 -18.63
N LEU C 773 -35.14 13.43 -18.60
CA LEU C 773 -33.86 14.12 -18.77
C LEU C 773 -33.11 13.54 -19.96
N LEU C 774 -32.63 14.41 -20.83
CA LEU C 774 -31.76 14.03 -21.95
C LEU C 774 -30.36 14.55 -21.65
N ILE C 775 -29.37 13.67 -21.73
CA ILE C 775 -28.00 13.94 -21.31
C ILE C 775 -27.09 13.77 -22.52
N HIS C 776 -26.25 14.78 -22.78
CA HIS C 776 -25.19 14.70 -23.79
C HIS C 776 -23.89 15.18 -23.16
N PRO C 777 -23.19 14.29 -22.45
CA PRO C 777 -21.94 14.72 -21.79
C PRO C 777 -20.86 15.03 -22.80
N VAL C 778 -20.01 16.00 -22.45
CA VAL C 778 -18.86 16.31 -23.29
C VAL C 778 -17.86 15.17 -23.18
N SER C 779 -17.40 14.67 -24.33
CA SER C 779 -16.48 13.54 -24.34
C SER C 779 -15.35 13.77 -25.34
N ASP C 780 -14.89 15.00 -25.46
CA ASP C 780 -13.76 15.34 -26.32
C ASP C 780 -12.92 16.41 -25.64
N ALA C 781 -11.59 16.22 -25.64
CA ALA C 781 -10.70 17.19 -25.05
C ALA C 781 -10.77 18.52 -25.80
N GLY C 782 -10.73 19.62 -25.05
CA GLY C 782 -10.73 20.94 -25.62
C GLY C 782 -11.98 21.32 -26.38
N ALA C 783 -13.08 20.58 -26.21
CA ALA C 783 -14.29 20.87 -26.96
C ALA C 783 -14.82 22.25 -26.65
N HIS C 784 -15.34 22.92 -27.68
CA HIS C 784 -15.97 24.23 -27.54
C HIS C 784 -17.48 24.15 -27.63
N GLY C 785 -18.03 23.02 -28.05
CA GLY C 785 -19.47 22.86 -28.14
C GLY C 785 -19.79 21.41 -28.42
N VAL C 786 -21.09 21.10 -28.33
CA VAL C 786 -21.60 19.78 -28.67
C VAL C 786 -22.82 19.93 -29.56
N GLN C 787 -23.08 18.88 -30.33
CA GLN C 787 -24.27 18.79 -31.18
C GLN C 787 -25.30 17.93 -30.44
N VAL C 788 -26.35 18.56 -29.94
CA VAL C 788 -27.38 17.86 -29.18
C VAL C 788 -28.58 17.66 -30.08
N TYR C 789 -28.93 16.40 -30.32
CA TYR C 789 -30.17 16.09 -31.04
C TYR C 789 -31.32 16.07 -30.03
N LEU C 790 -32.24 17.02 -30.18
CA LEU C 790 -33.42 17.10 -29.35
C LEU C 790 -34.59 16.52 -30.12
N PRO C 791 -35.06 15.33 -29.81
CA PRO C 791 -36.08 14.69 -30.65
C PRO C 791 -37.51 15.06 -30.29
N GLY C 792 -38.47 14.51 -31.03
CA GLY C 792 -39.87 14.64 -30.71
C GLY C 792 -40.62 15.72 -31.46
N GLN C 793 -41.61 15.32 -32.25
CA GLN C 793 -42.59 16.28 -32.76
C GLN C 793 -43.45 16.79 -31.63
N GLU C 794 -43.80 18.08 -31.68
CA GLU C 794 -44.62 18.73 -30.67
C GLU C 794 -43.95 18.71 -29.30
N GLU C 795 -42.65 18.43 -29.26
CA GLU C 795 -41.90 18.30 -28.02
C GLU C 795 -41.13 19.59 -27.74
N VAL C 796 -41.07 19.96 -26.47
CA VAL C 796 -40.20 21.06 -26.04
C VAL C 796 -39.18 20.50 -25.06
N TRP C 797 -38.02 21.16 -25.02
CA TRP C 797 -36.93 20.78 -24.14
C TRP C 797 -36.38 22.04 -23.47
N TYR C 798 -36.09 21.93 -22.18
CA TYR C 798 -35.57 23.05 -21.41
C TYR C 798 -34.13 22.76 -21.02
N ASP C 799 -33.21 23.65 -21.41
CA ASP C 799 -31.84 23.65 -20.93
C ASP C 799 -31.86 23.91 -19.43
N ILE C 800 -31.48 22.93 -18.60
CA ILE C 800 -31.66 23.06 -17.16
C ILE C 800 -30.69 24.05 -16.53
N GLN C 801 -29.68 24.51 -17.25
CA GLN C 801 -28.81 25.54 -16.68
C GLN C 801 -29.23 26.95 -17.08
N SER C 802 -29.73 27.13 -18.30
CA SER C 802 -30.16 28.46 -18.77
C SER C 802 -31.67 28.62 -18.78
N TYR C 803 -32.43 27.53 -18.63
CA TYR C 803 -33.89 27.51 -18.72
C TYR C 803 -34.39 27.87 -20.10
N GLN C 804 -33.50 27.99 -21.08
CA GLN C 804 -33.91 28.30 -22.44
C GLN C 804 -34.65 27.12 -23.07
N LYS C 805 -35.76 27.43 -23.73
CA LYS C 805 -36.62 26.44 -24.36
C LYS C 805 -36.13 26.11 -25.76
N HIS C 806 -36.29 24.85 -26.16
CA HIS C 806 -35.95 24.43 -27.51
C HIS C 806 -37.01 23.45 -28.00
N HIS C 807 -37.51 23.67 -29.21
CA HIS C 807 -38.50 22.78 -29.81
C HIS C 807 -37.82 21.67 -30.58
N GLY C 808 -38.41 20.48 -30.52
CA GLY C 808 -37.95 19.37 -31.32
C GLY C 808 -38.79 19.20 -32.57
N PRO C 809 -38.25 18.49 -33.57
CA PRO C 809 -36.90 17.94 -33.54
C PRO C 809 -35.87 18.87 -34.16
N GLN C 810 -34.67 18.93 -33.56
CA GLN C 810 -33.61 19.78 -34.07
C GLN C 810 -32.28 19.28 -33.52
N THR C 811 -31.21 19.62 -34.23
CA THR C 811 -29.85 19.43 -33.72
C THR C 811 -29.35 20.80 -33.27
N LEU C 812 -29.18 20.95 -31.97
CA LEU C 812 -28.80 22.22 -31.38
C LEU C 812 -27.29 22.23 -31.14
N TYR C 813 -26.64 23.32 -31.53
CA TYR C 813 -25.24 23.53 -31.21
C TYR C 813 -25.15 24.27 -29.89
N LEU C 814 -24.64 23.60 -28.86
CA LEU C 814 -24.56 24.16 -27.52
C LEU C 814 -23.11 24.45 -27.16
N PRO C 815 -22.72 25.71 -26.99
CA PRO C 815 -21.37 25.99 -26.47
C PRO C 815 -21.21 25.42 -25.07
N VAL C 816 -20.00 24.96 -24.78
CA VAL C 816 -19.69 24.35 -23.50
C VAL C 816 -18.39 24.92 -22.97
N THR C 817 -18.25 24.93 -21.66
CA THR C 817 -16.99 25.18 -20.98
C THR C 817 -16.65 23.94 -20.14
N LEU C 818 -15.60 24.05 -19.33
CA LEU C 818 -15.19 22.90 -18.51
C LEU C 818 -16.29 22.49 -17.53
N SER C 819 -17.09 23.44 -17.06
CA SER C 819 -18.14 23.15 -16.08
C SER C 819 -19.44 22.67 -16.71
N SER C 820 -19.52 22.57 -18.04
CA SER C 820 -20.78 22.26 -18.70
C SER C 820 -21.10 20.78 -18.62
N ILE C 821 -22.33 20.47 -18.21
CA ILE C 821 -22.94 19.17 -18.42
C ILE C 821 -24.25 19.39 -19.16
N PRO C 822 -24.26 19.20 -20.48
CA PRO C 822 -25.50 19.41 -21.25
C PRO C 822 -26.62 18.49 -20.83
N VAL C 823 -27.62 19.03 -20.14
CA VAL C 823 -28.76 18.28 -19.65
C VAL C 823 -30.02 19.07 -20.00
N PHE C 824 -31.02 18.38 -20.53
CA PHE C 824 -32.27 18.99 -20.94
C PHE C 824 -33.42 18.24 -20.29
N GLN C 825 -34.38 18.98 -19.73
CA GLN C 825 -35.59 18.39 -19.17
C GLN C 825 -36.72 18.47 -20.19
N ARG C 826 -37.43 17.36 -20.38
CA ARG C 826 -38.50 17.29 -21.36
C ARG C 826 -39.76 17.99 -20.86
N GLY C 827 -40.40 18.73 -21.75
CA GLY C 827 -41.70 19.31 -21.42
C GLY C 827 -42.71 18.24 -21.08
N GLY C 828 -43.55 18.53 -20.10
CA GLY C 828 -44.51 17.57 -19.61
C GLY C 828 -44.05 16.71 -18.45
N THR C 829 -42.92 17.03 -17.83
CA THR C 829 -42.37 16.22 -16.76
C THR C 829 -42.15 17.05 -15.51
N ILE C 830 -42.09 16.35 -14.37
CA ILE C 830 -41.84 16.96 -13.08
C ILE C 830 -40.72 16.17 -12.40
N VAL C 831 -39.63 16.85 -12.09
CA VAL C 831 -38.41 16.23 -11.57
C VAL C 831 -38.21 16.70 -10.12
N PRO C 832 -38.18 15.79 -9.15
CA PRO C 832 -37.95 16.17 -7.75
C PRO C 832 -36.47 16.21 -7.39
N ARG C 833 -36.08 17.23 -6.62
CA ARG C 833 -34.69 17.40 -6.22
C ARG C 833 -34.59 17.75 -4.75
N TRP C 834 -33.51 17.28 -4.13
CA TRP C 834 -33.05 17.75 -2.83
C TRP C 834 -32.01 18.84 -3.10
N MET C 835 -32.40 20.11 -2.93
CA MET C 835 -31.48 21.19 -3.23
C MET C 835 -30.49 21.49 -2.11
N ARG C 836 -30.62 20.83 -0.96
CA ARG C 836 -29.70 21.02 0.15
C ARG C 836 -28.70 19.86 0.12
N VAL C 837 -27.61 20.05 -0.62
CA VAL C 837 -26.61 18.99 -0.73
C VAL C 837 -25.84 18.91 0.57
N ARG C 838 -25.80 17.72 1.18
CA ARG C 838 -25.06 17.48 2.39
C ARG C 838 -23.90 16.52 2.09
N ARG C 839 -23.30 15.97 3.15
CA ARG C 839 -22.07 15.21 2.95
C ARG C 839 -22.32 13.79 2.49
N SER C 840 -23.52 13.27 2.69
CA SER C 840 -23.88 11.92 2.24
C SER C 840 -25.40 11.85 2.15
N SER C 841 -25.90 10.80 1.48
CA SER C 841 -27.33 10.69 1.26
C SER C 841 -28.09 10.49 2.57
N ASP C 842 -27.50 9.75 3.52
CA ASP C 842 -28.15 9.55 4.82
C ASP C 842 -28.48 10.87 5.48
N CYS C 843 -27.60 11.87 5.35
CA CYS C 843 -27.83 13.17 5.93
C CYS C 843 -28.99 13.90 5.28
N MET C 844 -29.34 13.54 4.04
CA MET C 844 -30.30 14.29 3.25
C MET C 844 -31.70 13.70 3.25
N LYS C 845 -31.89 12.47 3.73
CA LYS C 845 -33.12 11.77 3.39
C LYS C 845 -34.33 12.19 4.21
N ASP C 846 -34.21 13.21 5.06
CA ASP C 846 -35.36 13.81 5.72
C ASP C 846 -35.58 15.25 5.26
N ASP C 847 -34.86 15.70 4.24
CA ASP C 847 -34.84 17.10 3.81
C ASP C 847 -35.98 17.41 2.85
N PRO C 848 -36.32 18.69 2.72
CA PRO C 848 -37.42 19.08 1.83
C PRO C 848 -37.07 18.94 0.35
N ILE C 849 -38.13 18.83 -0.45
CA ILE C 849 -38.06 18.58 -1.88
C ILE C 849 -38.34 19.87 -2.64
N THR C 850 -37.60 20.10 -3.71
CA THR C 850 -37.93 21.13 -4.70
C THR C 850 -38.41 20.43 -5.97
N LEU C 851 -39.57 20.86 -6.48
CA LEU C 851 -40.17 20.29 -7.67
C LEU C 851 -39.86 21.17 -8.88
N PHE C 852 -39.33 20.57 -9.94
CA PHE C 852 -39.02 21.27 -11.18
C PHE C 852 -40.05 20.85 -12.21
N VAL C 853 -40.96 21.76 -12.56
CA VAL C 853 -42.07 21.49 -13.45
C VAL C 853 -41.74 22.09 -14.81
N ALA C 854 -41.63 21.24 -15.83
CA ALA C 854 -41.37 21.66 -17.20
C ALA C 854 -42.66 21.48 -18.00
N LEU C 855 -43.28 22.59 -18.37
CA LEU C 855 -44.60 22.54 -18.99
C LEU C 855 -44.53 22.06 -20.44
N SER C 856 -45.50 21.21 -20.80
CA SER C 856 -45.70 20.81 -22.17
C SER C 856 -46.22 21.98 -22.99
N PRO C 857 -46.29 21.83 -24.33
CA PRO C 857 -46.96 22.87 -25.13
C PRO C 857 -48.42 23.04 -24.79
N GLN C 858 -49.06 22.05 -24.18
CA GLN C 858 -50.43 22.15 -23.69
C GLN C 858 -50.52 22.69 -22.26
N GLY C 859 -49.40 23.15 -21.70
CA GLY C 859 -49.41 23.64 -20.34
C GLY C 859 -49.59 22.57 -19.29
N THR C 860 -49.12 21.35 -19.56
CA THR C 860 -49.29 20.22 -18.67
C THR C 860 -47.94 19.61 -18.31
N ALA C 861 -47.94 18.83 -17.23
CA ALA C 861 -46.76 18.08 -16.79
C ALA C 861 -47.19 17.08 -15.73
N GLN C 862 -46.39 16.02 -15.59
CA GLN C 862 -46.65 15.02 -14.56
C GLN C 862 -45.35 14.35 -14.17
N GLY C 863 -45.34 13.80 -12.96
CA GLY C 863 -44.18 13.10 -12.45
C GLY C 863 -44.54 12.30 -11.22
N GLU C 864 -43.61 11.47 -10.77
CA GLU C 864 -43.80 10.65 -9.59
C GLU C 864 -42.63 10.85 -8.62
N LEU C 865 -42.82 10.36 -7.40
CA LEU C 865 -41.79 10.40 -6.38
C LEU C 865 -42.01 9.24 -5.43
N PHE C 866 -40.98 8.42 -5.25
CA PHE C 866 -41.01 7.31 -4.29
C PHE C 866 -40.14 7.64 -3.09
N LEU C 867 -40.65 7.36 -1.90
CA LEU C 867 -39.95 7.60 -0.65
C LEU C 867 -40.18 6.42 0.28
N ASP C 868 -39.17 6.09 1.08
CA ASP C 868 -39.27 5.06 2.12
C ASP C 868 -38.15 5.33 3.12
N ASP C 869 -37.82 4.33 3.95
CA ASP C 869 -36.79 4.57 4.95
C ASP C 869 -35.39 4.59 4.34
N GLY C 870 -35.25 4.15 3.10
CA GLY C 870 -34.00 4.25 2.37
C GLY C 870 -33.11 3.03 2.40
N HIS C 871 -33.47 1.97 3.14
CA HIS C 871 -32.54 0.86 3.24
C HIS C 871 -33.13 -0.50 3.59
N THR C 872 -34.41 -0.56 3.98
CA THR C 872 -35.00 -1.83 4.40
C THR C 872 -36.04 -2.32 3.40
N PHE C 873 -36.51 -3.54 3.63
CA PHE C 873 -37.61 -4.12 2.87
C PHE C 873 -38.98 -3.75 3.43
N ASN C 874 -39.05 -2.77 4.33
CA ASN C 874 -40.33 -2.39 4.95
C ASN C 874 -41.33 -1.87 3.93
N TYR C 875 -40.84 -1.30 2.81
CA TYR C 875 -41.75 -0.86 1.76
C TYR C 875 -42.58 -2.03 1.24
N GLN C 876 -42.00 -3.23 1.26
CA GLN C 876 -42.65 -4.43 0.75
C GLN C 876 -43.35 -5.22 1.85
N THR C 877 -42.72 -5.40 3.00
CA THR C 877 -43.30 -6.23 4.05
C THR C 877 -44.35 -5.49 4.88
N ARG C 878 -44.26 -4.17 4.96
CA ARG C 878 -45.16 -3.38 5.79
C ARG C 878 -45.82 -2.24 5.04
N HIS C 879 -45.60 -2.14 3.72
CA HIS C 879 -46.16 -1.06 2.90
C HIS C 879 -45.84 0.31 3.49
N GLU C 880 -44.61 0.45 4.00
CA GLU C 880 -44.15 1.70 4.56
C GLU C 880 -43.34 2.45 3.49
N PHE C 881 -44.03 3.28 2.73
CA PHE C 881 -43.45 4.05 1.64
C PHE C 881 -44.47 5.10 1.20
N LEU C 882 -44.02 6.04 0.38
CA LEU C 882 -44.91 6.95 -0.31
C LEU C 882 -44.62 6.88 -1.80
N LEU C 883 -45.69 6.85 -2.59
CA LEU C 883 -45.58 7.04 -4.04
C LEU C 883 -46.54 8.17 -4.40
N ARG C 884 -46.00 9.33 -4.75
CA ARG C 884 -46.79 10.51 -5.01
C ARG C 884 -46.86 10.78 -6.51
N ARG C 885 -48.03 11.22 -6.95
CA ARG C 885 -48.20 11.74 -8.30
C ARG C 885 -48.29 13.26 -8.22
N PHE C 886 -47.43 13.93 -8.98
CA PHE C 886 -47.51 15.36 -9.17
C PHE C 886 -47.99 15.60 -10.59
N SER C 887 -48.98 16.46 -10.74
CA SER C 887 -49.57 16.69 -12.05
C SER C 887 -49.95 18.15 -12.17
N PHE C 888 -49.65 18.74 -13.32
CA PHE C 888 -49.92 20.13 -13.60
C PHE C 888 -50.77 20.25 -14.85
N SER C 889 -51.81 21.07 -14.78
CA SER C 889 -52.61 21.39 -15.95
C SER C 889 -53.35 22.70 -15.70
N GLY C 890 -53.61 23.43 -16.77
CA GLY C 890 -54.16 24.77 -16.61
C GLY C 890 -53.22 25.65 -15.82
N SER C 891 -53.61 25.97 -14.59
CA SER C 891 -52.75 26.75 -13.71
C SER C 891 -52.71 26.14 -12.31
N THR C 892 -52.83 24.81 -12.23
CA THR C 892 -52.94 24.11 -10.96
C THR C 892 -51.92 22.98 -10.91
N LEU C 893 -51.14 22.94 -9.83
CA LEU C 893 -50.24 21.85 -9.51
C LEU C 893 -50.86 21.05 -8.38
N VAL C 894 -51.01 19.75 -8.57
CA VAL C 894 -51.71 18.88 -7.64
C VAL C 894 -50.80 17.74 -7.22
N SER C 895 -50.76 17.47 -5.92
CA SER C 895 -50.14 16.26 -5.39
C SER C 895 -51.24 15.32 -4.91
N SER C 896 -51.22 14.09 -5.43
CA SER C 896 -52.14 13.04 -5.01
C SER C 896 -51.37 11.75 -4.86
N SER C 897 -52.01 10.75 -4.26
CA SER C 897 -51.37 9.46 -4.04
C SER C 897 -51.42 8.63 -5.32
N ALA C 898 -50.27 8.11 -5.72
CA ALA C 898 -50.20 7.16 -6.83
C ALA C 898 -50.30 5.72 -6.36
N ASP C 899 -50.29 5.49 -5.06
CA ASP C 899 -50.50 4.17 -4.49
C ASP C 899 -51.02 4.36 -3.06
N PRO C 900 -52.31 4.15 -2.84
CA PRO C 900 -52.88 4.43 -1.50
C PRO C 900 -52.45 3.44 -0.43
N LYS C 901 -51.94 2.27 -0.79
CA LYS C 901 -51.52 1.32 0.22
C LYS C 901 -50.25 1.75 0.95
N GLY C 902 -49.50 2.69 0.40
CA GLY C 902 -48.27 3.13 1.01
C GLY C 902 -48.44 4.32 1.95
N HIS C 903 -48.00 4.15 3.20
CA HIS C 903 -47.98 5.22 4.18
C HIS C 903 -46.59 5.27 4.81
N LEU C 904 -46.17 6.48 5.18
CA LEU C 904 -44.82 6.65 5.69
C LEU C 904 -44.77 7.80 6.67
N GLU C 905 -44.12 7.57 7.80
CA GLU C 905 -43.81 8.63 8.76
C GLU C 905 -42.54 9.32 8.30
N THR C 906 -42.65 10.60 7.89
CA THR C 906 -41.50 11.33 7.37
C THR C 906 -41.69 12.83 7.57
N PRO C 907 -40.61 13.56 7.84
CA PRO C 907 -40.70 15.03 7.91
C PRO C 907 -40.50 15.74 6.57
N ILE C 908 -40.33 15.00 5.48
CA ILE C 908 -40.05 15.62 4.18
C ILE C 908 -41.23 16.52 3.80
N TRP C 909 -40.92 17.72 3.34
CA TRP C 909 -41.93 18.68 2.92
C TRP C 909 -41.49 19.33 1.60
N ILE C 910 -42.40 20.09 1.00
CA ILE C 910 -42.14 20.76 -0.28
C ILE C 910 -41.70 22.18 0.03
N GLU C 911 -40.42 22.48 -0.18
CA GLU C 911 -39.91 23.81 0.14
C GLU C 911 -39.92 24.75 -1.05
N ARG C 912 -40.13 24.25 -2.27
CA ARG C 912 -39.98 25.12 -3.43
C ARG C 912 -40.56 24.44 -4.66
N VAL C 913 -41.12 25.25 -5.56
CA VAL C 913 -41.58 24.79 -6.85
C VAL C 913 -40.98 25.69 -7.92
N VAL C 914 -40.34 25.09 -8.91
CA VAL C 914 -39.76 25.80 -10.05
C VAL C 914 -40.51 25.34 -11.31
N ILE C 915 -41.17 26.29 -11.99
CA ILE C 915 -41.98 26.00 -13.16
C ILE C 915 -41.36 26.69 -14.37
N MET C 916 -40.98 25.92 -15.37
CA MET C 916 -40.41 26.45 -16.60
C MET C 916 -41.47 26.53 -17.68
N GLY C 917 -41.53 27.67 -18.36
CA GLY C 917 -42.52 27.90 -19.39
C GLY C 917 -43.83 28.49 -18.90
N ALA C 918 -43.81 29.21 -17.78
CA ALA C 918 -45.03 29.74 -17.20
C ALA C 918 -45.02 31.26 -17.22
N GLY C 919 -46.21 31.85 -17.35
CA GLY C 919 -46.34 33.29 -17.24
C GLY C 919 -46.46 33.73 -15.80
N LYS C 920 -46.44 35.04 -15.61
CA LYS C 920 -46.52 35.63 -14.28
C LYS C 920 -47.97 35.63 -13.80
N PRO C 921 -48.28 34.98 -12.67
CA PRO C 921 -49.63 35.06 -12.13
C PRO C 921 -49.83 36.34 -11.33
N ALA C 922 -51.09 36.60 -11.00
CA ALA C 922 -51.41 37.71 -10.10
C ALA C 922 -51.30 37.31 -8.64
N ALA C 923 -51.59 36.05 -8.32
CA ALA C 923 -51.47 35.54 -6.97
C ALA C 923 -51.32 34.03 -7.04
N VAL C 924 -50.77 33.46 -5.97
CA VAL C 924 -50.55 32.02 -5.87
C VAL C 924 -51.15 31.52 -4.58
N VAL C 925 -51.97 30.48 -4.68
CA VAL C 925 -52.81 30.00 -3.61
C VAL C 925 -52.55 28.52 -3.40
N LEU C 926 -52.25 28.12 -2.15
CA LEU C 926 -52.03 26.73 -1.80
C LEU C 926 -53.21 26.20 -1.01
N GLN C 927 -53.67 25.00 -1.36
CA GLN C 927 -54.73 24.31 -0.64
C GLN C 927 -54.23 22.92 -0.28
N THR C 928 -54.34 22.56 1.00
CA THR C 928 -54.02 21.20 1.41
C THR C 928 -55.05 20.71 2.41
N LYS C 929 -55.36 19.41 2.34
CA LYS C 929 -56.33 18.83 3.25
C LYS C 929 -55.90 19.04 4.70
N GLY C 930 -56.83 19.52 5.52
CA GLY C 930 -56.56 19.81 6.91
C GLY C 930 -56.09 21.21 7.21
N SER C 931 -55.92 22.05 6.19
CA SER C 931 -55.35 23.37 6.40
C SER C 931 -56.20 24.44 5.71
N PRO C 932 -56.20 25.66 6.24
CA PRO C 932 -56.83 26.77 5.52
C PRO C 932 -56.05 27.10 4.25
N GLU C 933 -56.75 27.77 3.33
CA GLU C 933 -56.12 28.25 2.12
C GLU C 933 -55.05 29.28 2.46
N SER C 934 -53.88 29.14 1.84
CA SER C 934 -52.71 29.96 2.13
C SER C 934 -52.26 30.68 0.87
N ARG C 935 -51.58 31.81 1.05
CA ARG C 935 -51.02 32.59 -0.04
C ARG C 935 -49.50 32.41 -0.06
N LEU C 936 -48.96 32.17 -1.25
CA LEU C 936 -47.52 31.99 -1.43
C LEU C 936 -46.94 33.18 -2.16
N SER C 937 -45.75 33.61 -1.74
CA SER C 937 -45.03 34.59 -2.53
C SER C 937 -44.31 33.88 -3.67
N PHE C 938 -43.93 34.65 -4.68
CA PHE C 938 -43.36 34.05 -5.88
C PHE C 938 -42.46 35.05 -6.57
N GLN C 939 -41.63 34.52 -7.48
CA GLN C 939 -40.71 35.31 -8.27
C GLN C 939 -40.82 34.83 -9.71
N HIS C 940 -40.77 35.76 -10.66
CA HIS C 940 -40.94 35.42 -12.06
C HIS C 940 -39.88 36.11 -12.91
N ASP C 941 -39.31 35.34 -13.82
CA ASP C 941 -38.33 35.86 -14.77
C ASP C 941 -38.98 35.98 -16.14
N PRO C 942 -39.29 37.18 -16.61
CA PRO C 942 -39.96 37.32 -17.92
C PRO C 942 -39.09 36.89 -19.08
N GLU C 943 -37.77 36.95 -18.96
CA GLU C 943 -36.89 36.56 -20.06
C GLU C 943 -36.97 35.06 -20.33
N THR C 944 -36.98 34.25 -19.27
CA THR C 944 -36.97 32.80 -19.40
C THR C 944 -38.33 32.15 -19.16
N SER C 945 -39.35 32.92 -18.75
CA SER C 945 -40.66 32.37 -18.37
C SER C 945 -40.50 31.30 -17.28
N VAL C 946 -39.77 31.65 -16.23
CA VAL C 946 -39.51 30.78 -15.09
C VAL C 946 -40.20 31.35 -13.87
N LEU C 947 -40.99 30.52 -13.19
CA LEU C 947 -41.75 30.92 -12.01
C LEU C 947 -41.27 30.12 -10.82
N ILE C 948 -40.88 30.81 -9.76
CA ILE C 948 -40.41 30.18 -8.53
C ILE C 948 -41.43 30.44 -7.43
N LEU C 949 -42.03 29.36 -6.91
CA LEU C 949 -42.97 29.47 -5.80
C LEU C 949 -42.25 29.27 -4.47
N ARG C 950 -42.39 30.23 -3.57
CA ARG C 950 -41.65 30.22 -2.30
C ARG C 950 -42.35 29.38 -1.25
N LYS C 951 -41.58 28.45 -0.65
CA LYS C 951 -41.90 27.71 0.57
C LYS C 951 -43.37 27.32 0.69
N PRO C 952 -43.84 26.36 -0.11
CA PRO C 952 -45.19 25.83 0.15
C PRO C 952 -45.37 25.30 1.56
N GLY C 953 -44.33 24.68 2.11
CA GLY C 953 -44.39 24.28 3.51
C GLY C 953 -45.30 23.12 3.80
N VAL C 954 -45.72 22.37 2.78
CA VAL C 954 -46.67 21.29 2.95
C VAL C 954 -45.93 19.96 3.04
N SER C 955 -46.42 19.08 3.91
CA SER C 955 -45.88 17.73 4.03
C SER C 955 -45.98 16.97 2.72
N VAL C 956 -44.97 16.15 2.43
CA VAL C 956 -44.97 15.35 1.21
C VAL C 956 -45.99 14.21 1.29
N ALA C 957 -46.46 13.87 2.49
CA ALA C 957 -47.46 12.82 2.64
C ALA C 957 -48.89 13.32 2.44
N SER C 958 -49.09 14.62 2.28
CA SER C 958 -50.40 15.22 2.22
C SER C 958 -50.81 15.52 0.78
N ASP C 959 -52.11 15.40 0.52
CA ASP C 959 -52.67 15.93 -0.72
C ASP C 959 -52.67 17.45 -0.67
N TRP C 960 -52.38 18.08 -1.79
CA TRP C 960 -52.40 19.54 -1.86
C TRP C 960 -52.53 19.97 -3.32
N SER C 961 -52.86 21.24 -3.49
CA SER C 961 -52.91 21.84 -4.81
C SER C 961 -52.46 23.29 -4.70
N ILE C 962 -51.73 23.75 -5.71
CA ILE C 962 -51.29 25.13 -5.83
C ILE C 962 -51.94 25.73 -7.06
N HIS C 963 -52.56 26.89 -6.91
CA HIS C 963 -53.30 27.53 -7.99
CA HIS C 963 -53.32 27.54 -7.99
C HIS C 963 -52.66 28.87 -8.32
N LEU C 964 -52.34 29.06 -9.60
CA LEU C 964 -51.83 30.33 -10.08
C LEU C 964 -53.02 31.13 -10.61
N ARG C 965 -53.33 32.24 -9.95
CA ARG C 965 -54.47 33.07 -10.33
C ARG C 965 -54.07 34.21 -11.26
N TYR D 48 -50.07 52.87 18.92
CA TYR D 48 -49.28 51.65 18.91
C TYR D 48 -48.14 51.72 17.91
N GLU D 49 -47.09 50.92 18.16
CA GLU D 49 -45.96 50.77 17.25
C GLU D 49 -46.02 49.37 16.64
N GLU D 50 -44.90 48.92 16.07
CA GLU D 50 -44.81 47.59 15.51
C GLU D 50 -43.34 47.15 15.58
N SER D 51 -42.96 46.16 14.78
CA SER D 51 -41.59 45.68 14.72
C SER D 51 -41.02 45.85 13.31
N LYS D 52 -39.74 46.21 13.24
CA LYS D 52 -39.03 46.53 12.00
C LYS D 52 -38.56 45.26 11.29
N PRO D 53 -38.49 45.28 9.96
CA PRO D 53 -38.08 44.09 9.21
C PRO D 53 -36.57 43.94 9.11
N PHE D 54 -36.17 42.73 8.73
CA PHE D 54 -34.76 42.38 8.55
C PHE D 54 -34.30 42.66 7.13
N THR D 55 -33.07 43.16 7.01
CA THR D 55 -32.44 43.44 5.72
C THR D 55 -31.23 42.53 5.54
N CYS D 56 -31.18 41.85 4.39
CA CYS D 56 -30.05 40.99 4.08
C CYS D 56 -28.76 41.80 4.10
N LEU D 57 -27.68 41.15 4.54
CA LEU D 57 -26.36 41.76 4.56
C LEU D 57 -25.82 42.07 3.17
N ASP D 58 -26.41 41.50 2.11
CA ASP D 58 -26.00 41.78 0.75
C ASP D 58 -26.97 42.69 0.01
N GLY D 59 -27.94 43.27 0.70
CA GLY D 59 -28.83 44.24 0.07
C GLY D 59 -29.79 43.70 -0.98
N THR D 60 -29.93 42.38 -1.11
CA THR D 60 -30.76 41.80 -2.16
C THR D 60 -32.28 41.84 -1.87
N ALA D 61 -32.70 41.91 -0.62
CA ALA D 61 -34.12 41.93 -0.30
C ALA D 61 -34.30 42.47 1.11
N THR D 62 -35.56 42.66 1.50
CA THR D 62 -35.91 42.97 2.88
C THR D 62 -37.12 42.13 3.24
N ILE D 63 -37.04 41.44 4.36
CA ILE D 63 -38.06 40.45 4.70
C ILE D 63 -38.54 40.71 6.12
N PRO D 64 -39.78 40.34 6.44
CA PRO D 64 -40.19 40.38 7.85
C PRO D 64 -39.36 39.43 8.68
N PHE D 65 -39.24 39.73 9.97
CA PHE D 65 -38.45 38.85 10.83
C PHE D 65 -39.08 37.48 11.01
N ASP D 66 -40.30 37.26 10.52
CA ASP D 66 -40.82 35.89 10.52
C ASP D 66 -40.19 35.04 9.43
N GLN D 67 -39.40 35.63 8.54
CA GLN D 67 -38.63 34.87 7.55
C GLN D 67 -37.15 34.78 7.89
N VAL D 68 -36.77 35.17 9.10
CA VAL D 68 -35.44 34.89 9.64
C VAL D 68 -35.51 33.57 10.39
N ASN D 69 -34.65 32.62 10.01
CA ASN D 69 -34.63 31.28 10.59
C ASN D 69 -35.98 30.57 10.42
N ASP D 70 -36.63 30.79 9.28
CA ASP D 70 -37.86 30.08 8.96
C ASP D 70 -37.63 28.87 8.05
N ASP D 71 -36.38 28.42 7.94
CA ASP D 71 -36.01 27.20 7.21
C ASP D 71 -36.26 27.32 5.71
N TYR D 72 -36.19 28.53 5.16
CA TYR D 72 -36.22 28.74 3.73
C TYR D 72 -35.25 29.87 3.41
N CYS D 73 -34.46 29.71 2.36
CA CYS D 73 -33.39 30.65 2.07
C CYS D 73 -33.93 31.83 1.28
N ASP D 74 -33.91 33.02 1.88
CA ASP D 74 -34.41 34.23 1.24
C ASP D 74 -33.34 35.24 0.87
N CYS D 75 -32.14 35.15 1.44
CA CYS D 75 -31.05 36.07 1.15
C CYS D 75 -30.00 35.37 0.30
N LYS D 76 -29.52 36.08 -0.72
CA LYS D 76 -28.52 35.49 -1.62
C LYS D 76 -27.21 35.18 -0.89
N ASP D 77 -26.93 35.88 0.20
CA ASP D 77 -25.74 35.62 1.00
C ASP D 77 -26.02 34.67 2.15
N GLY D 78 -27.24 34.15 2.27
CA GLY D 78 -27.56 33.19 3.31
C GLY D 78 -27.72 33.78 4.69
N SER D 79 -27.73 35.11 4.83
CA SER D 79 -27.69 35.72 6.15
C SER D 79 -29.00 35.63 6.91
N ASP D 80 -30.11 35.27 6.26
CA ASP D 80 -31.37 35.18 6.98
C ASP D 80 -31.57 33.85 7.70
N GLU D 81 -30.65 32.89 7.55
CA GLU D 81 -30.81 31.55 8.14
C GLU D 81 -29.54 31.14 8.90
N PRO D 82 -29.11 31.92 9.88
CA PRO D 82 -27.89 31.53 10.61
C PRO D 82 -28.07 30.29 11.47
N GLY D 83 -29.30 29.88 11.76
CA GLY D 83 -29.56 28.76 12.65
C GLY D 83 -30.12 27.53 12.01
N THR D 84 -30.25 27.48 10.68
CA THR D 84 -30.85 26.35 9.99
C THR D 84 -29.92 25.87 8.88
N ALA D 85 -30.35 24.82 8.17
CA ALA D 85 -29.64 24.28 7.02
C ALA D 85 -30.21 24.77 5.69
N ALA D 86 -30.96 25.88 5.69
CA ALA D 86 -31.75 26.25 4.52
C ALA D 86 -30.92 26.90 3.42
N CYS D 87 -29.82 27.57 3.76
CA CYS D 87 -29.10 28.27 2.70
C CYS D 87 -27.83 27.52 2.30
N PRO D 88 -27.51 27.48 1.00
CA PRO D 88 -26.33 26.73 0.57
C PRO D 88 -25.00 27.39 0.92
N ASN D 89 -24.97 28.71 1.09
CA ASN D 89 -23.74 29.44 1.40
C ASN D 89 -23.75 30.01 2.81
N GLY D 90 -24.60 29.50 3.69
CA GLY D 90 -24.71 30.01 5.03
C GLY D 90 -23.66 29.45 5.97
N SER D 91 -23.67 29.96 7.20
CA SER D 91 -22.75 29.50 8.23
C SER D 91 -23.47 29.43 9.57
N PHE D 92 -23.07 28.43 10.36
CA PHE D 92 -23.63 28.22 11.69
C PHE D 92 -22.51 28.42 12.70
N HIS D 93 -22.79 29.17 13.76
CA HIS D 93 -21.76 29.54 14.74
C HIS D 93 -21.82 28.58 15.92
N CYS D 94 -20.75 27.83 16.13
CA CYS D 94 -20.61 27.02 17.33
C CYS D 94 -20.10 27.93 18.44
N THR D 95 -20.93 28.18 19.44
CA THR D 95 -20.49 29.04 20.52
C THR D 95 -19.37 28.39 21.32
N ASN D 96 -19.50 27.09 21.61
CA ASN D 96 -18.48 26.33 22.33
C ASN D 96 -18.00 27.11 23.55
N THR D 97 -18.93 27.33 24.48
CA THR D 97 -18.72 28.22 25.62
C THR D 97 -17.52 27.81 26.47
N GLY D 98 -16.49 28.66 26.46
CA GLY D 98 -15.28 28.41 27.22
C GLY D 98 -14.07 28.06 26.39
N TYR D 99 -14.22 27.95 25.07
CA TYR D 99 -13.14 27.52 24.20
C TYR D 99 -13.18 28.36 22.93
N LYS D 100 -12.55 27.85 21.87
CA LYS D 100 -12.53 28.63 20.64
C LYS D 100 -13.83 28.41 19.86
N PRO D 101 -14.48 29.49 19.41
CA PRO D 101 -15.66 29.33 18.57
C PRO D 101 -15.28 28.84 17.17
N LEU D 102 -16.26 28.22 16.52
CA LEU D 102 -16.07 27.66 15.19
C LEU D 102 -17.28 27.99 14.34
N TYR D 103 -17.05 28.23 13.06
CA TYR D 103 -18.11 28.38 12.07
C TYR D 103 -18.12 27.14 11.20
N ILE D 104 -19.31 26.59 10.96
CA ILE D 104 -19.48 25.42 10.11
C ILE D 104 -20.46 25.74 9.00
N LEU D 105 -20.41 24.94 7.94
CA LEU D 105 -21.37 25.08 6.85
C LEU D 105 -22.80 24.88 7.35
N SER D 106 -23.72 25.68 6.82
CA SER D 106 -25.14 25.50 7.15
C SER D 106 -25.62 24.10 6.79
N SER D 107 -25.08 23.52 5.72
CA SER D 107 -25.44 22.16 5.31
C SER D 107 -25.10 21.12 6.36
N ARG D 108 -24.37 21.48 7.41
CA ARG D 108 -24.05 20.56 8.48
C ARG D 108 -24.85 20.83 9.75
N VAL D 109 -25.88 21.66 9.65
CA VAL D 109 -26.84 21.85 10.74
C VAL D 109 -27.89 20.76 10.63
N ASN D 110 -28.07 19.99 11.71
CA ASN D 110 -29.04 18.91 11.77
C ASN D 110 -28.85 17.90 10.65
N ASP D 111 -27.59 17.55 10.35
CA ASP D 111 -27.31 16.50 9.38
C ASP D 111 -27.12 15.13 10.02
N GLY D 112 -27.25 15.03 11.35
CA GLY D 112 -27.02 13.80 12.05
C GLY D 112 -25.59 13.57 12.48
N VAL D 113 -24.68 14.47 12.12
CA VAL D 113 -23.25 14.34 12.43
C VAL D 113 -22.88 15.46 13.39
N CYS D 114 -22.10 15.12 14.42
CA CYS D 114 -21.66 16.09 15.42
C CYS D 114 -20.49 16.89 14.87
N ASP D 115 -20.73 18.17 14.55
CA ASP D 115 -19.69 19.06 14.02
C ASP D 115 -19.13 20.02 15.07
N CYS D 116 -19.98 20.59 15.92
CA CYS D 116 -19.49 21.44 17.01
C CYS D 116 -19.16 20.59 18.22
N CYS D 117 -18.08 20.94 18.92
CA CYS D 117 -17.77 20.23 20.15
C CYS D 117 -18.87 20.39 21.19
N ASP D 118 -19.55 21.55 21.21
CA ASP D 118 -20.66 21.71 22.14
C ASP D 118 -21.94 21.06 21.66
N GLY D 119 -21.97 20.51 20.44
CA GLY D 119 -23.09 19.75 19.96
C GLY D 119 -24.31 20.55 19.56
N THR D 120 -24.21 21.88 19.48
CA THR D 120 -25.40 22.69 19.23
C THR D 120 -25.85 22.66 17.77
N ASP D 121 -25.03 22.13 16.85
CA ASP D 121 -25.44 22.02 15.46
C ASP D 121 -26.49 20.94 15.27
N GLU D 122 -26.65 20.03 16.24
CA GLU D 122 -27.64 18.96 16.17
C GLU D 122 -28.66 19.21 17.27
N TYR D 123 -29.74 19.92 16.93
CA TYR D 123 -30.80 20.21 17.87
C TYR D 123 -32.15 19.64 17.46
N ASN D 124 -32.24 19.02 16.28
CA ASN D 124 -33.52 18.46 15.84
C ASN D 124 -33.28 17.38 14.78
N SER D 125 -32.34 16.47 15.04
CA SER D 125 -31.98 15.47 14.05
C SER D 125 -32.06 14.03 14.54
N GLY D 126 -32.32 13.79 15.82
CA GLY D 126 -32.26 12.46 16.37
C GLY D 126 -30.89 12.04 16.85
N THR D 127 -29.84 12.75 16.43
CA THR D 127 -28.50 12.53 16.95
C THR D 127 -28.30 13.42 18.18
N VAL D 128 -27.92 12.81 19.30
CA VAL D 128 -27.63 13.54 20.53
C VAL D 128 -26.11 13.66 20.63
N CYS D 129 -25.60 14.88 20.47
CA CYS D 129 -24.18 15.13 20.53
C CYS D 129 -23.78 15.56 21.94
N GLU D 130 -22.70 14.97 22.45
CA GLU D 130 -22.19 15.32 23.76
C GLU D 130 -21.15 16.43 23.64
N ASN D 131 -20.93 17.14 24.75
CA ASN D 131 -19.93 18.18 24.78
C ASN D 131 -18.55 17.58 24.92
N THR D 132 -17.64 17.95 24.02
CA THR D 132 -16.29 17.42 23.98
C THR D 132 -15.26 18.53 23.89
N CYS D 133 -15.63 19.75 24.27
CA CYS D 133 -14.78 20.90 23.99
C CYS D 133 -13.50 20.93 24.82
N ARG D 134 -13.42 20.16 25.91
CA ARG D 134 -12.16 20.06 26.63
C ARG D 134 -11.11 19.31 25.80
#